data_1ZQ3
#
_entry.id   1ZQ3
#
_cell.length_a   1.000
_cell.length_b   1.000
_cell.length_c   1.000
_cell.angle_alpha   90.00
_cell.angle_beta   90.00
_cell.angle_gamma   90.00
#
_symmetry.space_group_name_H-M   'P 1'
#
loop_
_entity.id
_entity.type
_entity.pdbx_description
1 polymer "5'-D(*GP*CP*TP*CP*TP*AP*AP*TP*CP*CP*CP*CP*G)-3'"
2 polymer "5'-D(*CP*GP*GP*GP*GP*AP*TP*TP*AP*GP*AP*GP*C)-3'"
3 polymer 'Homeotic bicoid protein'
#
loop_
_entity_poly.entity_id
_entity_poly.type
_entity_poly.pdbx_seq_one_letter_code
_entity_poly.pdbx_strand_id
1 'polydeoxyribonucleotide' (DG)(DC)(DT)(DC)(DT)(DA)(DA)(DT)(DC)(DC)(DC)(DC)(DG) A
2 'polydeoxyribonucleotide' (DC)(DG)(DG)(DG)(DG)(DA)(DT)(DT)(DA)(DG)(DA)(DG)(DC) B
3 'polypeptide(L)' GPRRTRTTFTSSQIAELEQHFLQGRYLTAPRLADLSAKLALGTAQVKIWFKNRRRRHKIQSDQHKDQS P
#
loop_
_chem_comp.id
_chem_comp.type
_chem_comp.name
_chem_comp.formula
DA DNA linking 2'-DEOXYADENOSINE-5'-MONOPHOSPHATE 'C10 H14 N5 O6 P'
DC DNA linking 2'-DEOXYCYTIDINE-5'-MONOPHOSPHATE 'C9 H14 N3 O7 P'
DG DNA linking 2'-DEOXYGUANOSINE-5'-MONOPHOSPHATE 'C10 H14 N5 O7 P'
DT DNA linking THYMIDINE-5'-MONOPHOSPHATE 'C10 H15 N2 O8 P'
#
# COMPACT_ATOMS: atom_id res chain seq x y z
N GLY C 1 -9.46 9.05 -15.96
CA GLY C 1 -8.54 7.91 -15.76
C GLY C 1 -8.27 7.26 -17.06
N PRO C 2 -7.19 7.55 -17.85
CA PRO C 2 -7.21 6.94 -19.23
C PRO C 2 -7.14 5.40 -19.34
N ARG C 3 -6.60 4.67 -18.35
CA ARG C 3 -6.37 3.24 -18.16
C ARG C 3 -6.06 2.89 -16.74
N ARG C 4 -7.05 2.97 -15.87
CA ARG C 4 -6.96 2.42 -14.48
C ARG C 4 -6.71 0.92 -14.40
N THR C 5 -6.35 0.44 -13.17
CA THR C 5 -6.08 -0.93 -12.87
C THR C 5 -5.24 -1.70 -13.88
N ARG C 6 -4.11 -0.99 -14.19
CA ARG C 6 -2.90 -1.40 -14.87
C ARG C 6 -2.11 -2.47 -14.06
N THR C 7 -2.74 -2.97 -13.02
CA THR C 7 -2.22 -3.91 -12.05
C THR C 7 -3.46 -4.50 -11.35
N THR C 8 -3.17 -5.65 -10.87
CA THR C 8 -4.05 -6.39 -9.97
C THR C 8 -3.20 -7.13 -8.93
N PHE C 9 -3.36 -6.83 -7.63
CA PHE C 9 -2.77 -7.44 -6.43
C PHE C 9 -3.25 -8.86 -6.27
N THR C 10 -2.40 -9.42 -5.37
CA THR C 10 -2.61 -10.68 -4.70
C THR C 10 -2.12 -10.61 -3.31
N SER C 11 -2.37 -11.62 -2.49
CA SER C 11 -1.76 -11.84 -1.16
C SER C 11 -0.21 -11.71 -1.09
N SER C 12 0.58 -12.00 -2.20
CA SER C 12 1.99 -11.83 -2.32
C SER C 12 2.39 -10.33 -2.38
N GLN C 13 1.62 -9.50 -3.14
CA GLN C 13 1.81 -8.05 -3.04
C GLN C 13 1.42 -7.45 -1.72
N ILE C 14 0.29 -7.84 -1.16
CA ILE C 14 -0.02 -7.43 0.23
C ILE C 14 1.04 -7.96 1.19
N ALA C 15 1.66 -9.10 0.99
CA ALA C 15 2.70 -9.62 1.88
C ALA C 15 4.04 -8.79 1.88
N GLU C 16 4.44 -8.42 0.68
CA GLU C 16 5.53 -7.41 0.49
C GLU C 16 5.29 -6.06 0.97
N LEU C 17 4.17 -5.48 0.54
CA LEU C 17 3.73 -4.17 0.81
C LEU C 17 3.71 -3.84 2.30
N GLU C 18 3.00 -4.70 3.03
CA GLU C 18 2.97 -4.68 4.51
C GLU C 18 4.36 -4.93 5.21
N GLN C 19 5.17 -5.86 4.80
CA GLN C 19 6.47 -6.18 5.43
C GLN C 19 7.46 -5.14 5.11
N HIS C 20 7.55 -4.52 3.94
CA HIS C 20 8.46 -3.34 3.76
C HIS C 20 7.94 -1.99 4.27
N PHE C 21 6.60 -1.86 4.34
CA PHE C 21 5.93 -0.84 5.10
C PHE C 21 6.34 -0.69 6.55
N LEU C 22 6.52 -1.86 7.19
CA LEU C 22 6.85 -1.87 8.62
C LEU C 22 8.14 -1.05 8.87
N GLN C 23 9.12 -1.12 7.94
CA GLN C 23 10.34 -0.42 7.99
C GLN C 23 10.30 1.06 7.67
N GLY C 24 9.26 1.51 6.91
CA GLY C 24 8.93 2.97 6.69
C GLY C 24 7.45 3.14 6.39
N ARG C 25 6.63 3.44 7.43
CA ARG C 25 5.14 3.52 7.45
C ARG C 25 4.55 4.70 6.62
N TYR C 26 5.38 5.51 6.06
CA TYR C 26 5.07 6.68 5.16
C TYR C 26 5.94 6.54 3.93
N LEU C 27 5.49 6.87 2.71
CA LEU C 27 6.26 6.86 1.54
C LEU C 27 7.06 8.17 1.28
N THR C 28 8.15 7.85 0.64
CA THR C 28 9.14 8.70 -0.09
C THR C 28 9.58 7.93 -1.32
N ALA C 29 10.27 8.60 -2.21
CA ALA C 29 10.90 8.07 -3.42
C ALA C 29 11.70 6.74 -3.13
N PRO C 30 12.62 6.70 -2.15
CA PRO C 30 13.37 5.51 -1.76
C PRO C 30 12.51 4.38 -1.25
N ARG C 31 11.46 4.67 -0.48
CA ARG C 31 10.51 3.60 0.04
C ARG C 31 9.72 2.91 -1.12
N LEU C 32 9.18 3.78 -1.95
CA LEU C 32 8.46 3.58 -3.21
C LEU C 32 9.39 2.85 -4.23
N ALA C 33 10.69 3.22 -4.46
CA ALA C 33 11.61 2.49 -5.43
C ALA C 33 11.94 1.05 -4.98
N ASP C 34 12.33 0.93 -3.73
CA ASP C 34 12.56 -0.34 -3.06
C ASP C 34 11.41 -1.36 -3.07
N LEU C 35 10.20 -0.94 -2.78
CA LEU C 35 9.00 -1.77 -2.89
C LEU C 35 8.65 -2.12 -4.32
N SER C 36 8.89 -1.15 -5.26
CA SER C 36 8.61 -1.35 -6.71
C SER C 36 9.46 -2.52 -7.27
N ALA C 37 10.72 -2.55 -6.89
CA ALA C 37 11.64 -3.65 -7.31
C ALA C 37 11.18 -4.99 -6.67
N LYS C 38 10.78 -5.01 -5.43
CA LYS C 38 10.51 -6.23 -4.70
C LYS C 38 9.14 -6.87 -4.99
N LEU C 39 8.11 -6.02 -5.04
CA LEU C 39 6.74 -6.45 -5.42
C LEU C 39 6.75 -6.83 -6.91
N ALA C 40 7.69 -6.21 -7.66
CA ALA C 40 7.64 -6.17 -9.10
C ALA C 40 6.43 -5.41 -9.74
N LEU C 41 6.12 -4.21 -9.17
CA LEU C 41 4.98 -3.28 -9.47
C LEU C 41 5.57 -1.97 -9.69
N GLY C 42 4.96 -1.06 -10.45
CA GLY C 42 5.30 0.40 -10.55
C GLY C 42 5.33 1.14 -9.18
N THR C 43 6.08 2.22 -9.20
CA THR C 43 6.17 3.15 -8.02
C THR C 43 4.86 3.87 -7.73
N ALA C 44 3.97 4.03 -8.71
CA ALA C 44 2.63 4.62 -8.49
C ALA C 44 1.61 3.74 -7.70
N GLN C 45 1.63 2.45 -7.97
CA GLN C 45 0.88 1.55 -7.19
C GLN C 45 1.32 1.57 -5.71
N VAL C 46 2.62 1.77 -5.31
CA VAL C 46 3.00 1.73 -3.90
C VAL C 46 2.36 2.81 -3.14
N LYS C 47 2.45 4.08 -3.61
CA LYS C 47 1.66 5.20 -3.10
C LYS C 47 0.20 4.82 -2.96
N ILE C 48 -0.43 4.32 -4.00
CA ILE C 48 -1.85 4.09 -4.05
C ILE C 48 -2.17 3.01 -3.00
N TRP C 49 -1.33 2.05 -2.73
CA TRP C 49 -1.56 1.15 -1.65
C TRP C 49 -1.45 1.76 -0.27
N PHE C 50 -0.42 2.51 0.03
CA PHE C 50 -0.26 3.19 1.38
C PHE C 50 -1.42 4.09 1.77
N LYS C 51 -1.90 4.80 0.76
CA LYS C 51 -3.16 5.65 0.77
C LYS C 51 -4.35 4.81 1.03
N ASN C 52 -4.63 3.78 0.21
CA ASN C 52 -5.75 2.83 0.43
C ASN C 52 -5.59 2.20 1.85
N ARG C 53 -4.35 1.85 2.36
CA ARG C 53 -4.23 1.20 3.69
C ARG C 53 -4.68 2.16 4.74
N ARG C 54 -4.22 3.42 4.83
CA ARG C 54 -4.73 4.37 5.83
C ARG C 54 -6.20 4.52 5.84
N ARG C 55 -6.81 4.65 4.63
CA ARG C 55 -8.32 4.82 4.42
C ARG C 55 -9.02 3.60 5.04
N ARG C 56 -8.56 2.39 4.74
CA ARG C 56 -9.15 1.06 5.30
C ARG C 56 -9.01 1.01 6.82
N HIS C 57 -7.93 1.43 7.38
CA HIS C 57 -7.76 1.52 8.78
C HIS C 57 -8.71 2.50 9.44
N LYS C 58 -8.66 3.77 9.04
CA LYS C 58 -9.47 4.75 9.67
C LYS C 58 -11.01 4.65 9.39
N ILE C 59 -11.41 4.02 8.27
CA ILE C 59 -12.82 3.67 7.97
C ILE C 59 -13.31 2.68 8.98
N GLN C 60 -12.57 1.57 9.13
CA GLN C 60 -13.01 0.54 10.04
C GLN C 60 -12.98 1.01 11.52
N SER C 61 -12.17 1.94 11.94
CA SER C 61 -12.11 2.43 13.29
C SER C 61 -13.22 3.44 13.47
N ASP C 62 -13.56 4.28 12.46
CA ASP C 62 -14.63 5.25 12.63
C ASP C 62 -16.00 4.57 12.83
N GLN C 63 -16.29 3.47 12.12
CA GLN C 63 -17.37 2.56 12.36
C GLN C 63 -17.43 1.85 13.74
N HIS C 64 -16.45 2.14 14.55
CA HIS C 64 -16.25 1.71 15.97
C HIS C 64 -15.85 2.84 16.89
N LYS C 65 -16.33 4.04 16.57
CA LYS C 65 -16.22 5.14 17.52
C LYS C 65 -16.84 4.86 18.88
N ASP C 66 -16.22 5.40 19.87
CA ASP C 66 -16.74 5.53 21.24
C ASP C 66 -16.80 6.90 21.80
N GLN C 67 -17.20 7.06 23.04
CA GLN C 67 -17.27 8.33 23.74
C GLN C 67 -17.21 8.04 25.31
N SER C 68 -16.97 9.11 26.06
CA SER C 68 -16.84 9.17 27.50
C SER C 68 -17.43 10.51 28.07
N GLY C 1 -9.15 8.85 -17.67
CA GLY C 1 -8.90 7.62 -18.33
C GLY C 1 -10.16 6.89 -18.82
N PRO C 2 -10.58 7.04 -20.12
CA PRO C 2 -11.54 6.16 -20.70
C PRO C 2 -11.35 4.72 -20.41
N ARG C 3 -10.18 4.20 -20.44
CA ARG C 3 -9.81 2.80 -20.20
C ARG C 3 -8.38 2.83 -19.61
N ARG C 4 -8.26 2.34 -18.40
CA ARG C 4 -6.95 2.59 -17.68
C ARG C 4 -6.62 1.39 -16.78
N THR C 5 -5.32 1.22 -16.64
CA THR C 5 -4.68 0.07 -16.08
C THR C 5 -3.85 0.37 -14.81
N ARG C 6 -3.59 -0.75 -14.11
CA ARG C 6 -2.55 -0.85 -13.09
C ARG C 6 -2.01 -2.33 -12.98
N THR C 7 -0.69 -2.37 -12.95
CA THR C 7 0.10 -3.54 -12.35
C THR C 7 -0.56 -4.35 -11.27
N THR C 8 -0.71 -5.66 -11.48
CA THR C 8 -1.54 -6.50 -10.65
C THR C 8 -0.62 -7.26 -9.64
N PHE C 9 -0.75 -6.90 -8.36
CA PHE C 9 0.16 -7.42 -7.38
C PHE C 9 0.21 -8.95 -7.25
N THR C 10 1.27 -9.56 -6.74
CA THR C 10 1.29 -10.99 -6.37
C THR C 10 1.61 -11.13 -4.91
N SER C 11 1.38 -12.33 -4.42
CA SER C 11 1.57 -12.75 -3.01
C SER C 11 2.91 -12.28 -2.41
N SER C 12 4.02 -12.47 -3.18
CA SER C 12 5.42 -12.09 -2.74
C SER C 12 5.63 -10.63 -2.83
N GLN C 13 4.89 -9.91 -3.66
CA GLN C 13 5.04 -8.40 -3.65
C GLN C 13 4.42 -7.94 -2.37
N ILE C 14 3.17 -8.32 -2.16
CA ILE C 14 2.51 -7.88 -0.90
C ILE C 14 3.30 -8.30 0.33
N ALA C 15 3.99 -9.47 0.34
CA ALA C 15 4.87 -9.87 1.46
C ALA C 15 6.11 -8.98 1.69
N GLU C 16 6.66 -8.39 0.65
CA GLU C 16 7.80 -7.47 0.67
C GLU C 16 7.39 -6.12 1.20
N LEU C 17 6.22 -5.72 0.64
CA LEU C 17 5.62 -4.44 0.86
C LEU C 17 5.37 -4.34 2.41
N GLU C 18 4.78 -5.35 2.99
CA GLU C 18 4.61 -5.58 4.45
C GLU C 18 5.93 -5.52 5.24
N GLN C 19 6.98 -6.25 4.85
CA GLN C 19 8.22 -6.34 5.54
C GLN C 19 8.97 -4.98 5.62
N HIS C 20 9.01 -4.17 4.56
CA HIS C 20 9.50 -2.80 4.66
C HIS C 20 8.49 -1.78 5.31
N PHE C 21 7.15 -1.83 5.08
CA PHE C 21 6.10 -1.14 5.84
C PHE C 21 6.25 -1.22 7.41
N LEU C 22 6.85 -2.32 7.90
CA LEU C 22 7.23 -2.48 9.33
C LEU C 22 8.18 -1.34 9.82
N GLN C 23 8.83 -0.68 8.85
CA GLN C 23 9.73 0.42 9.13
C GLN C 23 9.09 1.86 9.08
N GLY C 24 7.88 1.88 8.51
CA GLY C 24 7.07 3.14 8.29
C GLY C 24 5.74 2.86 7.62
N ARG C 25 4.64 3.35 8.22
CA ARG C 25 3.21 3.06 7.80
C ARG C 25 2.75 3.75 6.49
N TYR C 26 3.50 4.74 6.02
CA TYR C 26 3.33 5.49 4.78
C TYR C 26 4.61 5.98 4.12
N LEU C 27 4.66 6.31 2.89
CA LEU C 27 5.76 6.55 1.98
C LEU C 27 6.34 7.98 1.93
N THR C 28 7.58 7.99 1.43
CA THR C 28 8.26 9.14 0.80
C THR C 28 8.87 8.56 -0.49
N ALA C 29 9.40 9.34 -1.42
CA ALA C 29 10.03 8.90 -2.67
C ALA C 29 11.21 7.79 -2.45
N PRO C 30 12.10 7.92 -1.45
CA PRO C 30 13.09 6.86 -1.13
C PRO C 30 12.42 5.60 -0.74
N ARG C 31 11.28 5.61 0.03
CA ARG C 31 10.50 4.41 0.38
C ARG C 31 9.71 3.85 -0.86
N LEU C 32 8.90 4.70 -1.45
CA LEU C 32 8.18 4.35 -2.70
C LEU C 32 9.18 3.69 -3.76
N ALA C 33 10.35 4.31 -4.02
CA ALA C 33 11.29 3.87 -5.07
C ALA C 33 12.05 2.57 -4.70
N ASP C 34 12.52 2.45 -3.44
CA ASP C 34 13.26 1.29 -2.97
C ASP C 34 12.47 -0.02 -2.97
N LEU C 35 11.23 0.03 -2.51
CA LEU C 35 10.24 -1.02 -2.74
C LEU C 35 10.00 -1.24 -4.25
N SER C 36 9.88 -0.20 -5.04
CA SER C 36 9.65 -0.24 -6.53
C SER C 36 10.75 -1.08 -7.24
N ALA C 37 11.95 -0.94 -6.75
CA ALA C 37 13.06 -1.73 -7.21
C ALA C 37 12.85 -3.17 -6.77
N LYS C 38 12.66 -3.42 -5.47
CA LYS C 38 12.85 -4.76 -4.91
C LYS C 38 11.59 -5.65 -5.17
N LEU C 39 10.43 -5.18 -4.96
CA LEU C 39 9.18 -5.89 -5.38
C LEU C 39 9.16 -6.00 -6.95
N ALA C 40 9.91 -5.21 -7.73
CA ALA C 40 9.82 -5.08 -9.19
C ALA C 40 8.40 -4.68 -9.64
N LEU C 41 7.95 -3.48 -9.21
CA LEU C 41 6.73 -2.80 -9.74
C LEU C 41 6.70 -1.28 -9.77
N GLY C 42 5.80 -0.60 -10.47
CA GLY C 42 5.91 0.88 -10.58
C GLY C 42 5.78 1.56 -9.16
N THR C 43 6.46 2.71 -8.98
CA THR C 43 6.36 3.52 -7.70
C THR C 43 4.94 3.86 -7.32
N ALA C 44 4.05 4.07 -8.26
CA ALA C 44 2.68 4.49 -7.87
C ALA C 44 1.94 3.34 -7.20
N GLN C 45 2.13 2.08 -7.63
CA GLN C 45 1.58 0.93 -6.94
C GLN C 45 1.97 0.84 -5.44
N VAL C 46 3.19 1.35 -5.14
CA VAL C 46 3.71 1.28 -3.76
C VAL C 46 2.93 2.25 -2.88
N LYS C 47 2.70 3.49 -3.35
CA LYS C 47 1.80 4.49 -2.81
C LYS C 47 0.40 3.92 -2.62
N ILE C 48 -0.15 3.44 -3.72
CA ILE C 48 -1.58 3.03 -3.63
C ILE C 48 -1.76 1.86 -2.67
N TRP C 49 -0.83 0.96 -2.54
CA TRP C 49 -0.83 -0.09 -1.51
C TRP C 49 -0.85 0.37 -0.08
N PHE C 50 0.25 1.01 0.40
CA PHE C 50 0.25 1.62 1.72
C PHE C 50 -0.91 2.59 1.99
N LYS C 51 -1.24 3.42 1.00
CA LYS C 51 -2.33 4.43 1.00
C LYS C 51 -3.68 3.68 1.26
N ASN C 52 -4.08 2.72 0.41
CA ASN C 52 -5.27 1.91 0.65
C ASN C 52 -5.21 1.13 2.00
N ARG C 53 -4.06 0.58 2.38
CA ARG C 53 -3.93 -0.28 3.57
C ARG C 53 -4.19 0.49 4.90
N ARG C 54 -3.59 1.68 4.97
CA ARG C 54 -3.86 2.46 6.19
C ARG C 54 -5.37 2.91 6.24
N ARG C 55 -5.86 3.42 5.10
CA ARG C 55 -7.22 4.05 5.00
C ARG C 55 -8.11 2.90 5.56
N ARG C 56 -7.96 1.67 5.03
CA ARG C 56 -8.88 0.56 5.31
C ARG C 56 -8.82 0.13 6.80
N HIS C 57 -7.59 0.05 7.30
CA HIS C 57 -7.27 -0.30 8.71
C HIS C 57 -8.06 0.62 9.66
N LYS C 58 -7.91 1.91 9.45
CA LYS C 58 -8.67 2.90 10.21
C LYS C 58 -10.18 2.91 10.01
N ILE C 59 -10.56 2.87 8.71
CA ILE C 59 -11.97 2.72 8.32
C ILE C 59 -12.69 1.52 8.94
N GLN C 60 -12.15 0.32 8.75
CA GLN C 60 -12.66 -0.89 9.48
C GLN C 60 -12.73 -0.70 11.02
N SER C 61 -11.75 0.09 11.57
CA SER C 61 -11.66 0.45 12.97
C SER C 61 -12.69 1.43 13.56
N ASP C 62 -13.23 2.25 12.70
CA ASP C 62 -14.48 3.01 13.01
C ASP C 62 -15.68 2.08 12.74
N GLN C 63 -15.90 1.58 11.49
CA GLN C 63 -17.23 1.02 11.13
C GLN C 63 -17.66 -0.28 11.82
N HIS C 64 -16.81 -0.87 12.66
CA HIS C 64 -17.04 -2.02 13.48
C HIS C 64 -16.88 -1.83 15.01
N LYS C 65 -16.56 -0.62 15.46
CA LYS C 65 -16.37 -0.21 16.88
C LYS C 65 -17.07 1.16 17.22
N ASP C 66 -17.27 1.39 18.48
CA ASP C 66 -17.87 2.64 19.05
C ASP C 66 -16.92 3.49 20.02
N GLN C 67 -17.17 4.75 20.03
CA GLN C 67 -16.57 5.69 20.98
C GLN C 67 -17.41 6.99 21.08
N SER C 68 -17.72 7.60 19.91
CA SER C 68 -18.43 8.95 19.79
C SER C 68 -19.16 9.04 18.51
N GLY C 1 -13.00 2.98 -19.84
CA GLY C 1 -11.65 3.62 -19.84
C GLY C 1 -10.70 2.78 -20.76
N PRO C 2 -10.15 3.34 -21.88
CA PRO C 2 -9.02 2.73 -22.58
C PRO C 2 -7.73 2.39 -21.76
N ARG C 3 -7.51 3.11 -20.69
CA ARG C 3 -6.55 2.85 -19.59
C ARG C 3 -7.14 3.51 -18.35
N ARG C 4 -6.91 2.87 -17.17
CA ARG C 4 -7.52 3.17 -15.91
C ARG C 4 -6.73 2.75 -14.65
N THR C 5 -5.77 1.85 -14.91
CA THR C 5 -4.98 1.08 -13.87
C THR C 5 -3.56 0.97 -14.47
N ARG C 6 -2.69 0.18 -13.85
CA ARG C 6 -1.33 -0.20 -14.42
C ARG C 6 -0.85 -1.64 -14.19
N THR C 7 -1.38 -2.22 -13.17
CA THR C 7 -0.89 -3.46 -12.50
C THR C 7 -1.96 -4.00 -11.61
N THR C 8 -2.16 -5.31 -11.71
CA THR C 8 -2.90 -6.16 -10.79
C THR C 8 -1.87 -6.89 -9.90
N PHE C 9 -2.02 -6.63 -8.58
CA PHE C 9 -1.14 -6.98 -7.51
C PHE C 9 -1.11 -8.50 -7.17
N THR C 10 -0.32 -9.02 -6.27
CA THR C 10 -0.26 -10.40 -5.85
C THR C 10 -0.25 -10.52 -4.29
N SER C 11 -0.58 -11.67 -3.67
CA SER C 11 -0.49 -11.93 -2.21
C SER C 11 0.94 -11.64 -1.73
N SER C 12 2.00 -12.01 -2.46
CA SER C 12 3.37 -11.66 -1.88
C SER C 12 3.75 -10.20 -1.94
N GLN C 13 3.27 -9.44 -2.96
CA GLN C 13 3.49 -7.92 -3.01
C GLN C 13 2.91 -7.18 -1.83
N ILE C 14 1.64 -7.54 -1.44
CA ILE C 14 1.00 -7.02 -0.23
C ILE C 14 1.68 -7.43 1.06
N ALA C 15 2.24 -8.67 1.09
CA ALA C 15 3.00 -9.22 2.17
C ALA C 15 4.30 -8.33 2.49
N GLU C 16 5.09 -8.07 1.41
CA GLU C 16 6.19 -7.17 1.44
C GLU C 16 5.74 -5.81 1.84
N LEU C 17 4.68 -5.22 1.26
CA LEU C 17 4.28 -3.79 1.40
C LEU C 17 3.92 -3.59 2.83
N GLU C 18 3.21 -4.54 3.49
CA GLU C 18 2.90 -4.53 4.92
C GLU C 18 4.20 -4.56 5.71
N GLN C 19 5.14 -5.47 5.43
CA GLN C 19 6.27 -5.69 6.27
C GLN C 19 7.23 -4.42 6.32
N HIS C 20 7.49 -3.79 5.21
CA HIS C 20 8.35 -2.54 5.18
C HIS C 20 7.52 -1.33 5.68
N PHE C 21 6.19 -1.27 5.41
CA PHE C 21 5.32 -0.27 6.13
C PHE C 21 5.50 -0.40 7.67
N LEU C 22 5.68 -1.57 8.25
CA LEU C 22 6.05 -1.68 9.69
C LEU C 22 7.24 -0.81 10.09
N GLN C 23 8.16 -0.55 9.20
CA GLN C 23 9.37 0.22 9.40
C GLN C 23 9.18 1.74 9.06
N GLY C 24 8.06 1.96 8.44
CA GLY C 24 7.68 3.32 8.06
C GLY C 24 6.29 3.50 7.63
N ARG C 25 5.45 3.96 8.54
CA ARG C 25 4.04 4.08 8.38
C ARG C 25 3.57 5.06 7.28
N TYR C 26 4.47 6.00 6.87
CA TYR C 26 4.34 7.02 5.87
C TYR C 26 5.43 6.90 4.82
N LEU C 27 5.06 6.75 3.56
CA LEU C 27 6.00 6.84 2.52
C LEU C 27 6.75 8.11 2.42
N THR C 28 7.99 7.90 2.13
CA THR C 28 8.93 8.95 1.63
C THR C 28 9.50 8.47 0.26
N ALA C 29 10.17 9.35 -0.54
CA ALA C 29 10.79 8.88 -1.77
C ALA C 29 11.77 7.66 -1.57
N PRO C 30 12.63 7.56 -0.57
CA PRO C 30 13.43 6.34 -0.34
C PRO C 30 12.67 5.03 0.09
N ARG C 31 11.68 5.11 1.00
CA ARG C 31 10.81 4.05 1.42
C ARG C 31 10.17 3.46 0.18
N LEU C 32 9.51 4.27 -0.58
CA LEU C 32 8.84 4.01 -1.81
C LEU C 32 9.79 3.29 -2.78
N ALA C 33 10.98 3.89 -3.00
CA ALA C 33 12.06 3.39 -3.97
C ALA C 33 12.44 1.92 -3.67
N ASP C 34 12.74 1.70 -2.37
CA ASP C 34 13.11 0.42 -1.89
C ASP C 34 11.98 -0.61 -2.02
N LEU C 35 10.76 -0.21 -1.69
CA LEU C 35 9.65 -1.11 -2.01
C LEU C 35 9.37 -1.33 -3.53
N SER C 36 9.49 -0.28 -4.34
CA SER C 36 9.47 -0.44 -5.84
C SER C 36 10.54 -1.38 -6.42
N ALA C 37 11.63 -1.53 -5.72
CA ALA C 37 12.74 -2.46 -6.08
C ALA C 37 12.26 -3.95 -5.71
N LYS C 38 11.78 -4.08 -4.48
CA LYS C 38 11.51 -5.36 -3.76
C LYS C 38 10.14 -6.01 -4.07
N LEU C 39 9.06 -5.28 -4.22
CA LEU C 39 7.76 -5.80 -4.72
C LEU C 39 7.67 -5.90 -6.26
N ALA C 40 8.66 -5.26 -6.90
CA ALA C 40 8.92 -5.19 -8.32
C ALA C 40 7.79 -4.59 -9.15
N LEU C 41 7.64 -3.29 -9.07
CA LEU C 41 6.54 -2.56 -9.74
C LEU C 41 6.83 -1.08 -9.69
N GLY C 42 6.03 -0.31 -10.37
CA GLY C 42 6.17 1.13 -10.54
C GLY C 42 5.97 1.94 -9.24
N THR C 43 6.73 3.07 -9.08
CA THR C 43 6.66 3.93 -7.88
C THR C 43 5.28 4.41 -7.45
N ALA C 44 4.38 4.55 -8.41
CA ALA C 44 3.07 4.98 -8.19
C ALA C 44 2.16 3.94 -7.37
N GLN C 45 2.37 2.69 -7.73
CA GLN C 45 1.69 1.63 -6.98
C GLN C 45 1.95 1.56 -5.51
N VAL C 46 3.16 1.95 -5.02
CA VAL C 46 3.51 1.77 -3.60
C VAL C 46 2.79 2.92 -2.82
N LYS C 47 2.89 4.20 -3.30
CA LYS C 47 2.14 5.33 -2.95
C LYS C 47 0.57 5.03 -2.95
N ILE C 48 0.10 4.46 -4.05
CA ILE C 48 -1.31 4.19 -4.26
C ILE C 48 -1.73 3.23 -3.14
N TRP C 49 -0.95 2.20 -2.93
CA TRP C 49 -1.25 1.20 -1.85
C TRP C 49 -1.25 1.77 -0.50
N PHE C 50 -0.31 2.63 -0.13
CA PHE C 50 -0.31 3.31 1.17
C PHE C 50 -1.51 4.35 1.39
N LYS C 51 -1.86 4.92 0.24
CA LYS C 51 -3.00 5.90 0.17
C LYS C 51 -4.34 5.14 0.33
N ASN C 52 -4.68 4.12 -0.43
CA ASN C 52 -5.90 3.28 -0.39
C ASN C 52 -5.94 2.38 0.88
N ARG C 53 -4.79 1.97 1.44
CA ARG C 53 -4.64 1.34 2.70
C ARG C 53 -5.08 2.23 3.90
N ARG C 54 -4.65 3.53 3.99
CA ARG C 54 -5.14 4.50 4.93
C ARG C 54 -6.65 4.67 4.78
N ARG C 55 -7.19 5.01 3.57
CA ARG C 55 -8.66 5.04 3.32
C ARG C 55 -9.43 3.79 3.83
N ARG C 56 -8.91 2.53 3.57
CA ARG C 56 -9.48 1.31 4.12
C ARG C 56 -9.55 1.24 5.58
N HIS C 57 -8.42 1.58 6.22
CA HIS C 57 -8.19 1.49 7.66
C HIS C 57 -8.99 2.56 8.50
N LYS C 58 -9.04 3.83 8.02
CA LYS C 58 -9.88 4.83 8.49
C LYS C 58 -11.42 4.57 8.30
N ILE C 59 -11.81 3.99 7.15
CA ILE C 59 -13.21 3.60 6.75
C ILE C 59 -13.72 2.43 7.67
N GLN C 60 -12.94 1.39 7.86
CA GLN C 60 -13.26 0.30 8.76
C GLN C 60 -13.51 0.81 10.22
N SER C 61 -12.80 1.82 10.76
CA SER C 61 -13.18 2.47 12.11
C SER C 61 -14.52 3.12 12.16
N ASP C 62 -14.94 3.68 11.03
CA ASP C 62 -16.29 4.36 10.91
C ASP C 62 -17.51 3.38 10.93
N GLN C 63 -17.37 2.21 10.20
CA GLN C 63 -18.50 1.24 10.03
C GLN C 63 -18.27 -0.19 10.43
N HIS C 64 -17.11 -0.54 10.95
CA HIS C 64 -16.68 -2.00 10.95
C HIS C 64 -15.91 -2.41 12.21
N LYS C 65 -15.62 -1.47 13.16
CA LYS C 65 -14.75 -1.84 14.29
C LYS C 65 -15.35 -1.32 15.57
N ASP C 66 -14.82 -1.86 16.67
CA ASP C 66 -15.08 -1.51 18.09
C ASP C 66 -13.80 -1.65 18.88
N GLN C 67 -13.31 -0.45 19.26
CA GLN C 67 -12.09 -0.29 20.08
C GLN C 67 -12.21 0.81 21.16
N SER C 68 -13.40 1.23 21.47
CA SER C 68 -13.63 2.34 22.35
C SER C 68 -15.12 2.22 23.04
N GLY C 1 -3.01 3.84 -17.86
CA GLY C 1 -3.61 3.34 -16.60
C GLY C 1 -2.48 2.62 -15.82
N PRO C 2 -1.66 3.28 -14.99
CA PRO C 2 -0.72 2.66 -14.11
C PRO C 2 -1.12 1.36 -13.48
N ARG C 3 -2.38 1.18 -12.96
CA ARG C 3 -3.02 -0.05 -12.37
C ARG C 3 -4.28 -0.51 -13.09
N ARG C 4 -4.96 0.47 -13.76
CA ARG C 4 -6.05 0.26 -14.71
C ARG C 4 -5.64 -0.43 -16.02
N THR C 5 -4.47 -0.30 -16.52
CA THR C 5 -4.09 -0.95 -17.83
C THR C 5 -2.67 -1.65 -17.80
N ARG C 6 -1.83 -1.20 -16.88
CA ARG C 6 -0.41 -1.56 -16.70
C ARG C 6 0.13 -2.02 -15.38
N THR C 7 -0.69 -2.53 -14.52
CA THR C 7 -0.37 -3.29 -13.27
C THR C 7 -1.45 -4.25 -12.88
N THR C 8 -1.06 -5.45 -12.53
CA THR C 8 -1.86 -6.47 -11.80
C THR C 8 -1.03 -6.84 -10.61
N PHE C 9 -1.36 -6.74 -9.34
CA PHE C 9 -0.58 -7.14 -8.17
C PHE C 9 -0.56 -8.62 -8.03
N THR C 10 0.41 -9.06 -7.23
CA THR C 10 0.50 -10.46 -6.73
C THR C 10 0.43 -10.53 -5.22
N SER C 11 0.43 -11.71 -4.63
CA SER C 11 0.60 -11.92 -3.15
C SER C 11 1.95 -11.57 -2.66
N SER C 12 3.01 -11.94 -3.41
CA SER C 12 4.42 -11.61 -3.04
C SER C 12 4.50 -10.04 -2.92
N GLN C 13 4.02 -9.30 -3.95
CA GLN C 13 4.10 -7.86 -3.89
C GLN C 13 3.33 -7.25 -2.63
N ILE C 14 2.08 -7.66 -2.43
CA ILE C 14 1.31 -7.27 -1.17
C ILE C 14 2.06 -7.58 0.17
N ALA C 15 2.85 -8.66 0.13
CA ALA C 15 3.68 -9.15 1.24
C ALA C 15 4.88 -8.23 1.52
N GLU C 16 5.67 -7.95 0.52
CA GLU C 16 6.75 -6.96 0.65
C GLU C 16 6.15 -5.60 1.07
N LEU C 17 4.97 -5.17 0.49
CA LEU C 17 4.31 -3.89 0.73
C LEU C 17 3.96 -3.86 2.20
N GLU C 18 3.31 -4.90 2.76
CA GLU C 18 3.14 -4.97 4.21
C GLU C 18 4.44 -4.95 5.03
N GLN C 19 5.49 -5.65 4.65
CA GLN C 19 6.75 -5.73 5.37
C GLN C 19 7.53 -4.48 5.57
N HIS C 20 7.60 -3.69 4.51
CA HIS C 20 8.38 -2.40 4.48
C HIS C 20 7.48 -1.34 5.13
N PHE C 21 6.17 -1.34 4.88
CA PHE C 21 5.10 -0.55 5.65
C PHE C 21 5.36 -0.74 7.12
N LEU C 22 5.73 -1.89 7.72
CA LEU C 22 5.88 -2.09 9.19
C LEU C 22 6.96 -1.05 9.74
N GLN C 23 7.92 -0.68 8.95
CA GLN C 23 9.02 0.23 9.27
C GLN C 23 8.69 1.74 9.21
N GLY C 24 7.69 2.00 8.39
CA GLY C 24 7.08 3.31 8.04
C GLY C 24 5.77 3.20 7.31
N ARG C 25 4.71 3.39 8.13
CA ARG C 25 3.30 3.35 7.83
C ARG C 25 2.77 4.33 6.76
N TYR C 26 3.67 5.25 6.32
CA TYR C 26 3.35 6.40 5.44
C TYR C 26 4.48 6.53 4.36
N LEU C 27 4.10 6.94 3.09
CA LEU C 27 5.05 7.02 1.92
C LEU C 27 5.87 8.36 2.00
N THR C 28 7.01 8.37 1.31
CA THR C 28 7.95 9.40 0.95
C THR C 28 8.65 8.89 -0.32
N ALA C 29 9.24 9.78 -1.11
CA ALA C 29 10.05 9.37 -2.23
C ALA C 29 11.11 8.31 -1.97
N PRO C 30 11.88 8.36 -0.86
CA PRO C 30 12.73 7.15 -0.62
C PRO C 30 12.01 5.84 -0.37
N ARG C 31 10.88 5.82 0.42
CA ARG C 31 10.09 4.68 0.72
C ARG C 31 9.48 4.11 -0.59
N LEU C 32 8.79 4.97 -1.37
CA LEU C 32 8.19 4.74 -2.65
C LEU C 32 9.14 4.15 -3.72
N ALA C 33 10.43 4.66 -3.86
CA ALA C 33 11.47 4.20 -4.78
C ALA C 33 12.00 2.80 -4.37
N ASP C 34 12.36 2.64 -3.14
CA ASP C 34 12.83 1.35 -2.55
C ASP C 34 11.87 0.21 -2.81
N LEU C 35 10.58 0.40 -2.52
CA LEU C 35 9.58 -0.68 -2.77
C LEU C 35 9.35 -0.77 -4.30
N SER C 36 9.27 0.32 -5.04
CA SER C 36 9.11 0.08 -6.50
C SER C 36 10.11 -0.93 -7.12
N ALA C 37 11.38 -0.90 -6.69
CA ALA C 37 12.44 -1.89 -7.16
C ALA C 37 12.24 -3.29 -6.54
N LYS C 38 11.95 -3.46 -5.25
CA LYS C 38 11.88 -4.68 -4.47
C LYS C 38 10.62 -5.41 -4.92
N LEU C 39 9.46 -4.73 -4.91
CA LEU C 39 8.14 -5.33 -5.33
C LEU C 39 8.08 -5.62 -6.87
N ALA C 40 8.87 -4.86 -7.69
CA ALA C 40 9.02 -4.81 -9.10
C ALA C 40 7.76 -4.29 -9.80
N LEU C 41 7.39 -3.02 -9.45
CA LEU C 41 6.31 -2.20 -10.00
C LEU C 41 6.53 -0.74 -9.78
N GLY C 42 5.74 0.05 -10.52
CA GLY C 42 5.77 1.44 -10.61
C GLY C 42 5.69 2.10 -9.21
N THR C 43 6.39 3.16 -9.07
CA THR C 43 6.31 4.07 -7.91
C THR C 43 4.90 4.59 -7.64
N ALA C 44 4.11 4.95 -8.70
CA ALA C 44 2.64 5.29 -8.55
C ALA C 44 1.75 4.23 -7.80
N GLN C 45 2.07 2.96 -7.99
CA GLN C 45 1.32 1.93 -7.41
C GLN C 45 1.47 1.92 -5.86
N VAL C 46 2.70 2.19 -5.36
CA VAL C 46 3.06 2.09 -3.94
C VAL C 46 2.27 3.14 -3.19
N LYS C 47 2.16 4.36 -3.65
CA LYS C 47 1.22 5.34 -3.21
C LYS C 47 -0.28 4.94 -3.27
N ILE C 48 -0.81 4.27 -4.37
CA ILE C 48 -2.24 3.89 -4.45
C ILE C 48 -2.49 2.75 -3.40
N TRP C 49 -1.45 1.94 -3.11
CA TRP C 49 -1.61 0.85 -2.17
C TRP C 49 -1.72 1.44 -0.79
N PHE C 50 -0.70 2.23 -0.36
CA PHE C 50 -0.71 2.87 0.96
C PHE C 50 -1.95 3.68 1.17
N LYS C 51 -2.36 4.48 0.21
CA LYS C 51 -3.41 5.43 0.36
C LYS C 51 -4.75 4.69 0.65
N ASN C 52 -5.18 3.80 -0.20
CA ASN C 52 -6.43 3.06 0.04
C ASN C 52 -6.30 2.28 1.39
N ARG C 53 -5.13 1.80 1.80
CA ARG C 53 -4.90 1.11 3.05
C ARG C 53 -5.13 2.05 4.25
N ARG C 54 -4.51 3.24 4.27
CA ARG C 54 -4.47 4.21 5.40
C ARG C 54 -5.96 4.49 5.80
N ARG C 55 -6.80 4.97 4.77
CA ARG C 55 -8.18 5.36 4.94
C ARG C 55 -8.98 4.15 5.40
N ARG C 56 -8.83 3.01 4.80
CA ARG C 56 -9.55 1.76 5.22
C ARG C 56 -9.11 1.30 6.66
N HIS C 57 -7.87 1.51 7.04
CA HIS C 57 -7.34 1.11 8.33
C HIS C 57 -8.05 1.87 9.45
N LYS C 58 -8.06 3.19 9.31
CA LYS C 58 -8.83 4.04 10.21
C LYS C 58 -10.39 3.75 10.39
N ILE C 59 -11.07 3.63 9.25
CA ILE C 59 -12.47 3.21 9.08
C ILE C 59 -12.74 1.87 9.83
N GLN C 60 -11.95 0.83 9.45
CA GLN C 60 -12.11 -0.42 10.18
C GLN C 60 -11.79 -0.30 11.73
N SER C 61 -10.89 0.60 12.14
CA SER C 61 -10.58 0.84 13.59
C SER C 61 -11.78 1.48 14.33
N ASP C 62 -12.48 2.39 13.64
CA ASP C 62 -13.71 2.98 14.14
C ASP C 62 -14.87 2.04 14.23
N GLN C 63 -14.90 0.99 13.47
CA GLN C 63 -16.00 -0.05 13.44
C GLN C 63 -15.75 -1.21 14.45
N HIS C 64 -14.47 -1.56 14.70
CA HIS C 64 -13.97 -2.77 15.39
C HIS C 64 -13.05 -2.47 16.58
N LYS C 65 -12.59 -1.24 16.70
CA LYS C 65 -11.68 -0.88 17.82
C LYS C 65 -11.83 0.41 18.64
N ASP C 66 -12.58 1.41 18.17
CA ASP C 66 -12.88 2.65 19.04
C ASP C 66 -13.67 2.29 20.32
N GLN C 67 -14.37 1.18 20.27
CA GLN C 67 -15.15 0.58 21.33
C GLN C 67 -15.12 -0.96 21.24
N SER C 68 -15.51 -1.62 22.33
CA SER C 68 -15.48 -3.12 22.44
C SER C 68 -16.52 -3.64 23.45
N GLY C 1 -4.64 7.39 -15.43
CA GLY C 1 -5.03 6.14 -14.74
C GLY C 1 -3.91 5.17 -14.80
N PRO C 2 -2.90 5.37 -13.87
CA PRO C 2 -1.70 4.50 -13.79
C PRO C 2 -1.88 3.05 -13.52
N ARG C 3 -2.89 2.69 -12.70
CA ARG C 3 -3.08 1.36 -12.18
C ARG C 3 -4.33 0.64 -12.75
N ARG C 4 -5.28 1.40 -13.37
CA ARG C 4 -6.47 0.88 -14.11
C ARG C 4 -6.24 -0.23 -15.10
N THR C 5 -5.02 -0.45 -15.54
CA THR C 5 -4.60 -1.40 -16.47
C THR C 5 -3.13 -1.84 -16.21
N ARG C 6 -2.67 -2.87 -16.91
CA ARG C 6 -1.29 -3.41 -17.00
C ARG C 6 -0.59 -3.96 -15.74
N THR C 7 -1.14 -3.63 -14.58
CA THR C 7 -0.80 -4.08 -13.23
C THR C 7 -2.02 -4.15 -12.33
N THR C 8 -2.09 -5.18 -11.47
CA THR C 8 -3.25 -5.36 -10.61
C THR C 8 -2.97 -5.95 -9.21
N PHE C 9 -1.68 -5.84 -8.77
CA PHE C 9 -0.98 -6.40 -7.70
C PHE C 9 -0.95 -7.99 -7.66
N THR C 10 -0.22 -8.62 -6.73
CA THR C 10 -0.32 -10.03 -6.32
C THR C 10 -0.16 -10.19 -4.83
N SER C 11 -0.56 -11.29 -4.27
CA SER C 11 -0.37 -11.61 -2.88
C SER C 11 1.07 -11.42 -2.42
N SER C 12 2.07 -11.75 -3.21
CA SER C 12 3.51 -11.63 -2.93
C SER C 12 4.07 -10.14 -2.99
N GLN C 13 3.51 -9.25 -3.73
CA GLN C 13 3.68 -7.81 -3.74
C GLN C 13 3.06 -7.17 -2.59
N ILE C 14 1.77 -7.39 -2.21
CA ILE C 14 1.29 -6.95 -0.90
C ILE C 14 2.11 -7.55 0.23
N ALA C 15 2.58 -8.79 0.09
CA ALA C 15 3.44 -9.41 1.12
C ALA C 15 4.73 -8.65 1.38
N GLU C 16 5.41 -8.15 0.35
CA GLU C 16 6.56 -7.30 0.43
C GLU C 16 6.05 -5.94 0.98
N LEU C 17 4.88 -5.40 0.53
CA LEU C 17 4.52 -4.06 0.91
C LEU C 17 4.31 -3.96 2.43
N GLU C 18 3.67 -4.96 3.01
CA GLU C 18 3.47 -5.30 4.41
C GLU C 18 4.75 -5.42 5.21
N GLN C 19 5.68 -6.24 4.73
CA GLN C 19 6.98 -6.38 5.42
C GLN C 19 7.82 -5.09 5.53
N HIS C 20 7.97 -4.31 4.45
CA HIS C 20 8.70 -3.10 4.56
C HIS C 20 7.94 -1.97 5.17
N PHE C 21 6.63 -1.98 5.07
CA PHE C 21 5.73 -1.16 5.92
C PHE C 21 5.96 -1.43 7.39
N LEU C 22 6.39 -2.63 7.85
CA LEU C 22 6.67 -2.85 9.31
C LEU C 22 7.69 -1.75 9.82
N GLN C 23 8.65 -1.43 8.92
CA GLN C 23 9.74 -0.44 9.07
C GLN C 23 9.23 1.00 8.77
N GLY C 24 8.08 1.30 8.29
CA GLY C 24 7.62 2.68 7.93
C GLY C 24 6.15 2.71 7.57
N ARG C 25 5.27 3.31 8.41
CA ARG C 25 3.78 3.23 8.26
C ARG C 25 3.27 3.94 6.99
N TYR C 26 4.05 4.77 6.37
CA TYR C 26 3.65 5.50 5.14
C TYR C 26 4.88 5.82 4.27
N LEU C 27 4.76 6.47 3.11
CA LEU C 27 5.87 6.59 2.15
C LEU C 27 6.18 7.93 1.46
N THR C 28 7.31 7.95 0.75
CA THR C 28 8.09 9.07 0.18
C THR C 28 8.92 8.50 -0.97
N ALA C 29 9.51 9.33 -1.81
CA ALA C 29 10.30 8.91 -3.00
C ALA C 29 11.40 7.89 -2.84
N PRO C 30 12.30 7.92 -1.81
CA PRO C 30 13.22 6.75 -1.54
C PRO C 30 12.47 5.48 -1.17
N ARG C 31 11.36 5.50 -0.41
CA ARG C 31 10.54 4.39 -0.01
C ARG C 31 9.90 3.85 -1.23
N LEU C 32 9.08 4.67 -1.91
CA LEU C 32 8.31 4.43 -3.04
C LEU C 32 9.15 3.71 -4.14
N ALA C 33 10.34 4.21 -4.40
CA ALA C 33 11.36 3.67 -5.24
C ALA C 33 11.90 2.28 -4.87
N ASP C 34 12.35 2.08 -3.64
CA ASP C 34 12.92 0.78 -3.15
C ASP C 34 11.94 -0.38 -3.11
N LEU C 35 10.77 -0.18 -2.47
CA LEU C 35 9.67 -1.02 -2.69
C LEU C 35 9.21 -1.12 -4.16
N SER C 36 9.08 -0.03 -4.99
CA SER C 36 8.67 -0.23 -6.37
C SER C 36 9.52 -1.34 -7.12
N ALA C 37 10.80 -1.15 -7.03
CA ALA C 37 11.74 -1.96 -7.70
C ALA C 37 11.90 -3.43 -7.09
N LYS C 38 11.73 -3.68 -5.82
CA LYS C 38 11.66 -4.99 -5.17
C LYS C 38 10.35 -5.72 -5.30
N LEU C 39 9.19 -5.09 -5.00
CA LEU C 39 7.92 -5.75 -5.22
C LEU C 39 7.63 -6.07 -6.74
N ALA C 40 8.31 -5.34 -7.62
CA ALA C 40 8.42 -5.44 -9.09
C ALA C 40 7.19 -4.84 -9.87
N LEU C 41 6.83 -3.62 -9.54
CA LEU C 41 5.79 -2.81 -10.18
C LEU C 41 6.06 -1.30 -10.25
N GLY C 42 5.12 -0.47 -10.74
CA GLY C 42 5.17 0.98 -10.82
C GLY C 42 5.29 1.69 -9.46
N THR C 43 6.16 2.71 -9.25
CA THR C 43 6.28 3.62 -8.12
C THR C 43 4.91 4.08 -7.69
N ALA C 44 4.10 4.55 -8.64
CA ALA C 44 2.71 5.02 -8.35
C ALA C 44 1.89 4.02 -7.53
N GLN C 45 2.01 2.70 -7.86
CA GLN C 45 1.24 1.67 -7.19
C GLN C 45 1.59 1.55 -5.67
N VAL C 46 2.84 1.78 -5.28
CA VAL C 46 3.25 1.71 -3.86
C VAL C 46 2.45 2.91 -3.17
N LYS C 47 2.53 4.15 -3.67
CA LYS C 47 1.76 5.31 -3.17
C LYS C 47 0.30 5.06 -3.02
N ILE C 48 -0.36 4.50 -4.02
CA ILE C 48 -1.79 4.18 -3.96
C ILE C 48 -2.12 3.12 -2.83
N TRP C 49 -1.21 2.16 -2.62
CA TRP C 49 -1.37 1.20 -1.50
C TRP C 49 -1.50 1.86 -0.14
N PHE C 50 -0.57 2.69 0.25
CA PHE C 50 -0.50 3.38 1.45
C PHE C 50 -1.76 4.21 1.68
N LYS C 51 -2.03 5.02 0.65
CA LYS C 51 -3.18 5.91 0.55
C LYS C 51 -4.50 5.16 0.78
N ASN C 52 -4.75 4.06 0.10
CA ASN C 52 -5.92 3.26 0.30
C ASN C 52 -5.94 2.56 1.72
N ARG C 53 -4.86 2.11 2.34
CA ARG C 53 -4.86 1.65 3.78
C ARG C 53 -5.46 2.70 4.73
N ARG C 54 -5.02 3.99 4.59
CA ARG C 54 -5.49 5.06 5.42
C ARG C 54 -6.94 5.39 5.20
N ARG C 55 -7.44 5.56 3.95
CA ARG C 55 -8.89 5.78 3.71
C ARG C 55 -9.67 4.56 4.34
N ARG C 56 -9.32 3.36 4.00
CA ARG C 56 -10.10 2.17 4.51
C ARG C 56 -10.13 2.16 6.01
N HIS C 57 -8.97 2.32 6.72
CA HIS C 57 -8.81 2.22 8.16
C HIS C 57 -9.63 3.43 8.81
N LYS C 58 -9.48 4.73 8.36
CA LYS C 58 -10.25 5.94 8.81
C LYS C 58 -11.80 5.84 8.74
N ILE C 59 -12.19 5.16 7.70
CA ILE C 59 -13.61 4.77 7.37
C ILE C 59 -14.13 3.67 8.30
N GLN C 60 -13.38 2.57 8.55
CA GLN C 60 -13.59 1.63 9.61
C GLN C 60 -13.67 2.18 11.11
N SER C 61 -12.93 3.19 11.36
CA SER C 61 -12.93 3.96 12.63
C SER C 61 -14.19 4.81 12.85
N ASP C 62 -14.54 5.53 11.81
CA ASP C 62 -15.79 6.22 11.83
C ASP C 62 -17.01 5.39 11.84
N GLN C 63 -16.97 4.10 11.28
CA GLN C 63 -18.06 3.14 11.21
C GLN C 63 -18.17 2.27 12.42
N HIS C 64 -17.04 2.11 13.11
CA HIS C 64 -16.96 1.43 14.47
C HIS C 64 -17.56 -0.03 14.52
N LYS C 65 -17.60 -0.70 13.34
CA LYS C 65 -18.25 -2.03 13.11
C LYS C 65 -17.29 -3.16 13.47
N ASP C 66 -16.31 -2.84 14.30
CA ASP C 66 -15.35 -3.74 14.87
C ASP C 66 -15.84 -4.51 16.16
N GLN C 67 -15.15 -5.55 16.56
CA GLN C 67 -15.31 -6.24 17.85
C GLN C 67 -13.92 -6.79 18.29
N SER C 68 -13.61 -6.85 19.59
CA SER C 68 -12.52 -7.62 20.27
C SER C 68 -12.92 -8.10 21.72
N GLY C 1 -3.19 2.26 -13.77
CA GLY C 1 -4.33 1.75 -12.93
C GLY C 1 -4.56 0.30 -13.26
N PRO C 2 -4.04 -0.72 -12.44
CA PRO C 2 -4.14 -2.12 -12.66
C PRO C 2 -5.51 -2.66 -13.16
N ARG C 3 -6.58 -2.09 -12.53
CA ARG C 3 -7.96 -2.41 -12.92
C ARG C 3 -8.38 -2.11 -14.37
N ARG C 4 -7.74 -1.12 -14.98
CA ARG C 4 -8.23 -0.48 -16.18
C ARG C 4 -7.29 -0.81 -17.41
N THR C 5 -6.02 -1.04 -17.15
CA THR C 5 -4.99 -1.31 -18.13
C THR C 5 -3.82 -2.11 -17.62
N ARG C 6 -2.62 -2.02 -18.28
CA ARG C 6 -1.37 -2.80 -17.93
C ARG C 6 -0.97 -2.70 -16.47
N THR C 7 -0.47 -3.77 -15.87
CA THR C 7 -0.20 -4.09 -14.42
C THR C 7 -1.29 -4.98 -13.85
N THR C 8 -0.99 -5.87 -12.94
CA THR C 8 -2.01 -6.67 -12.15
C THR C 8 -1.34 -7.06 -10.85
N PHE C 9 -1.71 -6.52 -9.70
CA PHE C 9 -1.01 -6.92 -8.48
C PHE C 9 -1.14 -8.41 -8.08
N THR C 10 -0.12 -8.97 -7.41
CA THR C 10 -0.21 -10.34 -6.88
C THR C 10 -0.01 -10.32 -5.31
N SER C 11 -0.25 -11.47 -4.65
CA SER C 11 -0.05 -11.60 -3.23
C SER C 11 1.42 -11.35 -2.87
N SER C 12 2.35 -11.87 -3.66
CA SER C 12 3.82 -11.52 -3.59
C SER C 12 4.12 -10.06 -3.56
N GLN C 13 3.53 -9.34 -4.50
CA GLN C 13 3.66 -7.87 -4.50
C GLN C 13 3.08 -7.25 -3.19
N ILE C 14 1.88 -7.66 -2.82
CA ILE C 14 1.39 -7.12 -1.54
C ILE C 14 2.25 -7.54 -0.35
N ALA C 15 2.90 -8.71 -0.46
CA ALA C 15 3.83 -9.25 0.56
C ALA C 15 5.13 -8.39 0.63
N GLU C 16 5.70 -8.02 -0.51
CA GLU C 16 6.78 -7.00 -0.62
C GLU C 16 6.25 -5.70 0.07
N LEU C 17 5.07 -5.16 -0.39
CA LEU C 17 4.61 -3.88 0.02
C LEU C 17 4.36 -3.85 1.49
N GLU C 18 3.77 -4.93 2.07
CA GLU C 18 3.63 -5.10 3.56
C GLU C 18 4.96 -5.25 4.29
N GLN C 19 5.89 -6.10 3.82
CA GLN C 19 7.15 -6.33 4.60
C GLN C 19 8.02 -5.11 4.66
N HIS C 20 8.24 -4.40 3.58
CA HIS C 20 8.87 -3.05 3.58
C HIS C 20 7.99 -1.93 4.31
N PHE C 21 6.66 -2.08 4.26
CA PHE C 21 5.82 -1.26 5.10
C PHE C 21 6.00 -1.45 6.60
N LEU C 22 6.43 -2.62 7.02
CA LEU C 22 6.76 -2.82 8.48
C LEU C 22 7.77 -1.77 8.89
N GLN C 23 8.58 -1.34 7.95
CA GLN C 23 9.72 -0.36 8.15
C GLN C 23 9.33 1.08 8.09
N GLY C 24 8.09 1.37 7.55
CA GLY C 24 7.45 2.71 7.49
C GLY C 24 6.00 2.77 7.03
N ARG C 25 5.11 3.47 7.77
CA ARG C 25 3.67 3.50 7.56
C ARG C 25 3.25 4.40 6.40
N TYR C 26 4.16 5.30 5.94
CA TYR C 26 3.93 6.13 4.74
C TYR C 26 5.08 6.05 3.74
N LEU C 27 5.08 6.88 2.70
CA LEU C 27 6.08 6.97 1.68
C LEU C 27 7.03 8.17 1.66
N THR C 28 8.19 7.92 1.00
CA THR C 28 9.11 8.93 0.43
C THR C 28 9.83 8.37 -0.77
N ALA C 29 10.54 9.17 -1.55
CA ALA C 29 11.16 8.60 -2.72
C ALA C 29 12.10 7.37 -2.58
N PRO C 30 13.01 7.43 -1.61
CA PRO C 30 13.81 6.21 -1.30
C PRO C 30 12.90 5.04 -0.96
N ARG C 31 11.88 5.22 -0.04
CA ARG C 31 10.89 4.15 0.24
C ARG C 31 10.20 3.54 -0.97
N LEU C 32 9.60 4.49 -1.73
CA LEU C 32 8.87 4.32 -2.99
C LEU C 32 9.72 3.46 -3.95
N ALA C 33 10.94 3.94 -4.27
CA ALA C 33 11.81 3.36 -5.27
C ALA C 33 12.45 2.02 -4.85
N ASP C 34 12.84 1.79 -3.55
CA ASP C 34 13.30 0.55 -3.00
C ASP C 34 12.34 -0.58 -3.10
N LEU C 35 11.07 -0.28 -2.73
CA LEU C 35 10.01 -1.26 -2.94
C LEU C 35 9.65 -1.35 -4.38
N SER C 36 9.55 -0.28 -5.17
CA SER C 36 9.22 -0.26 -6.62
C SER C 36 10.13 -1.11 -7.44
N ALA C 37 11.47 -1.08 -7.22
CA ALA C 37 12.41 -2.00 -7.88
C ALA C 37 12.07 -3.46 -7.52
N LYS C 38 11.87 -3.83 -6.23
CA LYS C 38 11.54 -5.10 -5.58
C LYS C 38 10.21 -5.72 -6.03
N LEU C 39 9.13 -4.96 -5.82
CA LEU C 39 7.80 -5.20 -6.44
C LEU C 39 7.76 -5.20 -7.95
N ALA C 40 8.75 -4.66 -8.62
CA ALA C 40 8.67 -4.36 -10.07
C ALA C 40 7.36 -3.62 -10.50
N LEU C 41 7.10 -2.49 -9.84
CA LEU C 41 5.95 -1.68 -10.09
C LEU C 41 6.30 -0.23 -10.40
N GLY C 42 5.32 0.43 -11.03
CA GLY C 42 5.33 1.87 -11.30
C GLY C 42 5.23 2.64 -10.02
N THR C 43 5.72 3.88 -10.01
CA THR C 43 5.94 4.55 -8.75
C THR C 43 4.64 4.94 -8.11
N ALA C 44 3.75 5.40 -8.95
CA ALA C 44 2.35 5.64 -8.48
C ALA C 44 1.80 4.46 -7.64
N GLN C 45 1.98 3.24 -8.06
CA GLN C 45 1.37 2.05 -7.42
C GLN C 45 1.80 2.04 -5.93
N VAL C 46 3.03 2.49 -5.61
CA VAL C 46 3.50 2.43 -4.23
C VAL C 46 2.77 3.56 -3.42
N LYS C 47 2.72 4.84 -3.85
CA LYS C 47 1.79 5.82 -3.24
C LYS C 47 0.29 5.38 -3.19
N ILE C 48 -0.34 4.90 -4.27
CA ILE C 48 -1.74 4.43 -4.17
C ILE C 48 -1.74 3.31 -3.12
N TRP C 49 -0.87 2.25 -3.18
CA TRP C 49 -1.00 1.24 -2.14
C TRP C 49 -0.86 1.80 -0.68
N PHE C 50 0.15 2.58 -0.36
CA PHE C 50 0.34 3.10 0.94
C PHE C 50 -0.91 3.94 1.32
N LYS C 51 -1.25 4.97 0.53
CA LYS C 51 -2.31 5.95 0.68
C LYS C 51 -3.64 5.21 0.92
N ASN C 52 -3.90 4.23 0.04
CA ASN C 52 -5.18 3.51 0.14
C ASN C 52 -5.20 2.62 1.41
N ARG C 53 -4.14 1.97 1.78
CA ARG C 53 -4.02 1.35 3.11
C ARG C 53 -4.12 2.32 4.29
N ARG C 54 -3.75 3.61 4.18
CA ARG C 54 -4.09 4.62 5.22
C ARG C 54 -5.62 4.85 5.16
N ARG C 55 -6.27 4.98 4.05
CA ARG C 55 -7.74 5.17 3.87
C ARG C 55 -8.51 3.97 4.33
N ARG C 56 -8.18 2.73 3.90
CA ARG C 56 -8.77 1.49 4.45
C ARG C 56 -8.62 1.38 5.96
N HIS C 57 -7.39 1.70 6.49
CA HIS C 57 -7.17 1.72 7.95
C HIS C 57 -7.99 2.75 8.72
N LYS C 58 -7.99 4.02 8.29
CA LYS C 58 -8.77 5.12 8.96
C LYS C 58 -10.32 4.98 8.71
N ILE C 59 -10.77 4.41 7.59
CA ILE C 59 -12.15 4.10 7.28
C ILE C 59 -12.54 2.92 8.18
N GLN C 60 -11.70 1.84 8.30
CA GLN C 60 -12.04 0.71 9.25
C GLN C 60 -12.06 1.18 10.74
N SER C 61 -11.31 2.23 10.98
CA SER C 61 -11.22 2.76 12.31
C SER C 61 -12.43 3.69 12.56
N ASP C 62 -13.09 4.23 11.54
CA ASP C 62 -14.30 5.02 11.69
C ASP C 62 -15.59 4.21 11.89
N GLN C 63 -15.50 2.87 11.70
CA GLN C 63 -16.63 1.91 12.08
C GLN C 63 -16.77 1.79 13.58
N HIS C 64 -17.62 2.65 14.25
CA HIS C 64 -17.87 2.73 15.69
C HIS C 64 -19.30 3.14 16.05
N LYS C 65 -19.79 2.71 17.24
CA LYS C 65 -20.99 3.06 17.96
C LYS C 65 -22.36 2.69 17.25
N ASP C 66 -23.46 3.01 17.89
CA ASP C 66 -24.87 2.74 17.40
C ASP C 66 -25.08 1.30 16.90
N GLN C 67 -25.00 0.38 17.85
CA GLN C 67 -24.88 -1.08 17.70
C GLN C 67 -25.54 -1.76 18.95
N SER C 68 -25.47 -3.06 19.11
CA SER C 68 -26.01 -3.92 20.14
C SER C 68 -25.12 -3.95 21.40
N GLY C 1 -9.56 7.89 -15.84
CA GLY C 1 -9.71 7.91 -17.31
C GLY C 1 -8.63 7.02 -17.93
N PRO C 2 -8.41 7.11 -19.26
CA PRO C 2 -7.61 6.21 -20.05
C PRO C 2 -6.24 6.01 -19.52
N ARG C 3 -5.69 6.92 -18.73
CA ARG C 3 -4.44 6.76 -17.92
C ARG C 3 -4.39 5.58 -16.96
N ARG C 4 -5.51 4.99 -16.64
CA ARG C 4 -5.58 4.09 -15.46
C ARG C 4 -4.65 2.90 -15.69
N THR C 5 -4.19 2.26 -14.60
CA THR C 5 -3.38 1.05 -14.83
C THR C 5 -3.94 -0.11 -13.95
N ARG C 6 -3.31 -1.32 -13.95
CA ARG C 6 -3.90 -2.48 -13.24
C ARG C 6 -2.75 -3.21 -12.54
N THR C 7 -3.00 -3.69 -11.34
CA THR C 7 -2.04 -4.58 -10.60
C THR C 7 -2.83 -5.34 -9.58
N THR C 8 -2.83 -6.66 -9.59
CA THR C 8 -3.43 -7.66 -8.66
C THR C 8 -2.52 -7.95 -7.47
N PHE C 9 -2.71 -7.33 -6.32
CA PHE C 9 -1.92 -7.61 -5.19
C PHE C 9 -1.98 -9.02 -4.59
N THR C 10 -1.08 -9.39 -3.74
CA THR C 10 -0.90 -10.75 -3.13
C THR C 10 -0.65 -10.49 -1.62
N SER C 11 -1.02 -11.53 -0.85
CA SER C 11 -0.68 -11.62 0.60
C SER C 11 0.82 -11.41 0.87
N SER C 12 1.76 -11.94 0.11
CA SER C 12 3.21 -11.80 0.23
C SER C 12 3.65 -10.32 0.01
N GLN C 13 3.00 -9.57 -0.88
CA GLN C 13 3.14 -8.11 -1.11
C GLN C 13 2.63 -7.29 0.05
N ILE C 14 1.43 -7.60 0.51
CA ILE C 14 0.77 -6.87 1.60
C ILE C 14 1.58 -7.10 2.90
N ALA C 15 2.09 -8.30 3.13
CA ALA C 15 2.99 -8.57 4.17
C ALA C 15 4.28 -7.72 4.03
N GLU C 16 4.98 -7.70 2.90
CA GLU C 16 6.26 -6.91 2.80
C GLU C 16 5.97 -5.42 3.02
N LEU C 17 4.96 -4.93 2.26
CA LEU C 17 4.62 -3.57 2.27
C LEU C 17 4.23 -3.08 3.58
N GLU C 18 3.47 -3.83 4.39
CA GLU C 18 3.31 -3.65 5.78
C GLU C 18 4.65 -3.65 6.50
N GLN C 19 5.61 -4.61 6.31
CA GLN C 19 6.92 -4.56 6.88
C GLN C 19 7.67 -3.24 6.88
N HIS C 20 7.80 -2.64 5.73
CA HIS C 20 8.51 -1.37 5.56
C HIS C 20 7.63 -0.19 5.93
N PHE C 21 6.33 -0.26 5.67
CA PHE C 21 5.45 0.75 6.27
C PHE C 21 5.55 0.92 7.84
N LEU C 22 5.85 -0.21 8.54
CA LEU C 22 6.21 -0.17 10.01
C LEU C 22 7.35 0.75 10.33
N GLN C 23 8.39 0.84 9.50
CA GLN C 23 9.53 1.78 9.60
C GLN C 23 9.18 3.16 9.04
N GLY C 24 8.13 3.35 8.27
CA GLY C 24 7.96 4.59 7.50
C GLY C 24 6.51 4.81 7.00
N ARG C 25 5.62 5.14 7.97
CA ARG C 25 4.15 5.04 7.76
C ARG C 25 3.56 5.87 6.54
N TYR C 26 4.36 6.82 6.02
CA TYR C 26 4.10 7.57 4.80
C TYR C 26 5.22 7.52 3.85
N LEU C 27 4.85 7.24 2.61
CA LEU C 27 5.93 7.18 1.66
C LEU C 27 6.62 8.56 1.41
N THR C 28 7.81 8.31 0.84
CA THR C 28 8.70 9.22 0.18
C THR C 28 9.38 8.45 -0.93
N ALA C 29 10.02 9.14 -1.89
CA ALA C 29 10.83 8.55 -2.97
C ALA C 29 11.82 7.43 -2.56
N PRO C 30 12.59 7.58 -1.44
CA PRO C 30 13.44 6.59 -0.95
C PRO C 30 12.54 5.39 -0.55
N ARG C 31 11.54 5.63 0.30
CA ARG C 31 10.69 4.50 0.80
C ARG C 31 10.03 3.70 -0.40
N LEU C 32 9.34 4.43 -1.26
CA LEU C 32 8.57 3.94 -2.38
C LEU C 32 9.42 3.10 -3.32
N ALA C 33 10.58 3.59 -3.78
CA ALA C 33 11.50 2.91 -4.71
C ALA C 33 12.07 1.64 -4.09
N ASP C 34 12.57 1.68 -2.86
CA ASP C 34 13.11 0.52 -2.18
C ASP C 34 12.03 -0.61 -2.11
N LEU C 35 10.80 -0.27 -1.70
CA LEU C 35 9.71 -1.20 -1.81
C LEU C 35 9.39 -1.56 -3.27
N SER C 36 9.39 -0.65 -4.22
CA SER C 36 9.03 -0.88 -5.56
C SER C 36 9.84 -1.98 -6.23
N ALA C 37 11.13 -1.96 -5.89
CA ALA C 37 12.10 -3.03 -6.18
C ALA C 37 11.89 -4.37 -5.36
N LYS C 38 11.68 -4.24 -4.02
CA LYS C 38 11.62 -5.47 -3.19
C LYS C 38 10.34 -6.25 -3.46
N LEU C 39 9.24 -5.55 -3.54
CA LEU C 39 7.88 -6.09 -3.86
C LEU C 39 7.76 -6.42 -5.31
N ALA C 40 8.71 -5.90 -6.15
CA ALA C 40 8.67 -6.01 -7.62
C ALA C 40 7.42 -5.42 -8.28
N LEU C 41 6.93 -4.31 -7.82
CA LEU C 41 5.81 -3.65 -8.55
C LEU C 41 6.06 -2.10 -8.71
N GLY C 42 5.35 -1.45 -9.60
CA GLY C 42 5.40 -0.13 -10.05
C GLY C 42 5.35 0.94 -8.93
N THR C 43 6.09 2.00 -9.10
CA THR C 43 6.02 3.16 -8.13
C THR C 43 4.64 3.78 -7.74
N ALA C 44 3.71 3.89 -8.69
CA ALA C 44 2.30 4.24 -8.36
C ALA C 44 1.76 3.28 -7.36
N GLN C 45 1.96 1.99 -7.61
CA GLN C 45 1.42 0.89 -6.82
C GLN C 45 1.76 1.02 -5.32
N VAL C 46 3.00 1.43 -4.98
CA VAL C 46 3.42 1.49 -3.62
C VAL C 46 2.68 2.67 -2.98
N LYS C 47 2.57 3.79 -3.66
CA LYS C 47 1.83 5.02 -3.27
C LYS C 47 0.32 4.88 -3.04
N ILE C 48 -0.33 4.16 -3.92
CA ILE C 48 -1.77 3.85 -3.87
C ILE C 48 -2.07 2.85 -2.80
N TRP C 49 -1.14 1.90 -2.56
CA TRP C 49 -1.43 0.96 -1.52
C TRP C 49 -1.43 1.67 -0.16
N PHE C 50 -0.39 2.51 0.07
CA PHE C 50 -0.27 3.28 1.31
C PHE C 50 -1.59 4.13 1.57
N LYS C 51 -2.07 4.80 0.49
CA LYS C 51 -3.29 5.61 0.56
C LYS C 51 -4.60 4.85 0.81
N ASN C 52 -4.87 3.78 0.00
CA ASN C 52 -6.03 2.99 0.24
C ASN C 52 -5.99 2.26 1.64
N ARG C 53 -4.85 1.88 2.17
CA ARG C 53 -4.70 1.14 3.49
C ARG C 53 -5.19 2.15 4.58
N ARG C 54 -4.70 3.35 4.57
CA ARG C 54 -4.99 4.39 5.63
C ARG C 54 -6.47 4.74 5.59
N ARG C 55 -7.01 4.95 4.46
CA ARG C 55 -8.49 5.12 4.29
C ARG C 55 -9.30 3.91 4.92
N ARG C 56 -9.01 2.68 4.50
CA ARG C 56 -9.54 1.45 5.13
C ARG C 56 -9.41 1.37 6.67
N HIS C 57 -8.27 1.72 7.20
CA HIS C 57 -7.88 1.56 8.56
C HIS C 57 -8.58 2.68 9.40
N LYS C 58 -8.54 3.96 8.94
CA LYS C 58 -9.15 5.04 9.62
C LYS C 58 -10.69 4.88 9.70
N ILE C 59 -11.35 4.41 8.62
CA ILE C 59 -12.83 4.09 8.60
C ILE C 59 -13.20 2.92 9.38
N GLN C 60 -12.52 1.75 9.33
CA GLN C 60 -12.87 0.59 10.27
C GLN C 60 -12.51 0.90 11.70
N SER C 61 -11.56 1.81 11.94
CA SER C 61 -11.30 2.35 13.31
C SER C 61 -12.53 3.19 13.78
N ASP C 62 -13.59 3.45 13.02
CA ASP C 62 -14.59 4.40 13.44
C ASP C 62 -15.98 3.89 13.18
N GLN C 63 -16.10 2.87 12.23
CA GLN C 63 -17.32 2.23 11.72
C GLN C 63 -17.29 0.68 11.93
N HIS C 64 -16.19 0.09 12.35
CA HIS C 64 -16.04 -1.39 12.49
C HIS C 64 -15.21 -1.65 13.80
N LYS C 65 -15.06 -2.96 14.07
CA LYS C 65 -14.35 -3.52 15.28
C LYS C 65 -13.25 -4.49 14.93
N ASP C 66 -12.79 -4.45 13.67
CA ASP C 66 -11.65 -5.23 13.10
C ASP C 66 -10.99 -4.53 11.94
N GLN C 67 -9.91 -5.15 11.41
CA GLN C 67 -9.13 -4.59 10.37
C GLN C 67 -8.75 -3.07 10.57
N SER C 68 -7.99 -2.87 11.65
CA SER C 68 -7.75 -1.52 12.17
C SER C 68 -6.46 -1.40 13.08
N GLY C 1 -11.17 -4.47 -17.99
CA GLY C 1 -11.08 -3.03 -18.12
C GLY C 1 -10.37 -2.61 -19.38
N PRO C 2 -11.02 -2.00 -20.41
CA PRO C 2 -10.47 -1.51 -21.72
C PRO C 2 -9.88 -0.14 -21.80
N ARG C 3 -9.86 0.58 -20.68
CA ARG C 3 -9.37 1.93 -20.67
C ARG C 3 -8.46 2.23 -19.50
N ARG C 4 -8.45 1.31 -18.48
CA ARG C 4 -7.46 1.26 -17.37
C ARG C 4 -5.99 1.10 -17.84
N THR C 5 -5.09 1.51 -16.96
CA THR C 5 -3.67 1.75 -17.22
C THR C 5 -2.95 1.41 -15.92
N ARG C 6 -1.58 1.41 -16.01
CA ARG C 6 -0.62 1.03 -14.92
C ARG C 6 -0.96 -0.31 -14.31
N THR C 7 -0.01 -0.73 -13.46
CA THR C 7 -0.14 -1.88 -12.57
C THR C 7 -1.44 -2.01 -11.80
N THR C 8 -1.65 -3.24 -11.33
CA THR C 8 -2.58 -3.60 -10.32
C THR C 8 -1.89 -4.67 -9.49
N PHE C 9 -1.60 -4.41 -8.22
CA PHE C 9 -0.76 -5.29 -7.38
C PHE C 9 -1.24 -6.72 -7.29
N THR C 10 -0.33 -7.68 -6.95
CA THR C 10 -0.60 -9.03 -6.58
C THR C 10 -0.50 -9.32 -5.09
N SER C 11 -0.95 -10.51 -4.68
CA SER C 11 -0.75 -11.07 -3.30
C SER C 11 0.68 -11.01 -2.80
N SER C 12 1.61 -11.24 -3.82
CA SER C 12 3.07 -11.20 -3.61
C SER C 12 3.71 -9.83 -3.31
N GLN C 13 3.19 -8.81 -4.05
CA GLN C 13 3.48 -7.38 -3.89
C GLN C 13 2.83 -6.87 -2.57
N ILE C 14 1.60 -7.28 -2.33
CA ILE C 14 0.97 -6.99 -1.05
C ILE C 14 1.67 -7.62 0.16
N ALA C 15 2.25 -8.74 -0.01
CA ALA C 15 3.19 -9.39 0.94
C ALA C 15 4.45 -8.57 1.14
N GLU C 16 5.20 -8.11 0.14
CA GLU C 16 6.40 -7.23 0.32
C GLU C 16 6.01 -5.96 0.94
N LEU C 17 4.95 -5.33 0.44
CA LEU C 17 4.39 -4.00 0.88
C LEU C 17 4.07 -4.10 2.36
N GLU C 18 3.41 -5.13 2.80
CA GLU C 18 3.11 -5.34 4.26
C GLU C 18 4.40 -5.67 5.09
N GLN C 19 5.25 -6.50 4.57
CA GLN C 19 6.54 -6.87 5.15
C GLN C 19 7.39 -5.70 5.49
N HIS C 20 7.54 -4.74 4.56
CA HIS C 20 8.24 -3.46 4.74
C HIS C 20 7.43 -2.46 5.53
N PHE C 21 6.10 -2.48 5.31
CA PHE C 21 5.18 -1.73 6.19
C PHE C 21 5.50 -2.15 7.63
N LEU C 22 5.97 -3.39 8.02
CA LEU C 22 6.46 -3.77 9.33
C LEU C 22 7.59 -2.87 9.82
N GLN C 23 8.31 -2.26 8.89
CA GLN C 23 9.38 -1.35 9.29
C GLN C 23 8.90 0.12 9.38
N GLY C 24 7.79 0.58 8.85
CA GLY C 24 7.34 2.05 8.80
C GLY C 24 5.84 2.04 8.45
N ARG C 25 5.09 2.66 9.31
CA ARG C 25 3.60 2.66 9.33
C ARG C 25 3.04 3.14 8.05
N TYR C 26 3.68 4.13 7.45
CA TYR C 26 3.37 4.66 6.17
C TYR C 26 4.75 5.10 5.55
N LEU C 27 4.70 5.71 4.40
CA LEU C 27 5.86 5.94 3.63
C LEU C 27 6.36 7.37 3.49
N THR C 28 7.65 7.43 3.25
CA THR C 28 8.47 8.60 3.03
C THR C 28 9.30 8.32 1.77
N ALA C 29 9.81 9.35 1.20
CA ALA C 29 10.66 9.15 -0.04
C ALA C 29 11.73 8.01 0.03
N PRO C 30 12.51 7.85 1.17
CA PRO C 30 13.29 6.68 1.44
C PRO C 30 12.55 5.39 1.61
N ARG C 31 11.45 5.25 2.36
CA ARG C 31 10.56 4.07 2.47
C ARG C 31 10.05 3.54 1.11
N LEU C 32 9.52 4.55 0.29
CA LEU C 32 9.06 4.38 -1.05
C LEU C 32 10.01 3.75 -2.08
N ALA C 33 11.26 4.19 -2.11
CA ALA C 33 12.29 3.63 -3.06
C ALA C 33 12.83 2.29 -2.50
N ASP C 34 13.09 2.12 -1.20
CA ASP C 34 13.31 0.80 -0.52
C ASP C 34 12.27 -0.33 -0.86
N LEU C 35 10.94 -0.03 -0.82
CA LEU C 35 9.91 -0.89 -1.44
C LEU C 35 10.02 -1.04 -2.96
N SER C 36 10.27 0.03 -3.70
CA SER C 36 10.43 -0.07 -5.21
C SER C 36 11.39 -1.12 -5.70
N ALA C 37 12.55 -1.21 -5.00
CA ALA C 37 13.59 -2.23 -5.09
C ALA C 37 13.02 -3.68 -4.64
N LYS C 38 12.33 -3.76 -3.56
CA LYS C 38 11.84 -5.02 -3.04
C LYS C 38 10.62 -5.57 -3.89
N LEU C 39 9.68 -4.71 -4.29
CA LEU C 39 8.49 -5.12 -4.97
C LEU C 39 8.67 -5.18 -6.54
N ALA C 40 9.79 -4.50 -7.04
CA ALA C 40 9.98 -4.27 -8.42
C ALA C 40 8.86 -3.49 -9.08
N LEU C 41 8.53 -2.35 -8.48
CA LEU C 41 7.39 -1.51 -8.86
C LEU C 41 7.75 -0.02 -8.98
N GLY C 42 6.98 0.71 -9.77
CA GLY C 42 7.06 2.19 -9.83
C GLY C 42 6.82 2.89 -8.55
N THR C 43 7.09 4.20 -8.53
CA THR C 43 6.92 4.82 -7.26
C THR C 43 5.54 5.17 -6.80
N ALA C 44 4.68 5.41 -7.73
CA ALA C 44 3.27 5.61 -7.54
C ALA C 44 2.68 4.35 -6.86
N GLN C 45 3.01 3.15 -7.33
CA GLN C 45 2.41 1.93 -6.86
C GLN C 45 2.49 1.89 -5.29
N VAL C 46 3.60 2.30 -4.65
CA VAL C 46 3.80 2.07 -3.27
C VAL C 46 2.99 3.06 -2.43
N LYS C 47 3.12 4.33 -2.71
CA LYS C 47 2.22 5.38 -2.21
C LYS C 47 0.75 5.08 -2.25
N ILE C 48 0.22 4.67 -3.38
CA ILE C 48 -1.21 4.37 -3.54
C ILE C 48 -1.65 3.19 -2.60
N TRP C 49 -0.81 2.17 -2.47
CA TRP C 49 -1.13 1.01 -1.57
C TRP C 49 -1.30 1.54 -0.15
N PHE C 50 -0.36 2.30 0.38
CA PHE C 50 -0.56 2.77 1.72
C PHE C 50 -1.77 3.71 1.85
N LYS C 51 -1.86 4.56 0.77
CA LYS C 51 -2.84 5.68 0.79
C LYS C 51 -4.33 5.22 0.82
N ASN C 52 -4.63 4.26 -0.11
CA ASN C 52 -5.96 3.73 -0.24
C ASN C 52 -6.23 2.66 0.89
N ARG C 53 -5.28 1.83 1.29
CA ARG C 53 -5.42 1.01 2.48
C ARG C 53 -5.84 1.84 3.76
N ARG C 54 -5.02 2.90 4.08
CA ARG C 54 -5.27 3.77 5.24
C ARG C 54 -6.71 4.41 5.18
N ARG C 55 -7.08 4.96 4.02
CA ARG C 55 -8.38 5.66 3.94
C ARG C 55 -9.40 4.59 4.10
N ARG C 56 -9.53 3.45 3.39
CA ARG C 56 -10.56 2.39 3.60
C ARG C 56 -10.64 1.82 5.11
N HIS C 57 -9.54 1.46 5.72
CA HIS C 57 -9.45 1.03 7.18
C HIS C 57 -9.71 2.13 8.24
N LYS C 58 -9.36 3.39 8.02
CA LYS C 58 -9.85 4.49 8.92
C LYS C 58 -11.36 4.81 8.80
N ILE C 59 -11.94 4.55 7.68
CA ILE C 59 -13.39 4.49 7.42
C ILE C 59 -13.93 3.25 8.13
N GLN C 60 -13.30 2.03 7.89
CA GLN C 60 -13.88 0.86 8.59
C GLN C 60 -13.76 1.04 10.11
N SER C 61 -12.70 1.70 10.61
CA SER C 61 -12.54 1.81 12.07
C SER C 61 -13.49 2.86 12.67
N ASP C 62 -13.86 3.90 11.96
CA ASP C 62 -14.90 4.90 12.24
C ASP C 62 -16.29 4.22 12.26
N GLN C 63 -16.55 3.20 11.37
CA GLN C 63 -17.72 2.32 11.26
C GLN C 63 -17.78 1.23 12.31
N HIS C 64 -16.84 1.28 13.29
CA HIS C 64 -16.44 0.29 14.35
C HIS C 64 -16.09 -1.04 13.80
N LYS C 65 -16.21 -1.23 12.51
CA LYS C 65 -16.19 -2.59 11.94
C LYS C 65 -14.78 -3.07 11.64
N ASP C 66 -13.79 -2.26 11.89
CA ASP C 66 -12.37 -2.69 11.95
C ASP C 66 -11.75 -2.26 13.31
N GLN C 67 -12.54 -2.40 14.40
CA GLN C 67 -12.13 -1.98 15.81
C GLN C 67 -12.88 -2.64 16.92
N SER C 68 -14.28 -2.85 16.84
CA SER C 68 -15.10 -3.59 17.82
C SER C 68 -14.79 -5.03 17.99
N GLY C 1 -7.27 -1.83 -15.18
CA GLY C 1 -8.65 -1.27 -15.16
C GLY C 1 -9.20 -1.15 -16.56
N PRO C 2 -10.50 -1.29 -16.72
CA PRO C 2 -11.19 -1.03 -18.05
C PRO C 2 -10.79 0.29 -18.67
N ARG C 3 -10.42 1.31 -17.84
CA ARG C 3 -9.85 2.62 -18.22
C ARG C 3 -8.53 2.95 -17.50
N ARG C 4 -8.24 2.26 -16.37
CA ARG C 4 -7.10 2.37 -15.39
C ARG C 4 -5.87 1.48 -15.62
N THR C 5 -4.74 1.87 -15.10
CA THR C 5 -3.43 1.26 -15.15
C THR C 5 -3.60 -0.21 -14.94
N ARG C 6 -2.80 -0.96 -15.63
CA ARG C 6 -2.93 -2.42 -15.85
C ARG C 6 -2.27 -3.38 -14.84
N THR C 7 -1.47 -2.83 -13.91
CA THR C 7 -0.83 -3.63 -12.86
C THR C 7 -1.76 -3.80 -11.63
N THR C 8 -1.87 -5.02 -11.05
CA THR C 8 -2.58 -5.49 -9.88
C THR C 8 -1.72 -6.45 -9.01
N PHE C 9 -1.52 -6.18 -7.77
CA PHE C 9 -0.64 -6.83 -6.87
C PHE C 9 -0.80 -8.32 -6.80
N THR C 10 0.24 -9.17 -6.51
CA THR C 10 0.13 -10.62 -6.19
C THR C 10 0.20 -10.76 -4.71
N SER C 11 -0.12 -11.94 -4.19
CA SER C 11 -0.04 -12.23 -2.72
C SER C 11 1.34 -11.88 -2.10
N SER C 12 2.44 -12.22 -2.82
CA SER C 12 3.87 -11.88 -2.57
C SER C 12 4.00 -10.40 -2.53
N GLN C 13 3.43 -9.67 -3.54
CA GLN C 13 3.61 -8.17 -3.58
C GLN C 13 2.89 -7.52 -2.40
N ILE C 14 1.71 -8.01 -2.05
CA ILE C 14 1.02 -7.42 -0.86
C ILE C 14 1.86 -7.69 0.39
N ALA C 15 2.42 -8.86 0.48
CA ALA C 15 3.30 -9.27 1.61
C ALA C 15 4.64 -8.53 1.72
N GLU C 16 5.38 -8.28 0.62
CA GLU C 16 6.50 -7.39 0.54
C GLU C 16 6.02 -6.01 1.00
N LEU C 17 4.94 -5.53 0.38
CA LEU C 17 4.40 -4.20 0.62
C LEU C 17 4.05 -3.92 2.07
N GLU C 18 3.43 -4.89 2.72
CA GLU C 18 3.09 -4.74 4.17
C GLU C 18 4.38 -4.62 4.96
N GLN C 19 5.21 -5.64 4.78
CA GLN C 19 6.44 -5.75 5.54
C GLN C 19 7.42 -4.60 5.34
N HIS C 20 7.63 -3.99 4.13
CA HIS C 20 8.42 -2.75 4.02
C HIS C 20 7.85 -1.44 4.59
N PHE C 21 6.54 -1.42 4.55
CA PHE C 21 5.65 -0.48 5.27
C PHE C 21 5.73 -0.61 6.79
N LEU C 22 5.94 -1.80 7.29
CA LEU C 22 6.22 -1.95 8.74
C LEU C 22 7.44 -1.10 9.17
N GLN C 23 8.41 -0.96 8.31
CA GLN C 23 9.64 -0.17 8.47
C GLN C 23 9.61 1.28 8.05
N GLY C 24 8.45 1.66 7.60
CA GLY C 24 8.12 3.09 7.37
C GLY C 24 6.80 3.26 6.81
N ARG C 25 5.92 3.82 7.58
CA ARG C 25 4.44 3.80 7.29
C ARG C 25 3.83 4.82 6.32
N TYR C 26 4.71 5.71 5.81
CA TYR C 26 4.36 6.82 5.01
C TYR C 26 5.31 6.97 3.70
N LEU C 27 4.78 6.86 2.46
CA LEU C 27 5.61 6.78 1.24
C LEU C 27 6.35 8.03 0.90
N THR C 28 7.60 7.86 0.46
CA THR C 28 8.57 8.85 0.03
C THR C 28 9.23 8.28 -1.16
N ALA C 29 9.81 9.11 -2.08
CA ALA C 29 10.62 8.63 -3.18
C ALA C 29 11.66 7.53 -2.91
N PRO C 30 12.40 7.61 -1.78
CA PRO C 30 13.23 6.49 -1.44
C PRO C 30 12.49 5.18 -1.08
N ARG C 31 11.41 5.17 -0.30
CA ARG C 31 10.53 4.04 -0.07
C ARG C 31 9.90 3.58 -1.33
N LEU C 32 9.39 4.48 -2.16
CA LEU C 32 8.77 4.07 -3.42
C LEU C 32 9.75 3.43 -4.38
N ALA C 33 10.94 3.92 -4.50
CA ALA C 33 12.07 3.38 -5.27
C ALA C 33 12.49 2.00 -4.83
N ASP C 34 12.78 1.84 -3.56
CA ASP C 34 13.19 0.62 -2.90
C ASP C 34 12.13 -0.51 -3.00
N LEU C 35 10.89 -0.25 -2.60
CA LEU C 35 9.84 -1.27 -2.60
C LEU C 35 9.48 -1.61 -4.01
N SER C 36 9.55 -0.69 -4.95
CA SER C 36 9.35 -0.97 -6.33
C SER C 36 10.40 -1.92 -6.82
N ALA C 37 11.67 -1.59 -6.57
CA ALA C 37 12.76 -2.43 -6.98
C ALA C 37 12.68 -3.84 -6.36
N LYS C 38 12.04 -4.00 -5.16
CA LYS C 38 11.86 -5.29 -4.48
C LYS C 38 10.58 -6.09 -4.87
N LEU C 39 9.46 -5.43 -4.95
CA LEU C 39 8.17 -6.02 -5.48
C LEU C 39 8.22 -6.39 -6.99
N ALA C 40 9.19 -5.85 -7.74
CA ALA C 40 9.37 -6.04 -9.22
C ALA C 40 8.20 -5.42 -9.95
N LEU C 41 7.71 -4.25 -9.47
CA LEU C 41 6.67 -3.42 -10.27
C LEU C 41 6.90 -1.87 -10.12
N GLY C 42 6.14 -1.09 -10.91
CA GLY C 42 6.14 0.35 -11.00
C GLY C 42 6.03 1.12 -9.69
N THR C 43 6.82 2.18 -9.59
CA THR C 43 6.90 3.17 -8.56
C THR C 43 5.47 3.56 -8.16
N ALA C 44 4.70 4.02 -9.12
CA ALA C 44 3.32 4.49 -8.99
C ALA C 44 2.33 3.55 -8.25
N GLN C 45 2.45 2.24 -8.49
CA GLN C 45 1.64 1.22 -7.73
C GLN C 45 1.90 1.14 -6.17
N VAL C 46 3.17 1.47 -5.76
CA VAL C 46 3.39 1.36 -4.30
C VAL C 46 2.72 2.58 -3.65
N LYS C 47 2.66 3.74 -4.32
CA LYS C 47 1.91 4.94 -3.92
C LYS C 47 0.46 4.51 -3.62
N ILE C 48 -0.08 3.94 -4.63
CA ILE C 48 -1.52 3.56 -4.57
C ILE C 48 -1.81 2.45 -3.62
N TRP C 49 -0.97 1.45 -3.43
CA TRP C 49 -1.06 0.56 -2.22
C TRP C 49 -1.10 1.31 -0.93
N PHE C 50 -0.13 2.28 -0.76
CA PHE C 50 -0.15 2.95 0.56
C PHE C 50 -1.45 3.72 0.91
N LYS C 51 -2.02 4.39 -0.10
CA LYS C 51 -3.25 5.22 -0.14
C LYS C 51 -4.46 4.29 -0.10
N ASN C 52 -4.48 3.15 -0.84
CA ASN C 52 -5.63 2.21 -0.61
C ASN C 52 -5.66 1.55 0.74
N ARG C 53 -4.49 1.21 1.33
CA ARG C 53 -4.27 0.64 2.68
C ARG C 53 -4.76 1.51 3.80
N ARG C 54 -4.33 2.83 3.82
CA ARG C 54 -4.78 3.69 4.87
C ARG C 54 -6.27 4.01 4.85
N ARG C 55 -6.88 4.14 3.67
CA ARG C 55 -8.24 4.38 3.35
C ARG C 55 -9.12 3.21 3.74
N ARG C 56 -8.75 2.01 3.38
CA ARG C 56 -9.56 0.74 3.67
C ARG C 56 -9.46 0.45 5.13
N HIS C 57 -8.24 0.42 5.68
CA HIS C 57 -7.99 0.11 7.07
C HIS C 57 -8.89 0.96 7.94
N LYS C 58 -8.86 2.34 7.78
CA LYS C 58 -9.76 3.21 8.66
C LYS C 58 -11.26 3.16 8.33
N ILE C 59 -11.63 3.05 7.05
CA ILE C 59 -13.04 2.80 6.62
C ILE C 59 -13.62 1.51 7.23
N GLN C 60 -12.93 0.44 7.11
CA GLN C 60 -13.28 -0.82 7.72
C GLN C 60 -13.37 -0.86 9.31
N SER C 61 -12.59 -0.01 9.94
CA SER C 61 -12.67 0.27 11.43
C SER C 61 -13.97 1.04 11.67
N ASP C 62 -14.36 2.00 10.79
CA ASP C 62 -15.68 2.67 10.93
C ASP C 62 -16.90 1.81 10.51
N GLN C 63 -16.73 0.80 9.64
CA GLN C 63 -17.72 -0.09 9.15
C GLN C 63 -18.10 -1.21 10.11
N HIS C 64 -17.40 -1.25 11.20
CA HIS C 64 -17.65 -2.25 12.18
C HIS C 64 -17.42 -1.64 13.53
N LYS C 65 -18.20 -0.71 13.95
CA LYS C 65 -18.30 -0.08 15.36
C LYS C 65 -18.27 -1.07 16.51
N ASP C 66 -19.04 -2.17 16.48
CA ASP C 66 -18.80 -3.31 17.43
C ASP C 66 -19.38 -4.63 16.94
N GLN C 67 -20.28 -4.52 15.97
CA GLN C 67 -21.04 -5.63 15.34
C GLN C 67 -21.34 -5.50 13.83
N SER C 68 -21.30 -6.57 13.04
CA SER C 68 -21.73 -6.56 11.62
C SER C 68 -22.10 -7.97 11.14
N GLY C 1 -10.34 0.41 -19.70
CA GLY C 1 -10.01 1.64 -18.88
C GLY C 1 -8.61 2.08 -19.13
N PRO C 2 -8.35 2.99 -20.06
CA PRO C 2 -7.05 3.61 -20.24
C PRO C 2 -6.41 4.33 -19.00
N ARG C 3 -7.27 4.81 -18.07
CA ARG C 3 -6.86 5.55 -16.88
C ARG C 3 -7.21 4.84 -15.57
N ARG C 4 -6.72 3.62 -15.57
CA ARG C 4 -6.68 2.66 -14.49
C ARG C 4 -5.30 2.02 -14.58
N THR C 5 -4.91 1.38 -13.53
CA THR C 5 -3.75 0.44 -13.65
C THR C 5 -4.06 -0.81 -14.44
N ARG C 6 -3.11 -1.73 -14.59
CA ARG C 6 -3.23 -3.11 -15.03
C ARG C 6 -2.18 -3.87 -14.25
N THR C 7 -2.26 -3.76 -12.93
CA THR C 7 -1.37 -4.38 -11.95
C THR C 7 -2.21 -4.84 -10.76
N THR C 8 -1.91 -6.10 -10.48
CA THR C 8 -2.53 -6.87 -9.39
C THR C 8 -1.36 -7.27 -8.43
N PHE C 9 -1.55 -6.79 -7.23
CA PHE C 9 -0.62 -7.01 -6.09
C PHE C 9 -0.78 -8.50 -5.64
N THR C 10 0.34 -9.19 -5.45
CA THR C 10 0.39 -10.54 -4.80
C THR C 10 0.63 -10.41 -3.32
N SER C 11 0.30 -11.44 -2.53
CA SER C 11 0.47 -11.58 -1.08
C SER C 11 1.98 -11.34 -0.73
N SER C 12 2.89 -11.68 -1.66
CA SER C 12 4.32 -11.53 -1.52
C SER C 12 4.72 -10.08 -1.65
N GLN C 13 4.20 -9.36 -2.67
CA GLN C 13 4.38 -7.90 -2.75
C GLN C 13 3.74 -7.19 -1.58
N ILE C 14 2.48 -7.47 -1.27
CA ILE C 14 1.92 -6.90 0.04
C ILE C 14 2.78 -7.22 1.21
N ALA C 15 3.54 -8.35 1.19
CA ALA C 15 4.38 -8.69 2.32
C ALA C 15 5.55 -7.69 2.46
N GLU C 16 6.24 -7.54 1.36
CA GLU C 16 7.42 -6.62 1.16
C GLU C 16 6.88 -5.20 1.53
N LEU C 17 5.77 -4.82 0.92
CA LEU C 17 5.19 -3.55 1.06
C LEU C 17 4.83 -3.25 2.55
N GLU C 18 4.11 -4.15 3.27
CA GLU C 18 3.92 -4.06 4.67
C GLU C 18 5.17 -4.01 5.54
N GLN C 19 6.18 -4.87 5.36
CA GLN C 19 7.44 -4.93 6.12
C GLN C 19 8.21 -3.67 5.94
N HIS C 20 8.30 -3.12 4.73
CA HIS C 20 9.11 -1.92 4.57
C HIS C 20 8.28 -0.77 5.11
N PHE C 21 6.97 -0.80 4.95
CA PHE C 21 6.08 0.16 5.67
C PHE C 21 6.23 0.05 7.23
N LEU C 22 6.61 -1.07 7.82
CA LEU C 22 6.86 -1.23 9.26
C LEU C 22 8.06 -0.35 9.81
N GLN C 23 8.95 -0.12 8.91
CA GLN C 23 10.15 0.71 9.04
C GLN C 23 9.84 2.18 8.69
N GLY C 24 8.72 2.45 8.00
CA GLY C 24 8.24 3.85 7.82
C GLY C 24 6.87 4.06 7.18
N ARG C 25 5.90 4.67 7.85
CA ARG C 25 4.44 4.81 7.64
C ARG C 25 4.11 5.83 6.49
N TYR C 26 5.16 6.59 6.00
CA TYR C 26 5.09 7.59 4.94
C TYR C 26 6.20 7.39 3.87
N LEU C 27 5.86 7.50 2.57
CA LEU C 27 6.81 7.37 1.55
C LEU C 27 7.51 8.72 1.35
N THR C 28 8.73 8.51 0.84
CA THR C 28 9.52 9.54 0.30
C THR C 28 10.11 8.88 -0.92
N ALA C 29 10.65 9.61 -1.83
CA ALA C 29 11.17 9.17 -3.14
C ALA C 29 12.21 8.09 -2.96
N PRO C 30 13.16 8.18 -1.98
CA PRO C 30 13.99 7.03 -1.64
C PRO C 30 13.25 5.73 -1.11
N ARG C 31 12.22 5.92 -0.23
CA ARG C 31 11.55 4.78 0.43
C ARG C 31 10.83 4.00 -0.70
N LEU C 32 10.09 4.78 -1.51
CA LEU C 32 9.45 4.39 -2.72
C LEU C 32 10.45 3.78 -3.70
N ALA C 33 11.57 4.33 -3.99
CA ALA C 33 12.65 3.75 -4.84
C ALA C 33 13.11 2.31 -4.32
N ASP C 34 13.54 2.21 -3.03
CA ASP C 34 13.94 0.89 -2.51
C ASP C 34 12.83 -0.20 -2.62
N LEU C 35 11.61 0.11 -2.12
CA LEU C 35 10.49 -0.82 -2.29
C LEU C 35 10.04 -1.17 -3.74
N SER C 36 10.05 -0.16 -4.63
CA SER C 36 9.83 -0.32 -5.98
C SER C 36 10.79 -1.29 -6.58
N ALA C 37 12.09 -1.35 -6.24
CA ALA C 37 13.02 -2.34 -6.64
C ALA C 37 12.85 -3.67 -5.99
N LYS C 38 12.48 -3.72 -4.72
CA LYS C 38 12.26 -5.03 -4.08
C LYS C 38 10.98 -5.76 -4.43
N LEU C 39 9.82 -5.13 -4.39
CA LEU C 39 8.61 -5.63 -4.96
C LEU C 39 8.70 -5.74 -6.51
N ALA C 40 9.68 -5.11 -7.19
CA ALA C 40 9.67 -5.01 -8.69
C ALA C 40 8.34 -4.45 -9.24
N LEU C 41 8.06 -3.17 -8.92
CA LEU C 41 6.79 -2.51 -9.37
C LEU C 41 7.13 -1.08 -9.78
N GLY C 42 6.30 -0.58 -10.66
CA GLY C 42 6.30 0.83 -11.00
C GLY C 42 6.04 1.67 -9.83
N THR C 43 6.63 2.85 -9.76
CA THR C 43 6.62 3.68 -8.56
C THR C 43 5.22 4.01 -7.96
N ALA C 44 4.31 4.26 -8.79
CA ALA C 44 2.94 4.65 -8.49
C ALA C 44 2.28 3.58 -7.58
N GLN C 45 2.57 2.31 -7.92
CA GLN C 45 2.06 1.16 -7.16
C GLN C 45 2.47 1.20 -5.72
N VAL C 46 3.68 1.68 -5.31
CA VAL C 46 4.06 1.71 -3.90
C VAL C 46 3.30 2.83 -3.11
N LYS C 47 3.31 4.07 -3.58
CA LYS C 47 2.48 5.15 -3.04
C LYS C 47 1.01 4.79 -3.07
N ILE C 48 0.44 4.29 -4.16
CA ILE C 48 -1.00 3.94 -4.13
C ILE C 48 -1.39 2.84 -3.17
N TRP C 49 -0.46 1.88 -2.96
CA TRP C 49 -0.56 0.91 -1.89
C TRP C 49 -0.65 1.67 -0.53
N PHE C 50 0.25 2.62 -0.20
CA PHE C 50 0.26 3.33 1.07
C PHE C 50 -1.05 4.14 1.22
N LYS C 51 -1.42 5.05 0.26
CA LYS C 51 -2.70 5.74 0.17
C LYS C 51 -3.87 4.74 0.35
N ASN C 52 -3.95 3.62 -0.41
CA ASN C 52 -4.99 2.67 -0.19
C ASN C 52 -4.86 2.02 1.24
N ARG C 53 -3.76 1.77 1.82
CA ARG C 53 -3.56 1.11 3.08
C ARG C 53 -4.17 2.01 4.20
N ARG C 54 -3.73 3.24 4.21
CA ARG C 54 -4.17 4.25 5.21
C ARG C 54 -5.70 4.36 5.15
N ARG C 55 -6.29 4.55 3.95
CA ARG C 55 -7.74 4.57 3.66
C ARG C 55 -8.34 3.37 4.25
N ARG C 56 -7.96 2.18 3.78
CA ARG C 56 -8.55 0.92 4.29
C ARG C 56 -8.53 0.83 5.86
N HIS C 57 -7.45 1.32 6.51
CA HIS C 57 -7.19 1.32 7.94
C HIS C 57 -8.11 2.31 8.64
N LYS C 58 -8.22 3.52 8.25
CA LYS C 58 -9.21 4.53 8.86
C LYS C 58 -10.67 4.25 8.59
N ILE C 59 -10.95 3.67 7.41
CA ILE C 59 -12.27 3.20 6.96
C ILE C 59 -12.66 1.94 7.77
N GLN C 60 -11.83 0.91 7.87
CA GLN C 60 -12.11 -0.25 8.66
C GLN C 60 -12.19 0.06 10.14
N SER C 61 -11.40 0.98 10.70
CA SER C 61 -11.56 1.65 12.09
C SER C 61 -12.95 2.27 12.20
N ASP C 62 -13.58 2.86 11.16
CA ASP C 62 -14.98 3.29 11.32
C ASP C 62 -15.96 2.13 11.51
N GLN C 63 -15.70 0.95 10.88
CA GLN C 63 -16.64 -0.16 10.86
C GLN C 63 -16.82 -0.81 12.23
N HIS C 64 -15.74 -0.80 13.06
CA HIS C 64 -15.76 -1.18 14.48
C HIS C 64 -16.96 -0.86 15.35
N LYS C 65 -17.88 0.03 14.94
CA LYS C 65 -19.09 0.35 15.68
C LYS C 65 -20.08 -0.82 15.95
N ASP C 66 -20.00 -1.99 15.30
CA ASP C 66 -20.98 -3.09 15.26
C ASP C 66 -20.23 -4.43 15.07
N GLN C 67 -20.85 -5.51 15.52
CA GLN C 67 -20.55 -6.96 15.38
C GLN C 67 -21.81 -7.74 15.36
N SER C 68 -21.98 -8.42 14.21
CA SER C 68 -23.14 -9.33 14.00
C SER C 68 -23.21 -10.61 14.87
N GLY C 1 -11.71 -2.52 -18.99
CA GLY C 1 -11.64 -2.44 -17.52
C GLY C 1 -10.26 -2.41 -16.99
N PRO C 2 -9.58 -3.55 -17.09
CA PRO C 2 -8.24 -3.70 -16.59
C PRO C 2 -7.29 -2.64 -17.16
N ARG C 3 -7.37 -2.34 -18.46
CA ARG C 3 -6.62 -1.24 -19.15
C ARG C 3 -6.75 0.16 -18.48
N ARG C 4 -7.82 0.41 -17.67
CA ARG C 4 -7.89 1.62 -16.89
C ARG C 4 -6.81 1.83 -15.81
N THR C 5 -6.07 0.83 -15.45
CA THR C 5 -4.95 0.77 -14.51
C THR C 5 -3.57 0.37 -15.12
N ARG C 6 -2.48 0.25 -14.33
CA ARG C 6 -1.10 0.10 -14.93
C ARG C 6 -0.24 -1.00 -14.35
N THR C 7 -0.73 -1.53 -13.28
CA THR C 7 -0.22 -2.71 -12.52
C THR C 7 -1.32 -3.58 -11.95
N THR C 8 -1.12 -4.91 -12.02
CA THR C 8 -1.92 -5.90 -11.30
C THR C 8 -1.12 -6.49 -10.20
N PHE C 9 -1.60 -6.50 -8.97
CA PHE C 9 -0.92 -6.98 -7.80
C PHE C 9 -0.95 -8.48 -7.59
N THR C 10 0.11 -9.03 -6.97
CA THR C 10 0.23 -10.41 -6.62
C THR C 10 0.43 -10.49 -5.13
N SER C 11 0.24 -11.63 -4.54
CA SER C 11 0.36 -11.83 -3.06
C SER C 11 1.75 -11.57 -2.43
N SER C 12 2.79 -11.80 -3.29
CA SER C 12 4.20 -11.50 -2.89
C SER C 12 4.58 -10.03 -2.85
N GLN C 13 3.97 -9.18 -3.71
CA GLN C 13 4.00 -7.71 -3.68
C GLN C 13 3.13 -7.23 -2.52
N ILE C 14 1.95 -7.78 -2.28
CA ILE C 14 1.18 -7.42 -1.03
C ILE C 14 1.99 -7.78 0.22
N ALA C 15 2.76 -8.89 0.23
CA ALA C 15 3.60 -9.36 1.32
C ALA C 15 4.78 -8.41 1.60
N GLU C 16 5.53 -7.98 0.56
CA GLU C 16 6.54 -6.97 0.71
C GLU C 16 5.95 -5.63 1.26
N LEU C 17 4.90 -5.14 0.57
CA LEU C 17 4.26 -3.86 0.85
C LEU C 17 3.86 -3.80 2.27
N GLU C 18 3.28 -4.88 2.80
CA GLU C 18 2.90 -5.13 4.14
C GLU C 18 4.09 -5.03 5.10
N GLN C 19 5.13 -5.78 4.76
CA GLN C 19 6.15 -6.01 5.76
C GLN C 19 6.96 -4.71 5.96
N HIS C 20 7.27 -3.95 4.90
CA HIS C 20 7.92 -2.59 5.02
C HIS C 20 6.94 -1.53 5.47
N PHE C 21 5.62 -1.71 5.15
CA PHE C 21 4.60 -0.91 5.88
C PHE C 21 4.69 -1.02 7.42
N LEU C 22 5.09 -2.19 8.01
CA LEU C 22 5.26 -2.40 9.49
C LEU C 22 6.21 -1.28 10.08
N GLN C 23 7.07 -0.79 9.26
CA GLN C 23 8.01 0.22 9.67
C GLN C 23 7.59 1.72 9.43
N GLY C 24 6.52 1.90 8.64
CA GLY C 24 5.91 3.19 8.47
C GLY C 24 4.49 3.03 8.00
N ARG C 25 3.54 3.24 8.91
CA ARG C 25 2.15 2.97 8.67
C ARG C 25 1.40 3.62 7.47
N TYR C 26 1.87 4.76 6.99
CA TYR C 26 1.17 5.59 5.96
C TYR C 26 2.14 6.31 4.95
N LEU C 27 3.21 5.57 4.68
CA LEU C 27 4.36 5.86 3.86
C LEU C 27 5.13 7.10 4.39
N THR C 28 6.37 7.16 3.91
CA THR C 28 7.20 8.34 3.86
C THR C 28 7.93 8.23 2.47
N ALA C 29 8.51 9.32 1.91
CA ALA C 29 9.36 9.16 0.75
C ALA C 29 10.53 8.16 0.81
N PRO C 30 11.25 8.02 1.91
CA PRO C 30 12.16 6.90 2.08
C PRO C 30 11.52 5.50 2.02
N ARG C 31 10.36 5.21 2.70
CA ARG C 31 9.49 3.95 2.53
C ARG C 31 9.15 3.77 1.07
N LEU C 32 8.61 4.69 0.36
CA LEU C 32 8.21 4.58 -1.07
C LEU C 32 9.42 4.13 -1.94
N ALA C 33 10.53 4.87 -1.83
CA ALA C 33 11.80 4.58 -2.49
C ALA C 33 12.34 3.15 -2.22
N ASP C 34 12.45 2.89 -0.94
CA ASP C 34 12.91 1.54 -0.51
C ASP C 34 12.01 0.39 -0.94
N LEU C 35 10.71 0.65 -0.93
CA LEU C 35 9.77 -0.38 -1.26
C LEU C 35 9.75 -0.60 -2.83
N SER C 36 9.91 0.51 -3.54
CA SER C 36 9.82 0.57 -4.95
C SER C 36 10.93 -0.25 -5.57
N ALA C 37 12.14 -0.20 -4.98
CA ALA C 37 13.31 -0.95 -5.32
C ALA C 37 13.13 -2.50 -5.03
N LYS C 38 12.57 -2.94 -3.91
CA LYS C 38 12.33 -4.40 -3.55
C LYS C 38 11.13 -5.08 -4.22
N LEU C 39 9.97 -4.42 -4.11
CA LEU C 39 8.78 -4.85 -4.86
C LEU C 39 9.00 -5.01 -6.36
N ALA C 40 9.85 -4.18 -6.95
CA ALA C 40 10.22 -4.03 -8.38
C ALA C 40 9.12 -3.28 -9.13
N LEU C 41 8.52 -2.32 -8.43
CA LEU C 41 7.36 -1.53 -8.82
C LEU C 41 7.70 -0.04 -8.81
N GLY C 42 6.96 0.64 -9.68
CA GLY C 42 6.90 2.10 -9.81
C GLY C 42 6.51 2.75 -8.50
N THR C 43 7.08 3.92 -8.23
CA THR C 43 6.88 4.69 -7.06
C THR C 43 5.32 4.94 -6.81
N ALA C 44 4.57 5.31 -7.84
CA ALA C 44 3.13 5.48 -7.80
C ALA C 44 2.26 4.39 -7.17
N GLN C 45 2.65 3.11 -7.46
CA GLN C 45 2.00 1.94 -6.92
C GLN C 45 2.09 1.89 -5.42
N VAL C 46 3.22 2.29 -4.79
CA VAL C 46 3.36 2.12 -3.32
C VAL C 46 2.38 3.03 -2.57
N LYS C 47 2.36 4.26 -2.96
CA LYS C 47 1.46 5.30 -2.47
C LYS C 47 0.00 4.90 -2.58
N ILE C 48 -0.42 4.47 -3.78
CA ILE C 48 -1.81 4.15 -4.06
C ILE C 48 -2.20 2.90 -3.23
N TRP C 49 -1.25 1.94 -3.07
CA TRP C 49 -1.50 0.76 -2.28
C TRP C 49 -1.73 1.13 -0.78
N PHE C 50 -0.81 1.89 -0.23
CA PHE C 50 -1.01 2.29 1.18
C PHE C 50 -2.21 3.20 1.46
N LYS C 51 -2.52 4.15 0.54
CA LYS C 51 -3.68 5.07 0.64
C LYS C 51 -4.97 4.29 0.62
N ASN C 52 -5.04 3.23 -0.17
CA ASN C 52 -6.06 2.21 -0.17
C ASN C 52 -6.30 1.51 1.16
N ARG C 53 -5.19 1.16 1.79
CA ARG C 53 -5.08 0.61 3.19
C ARG C 53 -5.60 1.60 4.26
N ARG C 54 -5.19 2.89 4.17
CA ARG C 54 -5.57 3.89 5.17
C ARG C 54 -7.06 4.09 5.11
N ARG C 55 -7.53 4.25 3.90
CA ARG C 55 -8.98 4.39 3.69
C ARG C 55 -9.72 3.20 4.21
N ARG C 56 -9.34 2.00 3.80
CA ARG C 56 -9.99 0.78 4.34
C ARG C 56 -9.99 0.63 5.93
N HIS C 57 -8.78 0.79 6.52
CA HIS C 57 -8.71 0.81 8.00
C HIS C 57 -9.74 1.80 8.59
N LYS C 58 -9.72 3.08 8.23
CA LYS C 58 -10.64 4.08 8.86
C LYS C 58 -12.11 4.02 8.43
N ILE C 59 -12.45 3.49 7.19
CA ILE C 59 -13.85 3.12 6.76
C ILE C 59 -14.39 1.96 7.47
N GLN C 60 -13.61 0.82 7.63
CA GLN C 60 -14.04 -0.33 8.41
C GLN C 60 -14.18 -0.05 9.95
N SER C 61 -13.21 0.68 10.39
CA SER C 61 -13.23 1.24 11.76
C SER C 61 -14.46 2.14 12.01
N ASP C 62 -15.04 2.80 10.97
CA ASP C 62 -16.09 3.78 11.22
C ASP C 62 -17.41 3.16 11.62
N GLN C 63 -17.61 1.92 11.21
CA GLN C 63 -18.91 1.22 11.34
C GLN C 63 -18.86 -0.16 12.10
N HIS C 64 -17.72 -0.45 12.81
CA HIS C 64 -17.45 -1.81 13.42
C HIS C 64 -16.38 -1.65 14.58
N LYS C 65 -15.51 -0.63 14.54
CA LYS C 65 -14.36 -0.56 15.46
C LYS C 65 -13.38 -1.70 15.43
N ASP C 66 -12.25 -1.54 16.16
CA ASP C 66 -11.25 -2.56 16.39
C ASP C 66 -10.91 -3.50 15.15
N GLN C 67 -10.63 -2.83 14.03
CA GLN C 67 -10.51 -3.40 12.73
C GLN C 67 -9.49 -4.52 12.55
N SER C 68 -8.37 -4.48 13.32
CA SER C 68 -7.18 -5.36 13.27
C SER C 68 -6.33 -5.38 14.43
N GLY C 1 -7.21 7.56 -18.49
CA GLY C 1 -8.53 7.03 -18.38
C GLY C 1 -8.70 5.64 -19.04
N PRO C 2 -9.58 5.52 -20.04
CA PRO C 2 -9.96 4.21 -20.72
C PRO C 2 -8.93 3.74 -21.75
N ARG C 3 -7.78 3.46 -21.19
CA ARG C 3 -6.58 2.79 -21.79
C ARG C 3 -5.92 1.78 -20.88
N ARG C 4 -5.99 2.03 -19.58
CA ARG C 4 -5.35 1.40 -18.36
C ARG C 4 -5.80 0.00 -18.08
N THR C 5 -5.15 -0.60 -16.98
CA THR C 5 -5.46 -1.94 -16.49
C THR C 5 -5.27 -2.04 -14.92
N ARG C 6 -6.05 -2.97 -14.34
CA ARG C 6 -6.18 -3.16 -12.88
C ARG C 6 -5.11 -4.01 -12.21
N THR C 7 -5.03 -3.81 -10.88
CA THR C 7 -4.13 -4.62 -10.04
C THR C 7 -4.99 -5.51 -9.11
N THR C 8 -4.42 -6.68 -8.73
CA THR C 8 -4.91 -7.53 -7.63
C THR C 8 -3.82 -7.90 -6.63
N PHE C 9 -3.65 -7.09 -5.58
CA PHE C 9 -2.51 -7.31 -4.69
C PHE C 9 -2.70 -8.77 -4.14
N THR C 10 -1.55 -9.44 -3.76
CA THR C 10 -1.58 -10.76 -3.14
C THR C 10 -1.31 -10.70 -1.65
N SER C 11 -1.47 -11.78 -0.84
CA SER C 11 -0.83 -11.88 0.49
C SER C 11 0.66 -11.63 0.52
N SER C 12 1.44 -12.20 -0.40
CA SER C 12 2.88 -12.00 -0.56
C SER C 12 3.21 -10.46 -0.87
N GLN C 13 2.45 -9.86 -1.73
CA GLN C 13 2.67 -8.40 -2.07
C GLN C 13 2.23 -7.55 -0.93
N ILE C 14 1.04 -7.79 -0.30
CA ILE C 14 0.68 -7.12 0.99
C ILE C 14 1.79 -7.30 2.05
N ALA C 15 2.49 -8.43 2.08
CA ALA C 15 3.57 -8.65 2.95
C ALA C 15 4.78 -7.78 2.73
N GLU C 16 5.29 -7.69 1.52
CA GLU C 16 6.35 -6.73 1.18
C GLU C 16 5.91 -5.30 1.55
N LEU C 17 4.72 -4.94 1.08
CA LEU C 17 4.06 -3.63 1.29
C LEU C 17 4.10 -3.23 2.75
N GLU C 18 3.63 -4.17 3.62
CA GLU C 18 3.77 -4.14 5.06
C GLU C 18 5.23 -4.08 5.56
N GLN C 19 6.08 -5.01 5.17
CA GLN C 19 7.42 -5.09 5.76
C GLN C 19 8.24 -3.73 5.51
N HIS C 20 8.18 -3.17 4.27
CA HIS C 20 8.94 -1.92 4.02
C HIS C 20 8.16 -0.72 4.50
N PHE C 21 6.84 -0.79 4.57
CA PHE C 21 6.14 0.22 5.40
C PHE C 21 6.69 0.30 6.85
N LEU C 22 7.26 -0.74 7.46
CA LEU C 22 7.87 -0.72 8.78
C LEU C 22 9.03 0.30 8.90
N GLN C 23 9.57 0.69 7.70
CA GLN C 23 10.61 1.74 7.62
C GLN C 23 9.99 3.14 7.40
N GLY C 24 8.72 3.28 6.97
CA GLY C 24 8.17 4.53 6.54
C GLY C 24 6.60 4.53 6.41
N ARG C 25 5.86 4.75 7.57
CA ARG C 25 4.43 4.62 7.74
C ARG C 25 3.49 5.37 6.77
N TYR C 26 3.95 6.35 6.06
CA TYR C 26 3.22 7.21 5.15
C TYR C 26 3.96 7.40 3.83
N LEU C 27 4.72 6.45 3.38
CA LEU C 27 5.61 6.31 2.22
C LEU C 27 6.67 7.41 2.06
N THR C 28 7.65 7.14 1.23
CA THR C 28 8.54 8.09 0.68
C THR C 28 8.77 7.78 -0.78
N ALA C 29 9.28 8.68 -1.58
CA ALA C 29 9.86 8.32 -2.90
C ALA C 29 10.85 7.12 -2.91
N PRO C 30 11.76 7.03 -1.95
CA PRO C 30 12.66 5.92 -1.68
C PRO C 30 11.94 4.61 -1.49
N ARG C 31 10.84 4.66 -0.67
CA ARG C 31 10.00 3.44 -0.36
C ARG C 31 9.18 3.03 -1.60
N LEU C 32 8.52 4.04 -2.29
CA LEU C 32 7.68 3.90 -3.50
C LEU C 32 8.50 3.11 -4.57
N ALA C 33 9.78 3.56 -4.89
CA ALA C 33 10.58 2.88 -5.86
C ALA C 33 11.06 1.53 -5.38
N ASP C 34 11.47 1.41 -4.07
CA ASP C 34 12.05 0.23 -3.44
C ASP C 34 11.02 -0.92 -3.31
N LEU C 35 9.78 -0.61 -2.93
CA LEU C 35 8.67 -1.54 -3.08
C LEU C 35 8.38 -1.83 -4.54
N SER C 36 8.31 -0.87 -5.45
CA SER C 36 7.96 -1.15 -6.89
C SER C 36 8.84 -2.16 -7.49
N ALA C 37 10.12 -2.11 -7.23
CA ALA C 37 11.09 -3.07 -7.79
C ALA C 37 10.88 -4.52 -7.21
N LYS C 38 10.73 -4.60 -5.90
CA LYS C 38 10.56 -5.86 -5.17
C LYS C 38 9.16 -6.50 -5.09
N LEU C 39 8.07 -5.74 -4.92
CA LEU C 39 6.71 -6.29 -5.14
C LEU C 39 6.52 -6.65 -6.60
N ALA C 40 7.30 -6.13 -7.57
CA ALA C 40 7.16 -6.37 -9.01
C ALA C 40 5.91 -5.69 -9.57
N LEU C 41 5.77 -4.42 -9.15
CA LEU C 41 4.63 -3.51 -9.32
C LEU C 41 5.08 -2.18 -9.97
N GLY C 42 4.07 -1.39 -10.33
CA GLY C 42 4.29 0.00 -10.67
C GLY C 42 4.35 0.91 -9.47
N THR C 43 5.09 2.02 -9.58
CA THR C 43 5.31 2.94 -8.49
C THR C 43 4.07 3.53 -7.87
N ALA C 44 3.08 3.84 -8.69
CA ALA C 44 1.76 4.33 -8.28
C ALA C 44 0.92 3.33 -7.42
N GLN C 45 1.11 2.02 -7.63
CA GLN C 45 0.49 0.98 -6.73
C GLN C 45 0.98 1.05 -5.33
N VAL C 46 2.16 1.47 -5.08
CA VAL C 46 2.74 1.57 -3.69
C VAL C 46 2.02 2.78 -2.96
N LYS C 47 2.02 3.99 -3.57
CA LYS C 47 1.27 5.13 -2.99
C LYS C 47 -0.25 4.83 -2.80
N ILE C 48 -0.91 4.15 -3.78
CA ILE C 48 -2.30 3.85 -3.71
C ILE C 48 -2.60 2.76 -2.77
N TRP C 49 -1.66 1.81 -2.53
CA TRP C 49 -1.82 0.79 -1.44
C TRP C 49 -1.80 1.43 -0.03
N PHE C 50 -0.89 2.38 0.14
CA PHE C 50 -0.74 3.12 1.38
C PHE C 50 -1.97 3.99 1.65
N LYS C 51 -2.47 4.67 0.66
CA LYS C 51 -3.76 5.41 0.78
C LYS C 51 -4.98 4.60 1.13
N ASN C 52 -5.12 3.50 0.42
CA ASN C 52 -6.20 2.52 0.64
C ASN C 52 -6.10 1.91 2.04
N ARG C 53 -4.93 1.52 2.44
CA ARG C 53 -4.62 1.03 3.78
C ARG C 53 -5.08 2.00 4.86
N ARG C 54 -4.65 3.29 4.85
CA ARG C 54 -4.94 4.23 5.95
C ARG C 54 -6.43 4.70 5.98
N ARG C 55 -7.09 4.83 4.87
CA ARG C 55 -8.53 4.93 4.82
C ARG C 55 -9.20 3.62 5.21
N ARG C 56 -8.81 2.41 4.82
CA ARG C 56 -9.58 1.24 5.26
C ARG C 56 -9.44 0.98 6.78
N HIS C 57 -8.22 1.09 7.30
CA HIS C 57 -7.85 0.97 8.66
C HIS C 57 -8.63 1.98 9.55
N LYS C 58 -8.76 3.24 9.15
CA LYS C 58 -9.35 4.33 10.07
C LYS C 58 -10.89 4.11 10.14
N ILE C 59 -11.45 3.70 8.93
CA ILE C 59 -12.87 3.36 8.76
C ILE C 59 -13.19 2.24 9.69
N GLN C 60 -12.44 1.19 9.79
CA GLN C 60 -12.68 -0.06 10.55
C GLN C 60 -12.54 0.19 12.06
N SER C 61 -11.63 1.08 12.43
CA SER C 61 -11.32 1.62 13.76
C SER C 61 -12.56 2.35 14.30
N ASP C 62 -13.28 3.11 13.41
CA ASP C 62 -14.58 3.72 13.64
C ASP C 62 -15.73 2.60 13.74
N GLN C 63 -15.48 1.31 13.60
CA GLN C 63 -16.52 0.31 13.79
C GLN C 63 -16.22 -0.69 14.87
N HIS C 64 -15.07 -0.53 15.52
CA HIS C 64 -14.71 -1.44 16.67
C HIS C 64 -13.77 -0.89 17.81
N LYS C 65 -13.47 0.44 17.81
CA LYS C 65 -12.56 1.08 18.78
C LYS C 65 -12.94 2.51 19.16
N ASP C 66 -14.07 3.04 18.70
CA ASP C 66 -14.45 4.51 18.74
C ASP C 66 -15.94 4.72 18.61
N GLN C 67 -16.75 3.82 19.11
CA GLN C 67 -18.21 3.79 18.80
C GLN C 67 -19.08 2.98 19.83
N SER C 68 -18.51 2.48 20.94
CA SER C 68 -19.24 1.57 21.93
C SER C 68 -18.58 1.67 23.33
N GLY C 1 -7.83 2.89 -21.61
CA GLY C 1 -8.21 3.62 -20.43
C GLY C 1 -7.10 4.64 -20.10
N PRO C 2 -7.18 5.86 -20.66
CA PRO C 2 -6.36 7.07 -20.32
C PRO C 2 -6.46 7.49 -18.86
N ARG C 3 -7.42 6.90 -18.11
CA ARG C 3 -7.48 7.01 -16.65
C ARG C 3 -7.82 5.66 -16.05
N ARG C 4 -7.27 4.52 -16.60
CA ARG C 4 -7.52 3.11 -16.21
C ARG C 4 -6.43 2.11 -16.44
N THR C 5 -5.23 2.56 -16.90
CA THR C 5 -4.09 1.69 -17.23
C THR C 5 -2.83 1.89 -16.37
N ARG C 6 -2.72 1.18 -15.25
CA ARG C 6 -1.56 1.01 -14.43
C ARG C 6 -1.57 -0.44 -13.80
N THR C 7 -0.39 -0.95 -13.41
CA THR C 7 -0.21 -2.40 -13.02
C THR C 7 -1.12 -2.95 -11.92
N THR C 8 -1.33 -4.27 -11.94
CA THR C 8 -2.08 -5.01 -10.94
C THR C 8 -1.05 -5.89 -10.11
N PHE C 9 -0.93 -5.72 -8.79
CA PHE C 9 0.13 -6.37 -8.02
C PHE C 9 0.06 -7.93 -8.20
N THR C 10 1.00 -8.62 -7.55
CA THR C 10 1.07 -10.04 -7.25
C THR C 10 1.07 -10.35 -5.72
N SER C 11 0.77 -11.57 -5.29
CA SER C 11 0.73 -11.93 -3.85
C SER C 11 2.10 -11.82 -3.18
N SER C 12 3.20 -12.01 -3.94
CA SER C 12 4.54 -11.63 -3.52
C SER C 12 4.73 -10.12 -3.26
N GLN C 13 4.17 -9.28 -4.13
CA GLN C 13 4.22 -7.80 -4.03
C GLN C 13 3.46 -7.21 -2.86
N ILE C 14 2.27 -7.68 -2.65
CA ILE C 14 1.51 -7.35 -1.42
C ILE C 14 2.26 -7.81 -0.23
N ALA C 15 2.94 -9.01 -0.27
CA ALA C 15 3.88 -9.45 0.76
C ALA C 15 5.09 -8.53 1.02
N GLU C 16 5.79 -8.03 -0.03
CA GLU C 16 6.80 -7.04 0.09
C GLU C 16 6.18 -5.74 0.68
N LEU C 17 5.12 -5.26 0.18
CA LEU C 17 4.46 -4.04 0.68
C LEU C 17 4.20 -4.11 2.13
N GLU C 18 3.71 -5.24 2.57
CA GLU C 18 3.34 -5.52 3.95
C GLU C 18 4.59 -5.63 4.89
N GLN C 19 5.44 -6.54 4.56
CA GLN C 19 6.68 -6.63 5.28
C GLN C 19 7.53 -5.36 5.38
N HIS C 20 7.59 -4.45 4.37
CA HIS C 20 8.19 -3.12 4.60
C HIS C 20 7.22 -2.08 5.25
N PHE C 21 5.95 -2.31 5.08
CA PHE C 21 4.84 -1.60 5.91
C PHE C 21 4.90 -1.85 7.42
N LEU C 22 5.23 -3.08 7.94
CA LEU C 22 5.63 -3.36 9.35
C LEU C 22 6.69 -2.37 9.92
N GLN C 23 7.55 -1.77 9.07
CA GLN C 23 8.57 -0.84 9.44
C GLN C 23 8.22 0.63 9.21
N GLY C 24 7.03 0.89 8.57
CA GLY C 24 6.44 2.18 8.57
C GLY C 24 5.04 2.22 8.00
N ARG C 25 4.15 3.04 8.59
CA ARG C 25 2.70 2.93 8.22
C ARG C 25 2.25 3.62 6.94
N TYR C 26 3.05 4.60 6.43
CA TYR C 26 2.83 5.27 5.20
C TYR C 26 4.12 5.52 4.49
N LEU C 27 4.04 5.96 3.23
CA LEU C 27 5.24 6.33 2.43
C LEU C 27 5.74 7.66 2.70
N THR C 28 7.00 7.82 2.29
CA THR C 28 7.75 9.02 2.02
C THR C 28 8.49 8.62 0.72
N ALA C 29 9.14 9.62 0.04
CA ALA C 29 9.87 9.33 -1.22
C ALA C 29 11.02 8.36 -0.96
N PRO C 30 11.75 8.34 0.19
CA PRO C 30 12.72 7.27 0.37
C PRO C 30 12.05 5.92 0.57
N ARG C 31 11.01 5.79 1.41
CA ARG C 31 10.18 4.64 1.64
C ARG C 31 9.61 3.94 0.41
N LEU C 32 9.09 4.78 -0.46
CA LEU C 32 8.66 4.45 -1.80
C LEU C 32 9.67 3.93 -2.73
N ALA C 33 10.85 4.56 -2.90
CA ALA C 33 11.95 4.17 -3.75
C ALA C 33 12.55 2.78 -3.38
N ASP C 34 12.74 2.51 -2.07
CA ASP C 34 13.31 1.29 -1.56
C ASP C 34 12.27 0.16 -1.79
N LEU C 35 10.98 0.29 -1.45
CA LEU C 35 9.99 -0.72 -1.79
C LEU C 35 9.81 -0.98 -3.37
N SER C 36 9.82 0.09 -4.20
CA SER C 36 9.82 0.05 -5.64
C SER C 36 10.91 -0.89 -6.09
N ALA C 37 12.15 -0.78 -5.56
CA ALA C 37 13.18 -1.57 -6.01
C ALA C 37 12.96 -3.03 -5.60
N LYS C 38 12.63 -3.26 -4.30
CA LYS C 38 12.28 -4.52 -3.66
C LYS C 38 11.17 -5.23 -4.44
N LEU C 39 10.01 -4.64 -4.62
CA LEU C 39 8.80 -5.02 -5.40
C LEU C 39 8.95 -5.14 -6.92
N ALA C 40 9.77 -4.24 -7.53
CA ALA C 40 9.85 -4.03 -8.98
C ALA C 40 8.49 -3.47 -9.63
N LEU C 41 8.21 -2.20 -9.24
CA LEU C 41 6.92 -1.60 -9.58
C LEU C 41 7.10 -0.10 -9.92
N GLY C 42 6.23 0.54 -10.74
CA GLY C 42 6.12 1.99 -10.96
C GLY C 42 5.88 2.80 -9.65
N THR C 43 6.52 3.90 -9.42
CA THR C 43 6.41 4.63 -8.16
C THR C 43 4.98 5.14 -7.69
N ALA C 44 4.05 5.28 -8.63
CA ALA C 44 2.63 5.40 -8.28
C ALA C 44 2.11 4.10 -7.59
N GLN C 45 2.52 2.87 -7.98
CA GLN C 45 1.90 1.64 -7.47
C GLN C 45 2.03 1.57 -5.96
N VAL C 46 3.13 1.98 -5.33
CA VAL C 46 3.35 1.76 -3.91
C VAL C 46 2.50 2.76 -3.12
N LYS C 47 2.64 4.07 -3.42
CA LYS C 47 1.79 5.12 -2.94
C LYS C 47 0.29 4.67 -2.99
N ILE C 48 -0.28 4.32 -4.22
CA ILE C 48 -1.69 3.85 -4.37
C ILE C 48 -2.10 2.66 -3.42
N TRP C 49 -1.23 1.74 -3.21
CA TRP C 49 -1.42 0.70 -2.20
C TRP C 49 -1.61 1.18 -0.81
N PHE C 50 -0.59 1.90 -0.27
CA PHE C 50 -0.56 2.43 1.09
C PHE C 50 -1.82 3.30 1.32
N LYS C 51 -1.99 4.27 0.42
CA LYS C 51 -2.97 5.36 0.39
C LYS C 51 -4.42 4.77 0.53
N ASN C 52 -4.93 3.87 -0.33
CA ASN C 52 -6.23 3.29 -0.15
C ASN C 52 -6.32 2.33 1.15
N ARG C 53 -5.30 1.42 1.39
CA ARG C 53 -5.42 0.43 2.39
C ARG C 53 -5.34 1.06 3.81
N ARG C 54 -4.49 2.07 4.05
CA ARG C 54 -4.50 2.95 5.23
C ARG C 54 -5.86 3.71 5.37
N ARG C 55 -6.44 4.32 4.33
CA ARG C 55 -7.77 4.89 4.26
C ARG C 55 -8.78 3.84 4.73
N ARG C 56 -8.63 2.54 4.34
CA ARG C 56 -9.65 1.51 4.65
C ARG C 56 -9.85 1.26 6.15
N HIS C 57 -8.73 1.18 6.80
CA HIS C 57 -8.53 1.05 8.28
C HIS C 57 -9.08 2.26 9.07
N LYS C 58 -8.68 3.50 8.76
CA LYS C 58 -9.25 4.72 9.45
C LYS C 58 -10.70 5.06 9.15
N ILE C 59 -11.21 4.62 7.99
CA ILE C 59 -12.64 4.67 7.71
C ILE C 59 -13.49 3.69 8.62
N GLN C 60 -13.11 2.44 8.78
CA GLN C 60 -13.82 1.46 9.54
C GLN C 60 -13.98 1.98 10.97
N SER C 61 -12.96 2.54 11.57
CA SER C 61 -13.05 3.13 12.93
C SER C 61 -13.99 4.31 13.05
N ASP C 62 -14.24 5.05 11.97
CA ASP C 62 -15.35 6.04 11.93
C ASP C 62 -16.77 5.36 11.80
N GLN C 63 -16.89 4.30 10.97
CA GLN C 63 -18.10 3.45 10.99
C GLN C 63 -18.31 2.61 12.27
N HIS C 64 -17.57 2.93 13.34
CA HIS C 64 -17.70 2.32 14.68
C HIS C 64 -17.48 0.79 14.83
N LYS C 65 -16.75 0.17 13.89
CA LYS C 65 -16.55 -1.29 13.77
C LYS C 65 -15.67 -1.96 14.84
N ASP C 66 -14.95 -1.12 15.60
CA ASP C 66 -14.28 -1.65 16.78
C ASP C 66 -14.74 -1.02 18.10
N GLN C 67 -15.68 -0.06 18.00
CA GLN C 67 -16.21 0.56 19.25
C GLN C 67 -16.87 -0.35 20.29
N SER C 68 -17.77 -1.28 19.82
CA SER C 68 -18.64 -2.12 20.59
C SER C 68 -17.99 -2.70 21.83
N GLY C 1 -11.62 0.32 -19.72
CA GLY C 1 -10.57 0.93 -20.51
C GLY C 1 -9.26 0.10 -20.36
N PRO C 2 -8.30 0.03 -21.26
CA PRO C 2 -7.15 -0.91 -21.14
C PRO C 2 -6.04 -0.31 -20.35
N ARG C 3 -5.87 1.05 -20.27
CA ARG C 3 -4.74 1.65 -19.62
C ARG C 3 -4.76 1.55 -18.09
N ARG C 4 -5.90 1.66 -17.36
CA ARG C 4 -5.98 1.53 -15.89
C ARG C 4 -5.20 0.37 -15.31
N THR C 5 -4.52 0.61 -14.21
CA THR C 5 -3.39 -0.23 -13.62
C THR C 5 -3.74 -1.61 -13.28
N ARG C 6 -5.01 -1.83 -13.02
CA ARG C 6 -5.61 -3.00 -12.43
C ARG C 6 -4.84 -3.58 -11.22
N THR C 7 -3.73 -4.18 -11.48
CA THR C 7 -2.81 -4.88 -10.52
C THR C 7 -3.38 -5.50 -9.28
N THR C 8 -3.39 -6.82 -9.20
CA THR C 8 -3.82 -7.64 -8.04
C THR C 8 -2.74 -7.73 -7.05
N PHE C 9 -2.93 -7.07 -5.90
CA PHE C 9 -1.97 -7.18 -4.75
C PHE C 9 -2.13 -8.53 -4.07
N THR C 10 -0.99 -9.20 -3.75
CA THR C 10 -0.96 -10.43 -3.04
C THR C 10 -0.36 -10.16 -1.63
N SER C 11 -0.57 -11.10 -0.68
CA SER C 11 -0.06 -11.09 0.66
C SER C 11 1.46 -10.87 0.73
N SER C 12 2.24 -11.47 -0.12
CA SER C 12 3.67 -11.22 -0.19
C SER C 12 3.98 -9.72 -0.34
N GLN C 13 3.26 -9.17 -1.29
CA GLN C 13 3.29 -7.71 -1.61
C GLN C 13 2.87 -6.81 -0.43
N ILE C 14 1.78 -7.20 0.19
CA ILE C 14 1.29 -6.55 1.39
C ILE C 14 2.27 -6.60 2.56
N ALA C 15 2.92 -7.71 2.62
CA ALA C 15 3.84 -8.03 3.71
C ALA C 15 5.09 -7.23 3.51
N GLU C 16 5.59 -7.05 2.30
CA GLU C 16 6.62 -6.16 1.91
C GLU C 16 6.21 -4.70 2.29
N LEU C 17 4.99 -4.30 1.82
CA LEU C 17 4.47 -2.95 1.90
C LEU C 17 4.34 -2.55 3.36
N GLU C 18 3.79 -3.40 4.25
CA GLU C 18 3.65 -3.11 5.63
C GLU C 18 5.02 -3.13 6.18
N GLN C 19 5.93 -4.10 5.94
CA GLN C 19 7.15 -4.23 6.76
C GLN C 19 8.13 -3.03 6.43
N HIS C 20 8.24 -2.62 5.15
CA HIS C 20 8.98 -1.42 4.81
C HIS C 20 8.30 -0.11 5.19
N PHE C 21 6.96 -0.04 5.19
CA PHE C 21 6.12 1.03 5.80
C PHE C 21 6.41 1.19 7.32
N LEU C 22 6.49 0.11 8.08
CA LEU C 22 6.97 0.11 9.50
C LEU C 22 8.24 0.98 9.73
N GLN C 23 9.27 0.83 8.84
CA GLN C 23 10.48 1.62 8.76
C GLN C 23 10.29 3.10 8.26
N GLY C 24 9.16 3.46 7.77
CA GLY C 24 8.71 4.76 7.21
C GLY C 24 7.23 4.95 6.97
N ARG C 25 6.46 5.38 7.96
CA ARG C 25 5.00 5.37 7.87
C ARG C 25 4.41 6.36 6.83
N TYR C 26 5.28 7.13 6.15
CA TYR C 26 4.89 7.96 4.97
C TYR C 26 5.92 7.80 3.84
N LEU C 27 5.43 7.64 2.59
CA LEU C 27 6.29 7.45 1.45
C LEU C 27 7.03 8.72 1.10
N THR C 28 8.20 8.49 0.49
CA THR C 28 9.10 9.45 -0.09
C THR C 28 9.76 8.74 -1.25
N ALA C 29 10.40 9.48 -2.14
CA ALA C 29 10.95 8.90 -3.44
C ALA C 29 11.93 7.72 -3.04
N PRO C 30 12.78 7.79 -1.91
CA PRO C 30 13.59 6.68 -1.55
C PRO C 30 12.88 5.47 -0.96
N ARG C 31 11.82 5.69 -0.20
CA ARG C 31 10.93 4.65 0.34
C ARG C 31 10.18 3.90 -0.79
N LEU C 32 9.47 4.69 -1.63
CA LEU C 32 8.85 4.33 -2.86
C LEU C 32 9.75 3.52 -3.75
N ALA C 33 10.92 4.00 -4.12
CA ALA C 33 11.91 3.32 -4.97
C ALA C 33 12.29 1.96 -4.35
N ASP C 34 12.57 1.98 -3.08
CA ASP C 34 13.24 0.77 -2.59
C ASP C 34 12.27 -0.40 -2.47
N LEU C 35 11.05 -0.03 -2.08
CA LEU C 35 9.97 -0.98 -1.98
C LEU C 35 9.56 -1.47 -3.35
N SER C 36 9.50 -0.55 -4.35
CA SER C 36 9.09 -0.94 -5.70
C SER C 36 9.98 -2.07 -6.30
N ALA C 37 11.27 -1.94 -6.01
CA ALA C 37 12.36 -2.94 -6.29
C ALA C 37 12.11 -4.30 -5.62
N LYS C 38 11.75 -4.34 -4.38
CA LYS C 38 11.41 -5.62 -3.69
C LYS C 38 10.04 -6.17 -4.01
N LEU C 39 9.02 -5.31 -4.01
CA LEU C 39 7.68 -5.65 -4.40
C LEU C 39 7.53 -5.93 -5.84
N ALA C 40 8.50 -5.49 -6.68
CA ALA C 40 8.42 -5.47 -8.16
C ALA C 40 7.10 -4.79 -8.59
N LEU C 41 6.70 -3.69 -8.07
CA LEU C 41 5.55 -2.87 -8.49
C LEU C 41 5.94 -1.58 -9.20
N GLY C 42 5.05 -1.14 -10.06
CA GLY C 42 5.07 0.24 -10.56
C GLY C 42 5.10 1.30 -9.50
N THR C 43 5.89 2.35 -9.57
CA THR C 43 6.02 3.39 -8.55
C THR C 43 4.73 4.17 -8.18
N ALA C 44 3.76 4.25 -9.08
CA ALA C 44 2.40 4.56 -8.65
C ALA C 44 1.79 3.60 -7.62
N GLN C 45 1.96 2.24 -7.73
CA GLN C 45 1.30 1.32 -6.75
C GLN C 45 1.80 1.40 -5.34
N VAL C 46 3.00 1.79 -5.01
CA VAL C 46 3.34 1.97 -3.59
C VAL C 46 2.73 3.20 -2.98
N LYS C 47 2.63 4.34 -3.73
CA LYS C 47 1.90 5.59 -3.30
C LYS C 47 0.40 5.27 -3.18
N ILE C 48 -0.23 4.63 -4.12
CA ILE C 48 -1.57 4.15 -4.02
C ILE C 48 -1.72 3.19 -2.87
N TRP C 49 -0.85 2.23 -2.62
CA TRP C 49 -1.06 1.37 -1.48
C TRP C 49 -0.97 2.10 -0.18
N PHE C 50 0.14 2.87 0.02
CA PHE C 50 0.30 3.56 1.27
C PHE C 50 -0.94 4.48 1.60
N LYS C 51 -1.45 5.23 0.62
CA LYS C 51 -2.54 6.19 0.76
C LYS C 51 -3.81 5.45 1.12
N ASN C 52 -4.07 4.35 0.35
CA ASN C 52 -5.22 3.57 0.60
C ASN C 52 -5.20 2.78 1.89
N ARG C 53 -4.01 2.31 2.38
CA ARG C 53 -3.84 1.64 3.65
C ARG C 53 -4.41 2.63 4.67
N ARG C 54 -3.94 3.88 4.69
CA ARG C 54 -4.41 4.95 5.68
C ARG C 54 -5.96 5.16 5.57
N ARG C 55 -6.49 5.48 4.40
CA ARG C 55 -7.92 5.66 4.09
C ARG C 55 -8.74 4.47 4.56
N ARG C 56 -8.39 3.28 4.19
CA ARG C 56 -9.04 2.11 4.75
C ARG C 56 -8.97 1.88 6.29
N HIS C 57 -7.81 2.04 6.89
CA HIS C 57 -7.54 1.86 8.29
C HIS C 57 -8.40 2.84 9.10
N LYS C 58 -8.46 4.16 8.80
CA LYS C 58 -9.35 5.20 9.36
C LYS C 58 -10.84 4.89 9.17
N ILE C 59 -11.16 4.37 8.00
CA ILE C 59 -12.55 4.10 7.66
C ILE C 59 -13.16 2.85 8.38
N GLN C 60 -12.43 1.75 8.36
CA GLN C 60 -12.77 0.52 9.07
C GLN C 60 -12.77 0.69 10.61
N SER C 61 -11.80 1.47 11.17
CA SER C 61 -11.76 1.95 12.58
C SER C 61 -13.03 2.82 12.86
N ASP C 62 -13.79 3.23 11.88
CA ASP C 62 -14.99 4.12 12.03
C ASP C 62 -16.26 3.34 11.76
N GLN C 63 -16.24 2.02 11.45
CA GLN C 63 -17.41 1.26 11.05
C GLN C 63 -17.58 -0.24 11.42
N HIS C 64 -16.50 -0.80 11.95
CA HIS C 64 -16.49 -2.22 12.29
C HIS C 64 -17.40 -2.52 13.44
N LYS C 65 -17.86 -3.75 13.54
CA LYS C 65 -18.83 -4.25 14.56
C LYS C 65 -18.32 -5.55 15.21
N ASP C 66 -18.92 -5.89 16.35
CA ASP C 66 -18.77 -7.18 17.16
C ASP C 66 -17.29 -7.69 17.34
N GLN C 67 -16.27 -6.80 17.54
CA GLN C 67 -14.93 -7.19 17.84
C GLN C 67 -14.83 -8.09 19.04
N SER C 68 -14.12 -9.21 18.91
CA SER C 68 -13.76 -9.94 20.09
C SER C 68 -12.66 -9.29 20.91
N GLY C 1 -8.88 8.74 -17.79
CA GLY C 1 -9.80 7.75 -18.36
C GLY C 1 -9.03 6.59 -18.87
N PRO C 2 -9.06 6.30 -20.18
CA PRO C 2 -8.48 5.11 -20.82
C PRO C 2 -6.98 4.99 -20.68
N ARG C 3 -6.21 6.01 -20.16
CA ARG C 3 -4.78 5.88 -19.62
C ARG C 3 -4.58 4.99 -18.41
N ARG C 4 -5.63 4.75 -17.62
CA ARG C 4 -5.59 3.96 -16.37
C ARG C 4 -4.98 2.49 -16.53
N THR C 5 -4.76 1.84 -15.33
CA THR C 5 -4.54 0.41 -15.09
C THR C 5 -4.73 0.01 -13.66
N ARG C 6 -4.78 -1.29 -13.35
CA ARG C 6 -4.77 -1.77 -12.00
C ARG C 6 -3.94 -3.01 -11.80
N THR C 7 -4.05 -3.57 -10.61
CA THR C 7 -3.21 -4.57 -9.95
C THR C 7 -4.05 -5.53 -9.03
N THR C 8 -3.85 -6.83 -9.16
CA THR C 8 -4.32 -7.81 -8.17
C THR C 8 -3.35 -7.98 -7.00
N PHE C 9 -3.67 -7.70 -5.78
CA PHE C 9 -2.80 -7.87 -4.62
C PHE C 9 -2.86 -9.25 -3.93
N THR C 10 -1.76 -9.56 -3.24
CA THR C 10 -1.72 -10.85 -2.47
C THR C 10 -1.15 -10.58 -1.06
N SER C 11 -1.31 -11.58 -0.20
CA SER C 11 -0.95 -11.62 1.21
C SER C 11 0.56 -11.38 1.44
N SER C 12 1.47 -12.02 0.66
CA SER C 12 2.93 -11.78 0.64
C SER C 12 3.28 -10.34 0.39
N GLN C 13 2.50 -9.67 -0.48
CA GLN C 13 2.85 -8.33 -0.88
C GLN C 13 2.49 -7.42 0.23
N ILE C 14 1.23 -7.40 0.69
CA ILE C 14 0.81 -6.53 1.81
C ILE C 14 1.70 -6.78 3.04
N ALA C 15 2.28 -7.95 3.19
CA ALA C 15 3.24 -8.32 4.27
C ALA C 15 4.59 -7.52 4.19
N GLU C 16 5.25 -7.54 3.00
CA GLU C 16 6.45 -6.73 2.81
C GLU C 16 6.13 -5.25 2.98
N LEU C 17 5.01 -4.81 2.38
CA LEU C 17 4.62 -3.43 2.26
C LEU C 17 4.48 -2.84 3.70
N GLU C 18 3.68 -3.47 4.61
CA GLU C 18 3.67 -3.25 6.08
C GLU C 18 5.08 -3.35 6.77
N GLN C 19 5.92 -4.37 6.40
CA GLN C 19 7.19 -4.54 7.04
C GLN C 19 8.16 -3.38 6.85
N HIS C 20 8.28 -2.94 5.67
CA HIS C 20 9.05 -1.77 5.33
C HIS C 20 8.39 -0.37 5.62
N PHE C 21 7.06 -0.29 5.55
CA PHE C 21 6.26 0.86 6.12
C PHE C 21 6.74 1.06 7.65
N LEU C 22 7.08 -0.03 8.38
CA LEU C 22 7.58 0.06 9.76
C LEU C 22 8.76 0.97 9.91
N GLN C 23 9.46 1.16 8.82
CA GLN C 23 10.70 1.89 8.71
C GLN C 23 10.50 3.27 7.95
N GLY C 24 9.34 3.41 7.35
CA GLY C 24 8.98 4.55 6.48
C GLY C 24 7.47 4.77 6.28
N ARG C 25 6.77 5.26 7.33
CA ARG C 25 5.36 5.44 7.36
C ARG C 25 4.77 6.35 6.27
N TYR C 26 5.54 7.21 5.60
CA TYR C 26 5.23 8.01 4.41
C TYR C 26 6.19 7.88 3.29
N LEU C 27 5.63 7.53 2.04
CA LEU C 27 6.56 7.40 0.91
C LEU C 27 7.31 8.70 0.56
N THR C 28 8.36 8.40 -0.16
CA THR C 28 9.42 9.25 -0.72
C THR C 28 9.99 8.39 -1.81
N ALA C 29 10.78 8.95 -2.73
CA ALA C 29 11.26 8.07 -3.81
C ALA C 29 12.08 6.82 -3.31
N PRO C 30 12.96 6.93 -2.26
CA PRO C 30 13.59 5.78 -1.65
C PRO C 30 12.53 4.75 -1.09
N ARG C 31 11.50 5.26 -0.44
CA ARG C 31 10.54 4.30 0.24
C ARG C 31 9.83 3.41 -0.81
N LEU C 32 9.21 4.16 -1.75
CA LEU C 32 8.53 3.81 -2.94
C LEU C 32 9.28 2.81 -3.89
N ALA C 33 10.54 3.17 -4.18
CA ALA C 33 11.48 2.44 -5.09
C ALA C 33 11.97 1.14 -4.41
N ASP C 34 12.41 1.24 -3.12
CA ASP C 34 12.89 0.08 -2.36
C ASP C 34 11.70 -0.95 -2.36
N LEU C 35 10.48 -0.48 -2.01
CA LEU C 35 9.34 -1.42 -2.09
C LEU C 35 8.97 -1.91 -3.54
N SER C 36 8.95 -1.08 -4.59
CA SER C 36 8.64 -1.49 -6.00
C SER C 36 9.61 -2.55 -6.55
N ALA C 37 10.90 -2.44 -6.14
CA ALA C 37 11.89 -3.54 -6.39
C ALA C 37 11.62 -4.70 -5.36
N LYS C 38 11.49 -4.50 -4.08
CA LYS C 38 11.29 -5.60 -3.11
C LYS C 38 9.99 -6.38 -3.36
N LEU C 39 8.86 -5.74 -3.51
CA LEU C 39 7.57 -6.36 -3.86
C LEU C 39 7.49 -6.89 -5.26
N ALA C 40 8.37 -6.41 -6.14
CA ALA C 40 8.15 -6.62 -7.57
C ALA C 40 6.83 -6.16 -8.15
N LEU C 41 6.59 -4.82 -7.99
CA LEU C 41 5.37 -4.16 -8.45
C LEU C 41 5.76 -2.87 -9.10
N GLY C 42 4.78 -2.17 -9.68
CA GLY C 42 4.94 -0.85 -10.12
C GLY C 42 5.01 0.20 -8.99
N THR C 43 5.54 1.44 -9.26
CA THR C 43 5.60 2.60 -8.34
C THR C 43 4.26 3.19 -7.80
N ALA C 44 3.30 3.22 -8.71
CA ALA C 44 1.93 3.68 -8.54
C ALA C 44 1.25 2.91 -7.39
N GLN C 45 1.42 1.60 -7.39
CA GLN C 45 0.87 0.73 -6.35
C GLN C 45 1.32 0.96 -4.95
N VAL C 46 2.55 1.44 -4.74
CA VAL C 46 2.97 1.61 -3.40
C VAL C 46 2.35 2.86 -2.84
N LYS C 47 2.31 4.00 -3.56
CA LYS C 47 1.64 5.22 -3.14
C LYS C 47 0.13 4.93 -2.90
N ILE C 48 -0.58 4.43 -3.94
CA ILE C 48 -2.01 4.01 -3.95
C ILE C 48 -2.19 3.08 -2.74
N TRP C 49 -1.22 2.19 -2.35
CA TRP C 49 -1.34 1.35 -1.13
C TRP C 49 -1.40 2.26 0.11
N PHE C 50 -0.42 3.11 0.38
CA PHE C 50 -0.31 3.84 1.67
C PHE C 50 -1.54 4.86 1.89
N LYS C 51 -2.04 5.33 0.74
CA LYS C 51 -3.32 6.11 0.63
C LYS C 51 -4.51 5.28 1.07
N ASN C 52 -4.66 4.13 0.46
CA ASN C 52 -5.81 3.34 0.93
C ASN C 52 -5.59 2.87 2.41
N ARG C 53 -4.34 2.57 2.84
CA ARG C 53 -4.03 2.11 4.19
C ARG C 53 -4.63 2.98 5.23
N ARG C 54 -4.36 4.30 5.12
CA ARG C 54 -4.82 5.29 6.09
C ARG C 54 -6.30 5.51 6.11
N ARG C 55 -6.87 5.70 4.88
CA ARG C 55 -8.29 5.85 4.67
C ARG C 55 -9.09 4.70 5.29
N ARG C 56 -8.78 3.49 5.00
CA ARG C 56 -9.20 2.20 5.62
C ARG C 56 -9.08 2.21 7.12
N HIS C 57 -7.89 2.47 7.58
CA HIS C 57 -7.51 2.58 9.00
C HIS C 57 -8.36 3.61 9.77
N LYS C 58 -8.47 4.85 9.37
CA LYS C 58 -9.47 5.77 9.98
C LYS C 58 -10.93 5.42 9.81
N ILE C 59 -11.33 4.95 8.62
CA ILE C 59 -12.75 4.53 8.36
C ILE C 59 -13.21 3.46 9.34
N GLN C 60 -12.29 2.50 9.53
CA GLN C 60 -12.41 1.39 10.54
C GLN C 60 -12.57 1.88 12.03
N SER C 61 -11.89 3.01 12.37
CA SER C 61 -12.15 3.62 13.70
C SER C 61 -13.53 4.28 13.80
N ASP C 62 -14.16 4.63 12.66
CA ASP C 62 -15.55 5.16 12.58
C ASP C 62 -16.71 4.07 12.41
N GLN C 63 -16.44 2.81 12.76
CA GLN C 63 -17.33 1.65 12.67
C GLN C 63 -17.39 0.95 14.04
N HIS C 64 -18.28 -0.04 14.11
CA HIS C 64 -18.54 -0.92 15.21
C HIS C 64 -17.24 -1.71 15.55
N LYS C 65 -17.16 -2.21 16.78
CA LYS C 65 -15.97 -2.83 17.39
C LYS C 65 -16.37 -4.07 18.17
N ASP C 66 -17.10 -5.01 17.59
CA ASP C 66 -17.54 -6.30 18.20
C ASP C 66 -17.41 -7.52 17.19
N GLN C 67 -16.90 -7.27 16.01
CA GLN C 67 -16.91 -8.15 14.81
C GLN C 67 -15.56 -8.35 14.13
N SER C 68 -14.54 -7.63 14.56
CA SER C 68 -13.13 -7.59 14.10
C SER C 68 -12.21 -7.95 15.25
N GLY C 1 -11.12 2.58 -10.84
CA GLY C 1 -11.51 1.32 -11.46
C GLY C 1 -10.33 0.23 -11.34
N PRO C 2 -10.45 -0.86 -10.57
CA PRO C 2 -9.30 -1.68 -10.23
C PRO C 2 -8.15 -2.02 -11.18
N ARG C 3 -8.46 -2.67 -12.25
CA ARG C 3 -7.54 -3.04 -13.30
C ARG C 3 -6.83 -1.89 -13.88
N ARG C 4 -7.36 -0.64 -13.88
CA ARG C 4 -6.83 0.55 -14.64
C ARG C 4 -5.35 0.84 -14.65
N THR C 5 -4.69 0.72 -13.55
CA THR C 5 -3.29 0.82 -13.40
C THR C 5 -2.49 0.05 -14.48
N ARG C 6 -1.18 0.38 -14.58
CA ARG C 6 -0.23 -0.33 -15.44
C ARG C 6 0.14 -1.73 -14.98
N THR C 7 -0.16 -2.07 -13.72
CA THR C 7 0.09 -3.38 -13.11
C THR C 7 -0.84 -3.67 -11.91
N THR C 8 -1.44 -4.87 -11.92
CA THR C 8 -2.28 -5.35 -10.79
C THR C 8 -1.40 -6.02 -9.73
N PHE C 9 -1.48 -5.57 -8.51
CA PHE C 9 -0.71 -6.19 -7.35
C PHE C 9 -1.03 -7.67 -7.10
N THR C 10 -0.15 -8.38 -6.38
CA THR C 10 -0.20 -9.74 -6.04
C THR C 10 -0.20 -9.92 -4.50
N SER C 11 -0.52 -11.14 -4.03
CA SER C 11 -0.51 -11.31 -2.53
C SER C 11 0.89 -11.34 -1.98
N SER C 12 1.93 -11.73 -2.72
CA SER C 12 3.35 -11.50 -2.40
C SER C 12 3.71 -10.02 -2.33
N GLN C 13 3.10 -9.17 -3.12
CA GLN C 13 3.26 -7.72 -3.07
C GLN C 13 2.56 -7.10 -1.85
N ILE C 14 1.31 -7.47 -1.55
CA ILE C 14 0.70 -6.92 -0.39
C ILE C 14 1.44 -7.47 0.85
N ALA C 15 2.01 -8.67 0.75
CA ALA C 15 2.85 -9.26 1.78
C ALA C 15 4.13 -8.39 2.03
N GLU C 16 4.85 -7.94 0.98
CA GLU C 16 5.87 -6.97 1.05
C GLU C 16 5.44 -5.61 1.59
N LEU C 17 4.40 -5.05 1.03
CA LEU C 17 3.92 -3.73 1.41
C LEU C 17 3.57 -3.67 2.90
N GLU C 18 2.96 -4.67 3.47
CA GLU C 18 2.69 -4.79 4.89
C GLU C 18 3.92 -4.96 5.76
N GLN C 19 4.88 -5.76 5.27
CA GLN C 19 6.09 -5.96 6.14
C GLN C 19 7.01 -4.72 6.16
N HIS C 20 7.25 -4.05 5.08
CA HIS C 20 8.03 -2.78 5.14
C HIS C 20 7.19 -1.58 5.70
N PHE C 21 5.88 -1.60 5.60
CA PHE C 21 5.02 -0.66 6.34
C PHE C 21 5.17 -0.81 7.88
N LEU C 22 5.34 -2.01 8.46
CA LEU C 22 5.74 -2.16 9.90
C LEU C 22 6.98 -1.25 10.29
N GLN C 23 7.87 -1.02 9.39
CA GLN C 23 9.06 -0.19 9.46
C GLN C 23 8.78 1.37 9.21
N GLY C 24 7.62 1.72 8.62
CA GLY C 24 7.13 3.06 8.51
C GLY C 24 5.69 3.08 7.96
N ARG C 25 4.84 3.70 8.78
CA ARG C 25 3.40 3.64 8.65
C ARG C 25 2.87 4.56 7.53
N TYR C 26 3.71 5.45 7.04
CA TYR C 26 3.53 6.27 5.78
C TYR C 26 4.78 6.45 4.96
N LEU C 27 4.65 7.03 3.74
CA LEU C 27 5.66 7.28 2.68
C LEU C 27 6.35 8.64 2.78
N THR C 28 7.46 8.56 2.12
CA THR C 28 8.41 9.59 1.64
C THR C 28 8.94 9.01 0.34
N ALA C 29 9.74 9.69 -0.41
CA ALA C 29 10.37 9.11 -1.66
C ALA C 29 11.28 7.94 -1.35
N PRO C 30 12.07 7.94 -0.23
CA PRO C 30 12.89 6.82 0.10
C PRO C 30 12.11 5.59 0.42
N ARG C 31 11.04 5.68 1.17
CA ARG C 31 10.09 4.52 1.42
C ARG C 31 9.41 4.06 0.06
N LEU C 32 8.85 5.08 -0.68
CA LEU C 32 8.19 4.77 -1.98
C LEU C 32 9.21 4.14 -3.02
N ALA C 33 10.45 4.62 -3.08
CA ALA C 33 11.59 4.09 -3.86
C ALA C 33 11.92 2.69 -3.37
N ASP C 34 12.16 2.47 -2.05
CA ASP C 34 12.61 1.19 -1.50
C ASP C 34 11.63 0.07 -1.79
N LEU C 35 10.38 0.29 -1.40
CA LEU C 35 9.39 -0.74 -1.42
C LEU C 35 8.97 -0.97 -2.78
N SER C 36 8.92 -0.02 -3.70
CA SER C 36 8.63 -0.41 -5.13
C SER C 36 9.84 -1.24 -5.67
N ALA C 37 11.10 -0.84 -5.32
CA ALA C 37 12.26 -1.65 -5.69
C ALA C 37 12.26 -3.10 -5.11
N LYS C 38 11.82 -3.34 -3.86
CA LYS C 38 11.71 -4.59 -3.09
C LYS C 38 10.42 -5.36 -3.44
N LEU C 39 9.29 -4.71 -3.71
CA LEU C 39 8.07 -5.29 -4.30
C LEU C 39 8.15 -5.68 -5.77
N ALA C 40 8.96 -4.97 -6.54
CA ALA C 40 9.02 -4.86 -7.98
C ALA C 40 7.73 -4.26 -8.54
N LEU C 41 7.56 -3.01 -8.30
CA LEU C 41 6.52 -2.16 -8.87
C LEU C 41 7.13 -0.80 -9.44
N GLY C 42 6.21 0.07 -9.97
CA GLY C 42 6.40 1.52 -10.18
C GLY C 42 6.38 2.16 -8.85
N THR C 43 7.04 3.34 -8.59
CA THR C 43 6.91 4.01 -7.29
C THR C 43 5.50 4.51 -7.02
N ALA C 44 4.72 4.86 -8.02
CA ALA C 44 3.40 5.40 -7.69
C ALA C 44 2.46 4.32 -7.09
N GLN C 45 2.74 3.03 -7.35
CA GLN C 45 1.92 1.91 -6.90
C GLN C 45 2.04 1.83 -5.37
N VAL C 46 3.18 2.18 -4.74
CA VAL C 46 3.36 2.26 -3.23
C VAL C 46 2.50 3.38 -2.65
N LYS C 47 2.56 4.54 -3.28
CA LYS C 47 1.69 5.73 -3.06
C LYS C 47 0.15 5.49 -3.05
N ILE C 48 -0.37 4.73 -4.01
CA ILE C 48 -1.74 4.25 -4.16
C ILE C 48 -1.98 3.20 -3.03
N TRP C 49 -1.11 2.15 -2.89
CA TRP C 49 -1.27 1.18 -1.75
C TRP C 49 -1.50 1.88 -0.46
N PHE C 50 -0.55 2.70 -0.07
CA PHE C 50 -0.55 3.25 1.24
C PHE C 50 -1.74 4.24 1.34
N LYS C 51 -1.89 5.20 0.41
CA LYS C 51 -3.01 6.17 0.46
C LYS C 51 -4.35 5.49 0.65
N ASN C 52 -4.64 4.48 -0.16
CA ASN C 52 -5.80 3.65 -0.22
C ASN C 52 -5.99 2.78 1.05
N ARG C 53 -5.00 2.06 1.55
CA ARG C 53 -5.08 1.12 2.72
C ARG C 53 -5.31 1.93 4.03
N ARG C 54 -4.53 2.95 4.36
CA ARG C 54 -4.68 3.81 5.59
C ARG C 54 -6.10 4.49 5.59
N ARG C 55 -6.54 5.07 4.46
CA ARG C 55 -7.89 5.58 4.31
C ARG C 55 -8.98 4.53 4.75
N ARG C 56 -8.84 3.35 4.19
CA ARG C 56 -9.81 2.26 4.50
C ARG C 56 -9.79 1.86 5.97
N HIS C 57 -8.64 1.83 6.59
CA HIS C 57 -8.61 1.52 7.96
C HIS C 57 -9.34 2.62 8.79
N LYS C 58 -8.88 3.85 8.79
CA LYS C 58 -9.42 4.94 9.63
C LYS C 58 -10.90 5.06 9.40
N ILE C 59 -11.47 4.80 8.21
CA ILE C 59 -12.94 4.83 7.99
C ILE C 59 -13.62 3.65 8.74
N GLN C 60 -13.06 2.40 8.65
CA GLN C 60 -13.62 1.30 9.32
C GLN C 60 -13.64 1.43 10.82
N SER C 61 -12.56 2.01 11.41
CA SER C 61 -12.41 2.42 12.82
C SER C 61 -13.47 3.49 13.18
N ASP C 62 -13.91 4.42 12.27
CA ASP C 62 -14.94 5.46 12.49
C ASP C 62 -16.32 4.82 12.52
N GLN C 63 -16.61 3.89 11.53
CA GLN C 63 -17.85 3.05 11.64
C GLN C 63 -17.87 2.06 12.76
N HIS C 64 -16.84 2.10 13.58
CA HIS C 64 -16.60 1.25 14.77
C HIS C 64 -16.66 -0.30 14.43
N LYS C 65 -15.92 -0.64 13.40
CA LYS C 65 -15.57 -2.00 12.96
C LYS C 65 -14.06 -2.21 13.10
N ASP C 66 -13.64 -3.45 13.01
CA ASP C 66 -12.24 -3.79 12.95
C ASP C 66 -11.82 -4.46 11.63
N GLN C 67 -10.50 -4.68 11.42
CA GLN C 67 -9.90 -5.32 10.25
C GLN C 67 -8.71 -6.27 10.62
N SER C 68 -8.17 -6.39 11.86
CA SER C 68 -7.08 -7.31 12.19
C SER C 68 -7.34 -8.04 13.49
N GLY C 1 -6.16 -0.38 -19.85
CA GLY C 1 -6.00 0.74 -20.79
C GLY C 1 -4.57 1.33 -20.70
N PRO C 2 -4.03 1.89 -21.77
CA PRO C 2 -2.67 2.45 -21.77
C PRO C 2 -2.51 3.77 -21.00
N ARG C 3 -3.66 4.43 -20.67
CA ARG C 3 -3.67 5.47 -19.67
C ARG C 3 -4.36 5.20 -18.32
N ARG C 4 -5.02 4.12 -18.13
CA ARG C 4 -5.52 3.64 -16.76
C ARG C 4 -5.91 2.12 -16.83
N THR C 5 -5.70 1.40 -15.74
CA THR C 5 -6.01 -0.03 -15.61
C THR C 5 -5.88 -0.48 -14.16
N ARG C 6 -5.62 -1.78 -13.87
CA ARG C 6 -5.48 -2.43 -12.57
C ARG C 6 -4.17 -3.17 -12.32
N THR C 7 -3.90 -3.49 -11.05
CA THR C 7 -2.90 -4.48 -10.59
C THR C 7 -3.67 -5.46 -9.73
N THR C 8 -3.23 -6.72 -9.69
CA THR C 8 -3.84 -7.79 -8.90
C THR C 8 -2.77 -8.39 -8.00
N PHE C 9 -2.66 -7.74 -6.85
CA PHE C 9 -1.57 -7.96 -5.99
C PHE C 9 -1.62 -9.34 -5.26
N THR C 10 -0.44 -9.82 -4.70
CA THR C 10 -0.38 -11.10 -3.98
C THR C 10 -0.42 -10.73 -2.50
N SER C 11 -0.90 -11.71 -1.68
CA SER C 11 -0.85 -11.62 -0.17
C SER C 11 0.56 -11.36 0.28
N SER C 12 1.56 -11.98 -0.29
CA SER C 12 2.99 -11.72 -0.15
C SER C 12 3.44 -10.28 -0.45
N GLN C 13 2.87 -9.72 -1.51
CA GLN C 13 3.07 -8.27 -1.81
C GLN C 13 2.46 -7.41 -0.68
N ILE C 14 1.22 -7.80 -0.32
CA ILE C 14 0.62 -7.12 0.83
C ILE C 14 1.41 -7.33 2.04
N ALA C 15 1.97 -8.52 2.18
CA ALA C 15 2.84 -8.81 3.36
C ALA C 15 4.17 -7.92 3.44
N GLU C 16 4.89 -7.73 2.40
CA GLU C 16 6.04 -6.86 2.22
C GLU C 16 5.65 -5.47 2.54
N LEU C 17 4.50 -5.07 1.88
CA LEU C 17 3.98 -3.73 1.78
C LEU C 17 3.63 -3.26 3.19
N GLU C 18 2.78 -3.96 3.92
CA GLU C 18 2.55 -3.72 5.33
C GLU C 18 3.81 -3.76 6.21
N GLN C 19 4.84 -4.56 5.90
CA GLN C 19 6.09 -4.70 6.66
C GLN C 19 6.96 -3.41 6.55
N HIS C 20 7.32 -3.01 5.33
CA HIS C 20 8.02 -1.76 5.10
C HIS C 20 7.09 -0.59 5.48
N PHE C 21 5.78 -0.64 5.35
CA PHE C 21 4.90 0.37 5.99
C PHE C 21 5.04 0.43 7.56
N LEU C 22 5.19 -0.71 8.23
CA LEU C 22 5.53 -0.69 9.66
C LEU C 22 6.78 0.21 9.93
N GLN C 23 7.81 0.29 9.07
CA GLN C 23 9.10 0.91 9.27
C GLN C 23 9.01 2.42 8.76
N GLY C 24 7.99 2.77 7.99
CA GLY C 24 7.73 4.20 7.63
C GLY C 24 6.31 4.39 7.10
N ARG C 25 5.46 4.97 7.97
CA ARG C 25 4.01 5.01 7.92
C ARG C 25 3.40 5.74 6.73
N TYR C 26 4.07 6.66 6.04
CA TYR C 26 3.72 7.45 4.81
C TYR C 26 4.83 7.29 3.77
N LEU C 27 4.55 7.25 2.44
CA LEU C 27 5.64 7.37 1.51
C LEU C 27 6.29 8.73 1.40
N THR C 28 7.45 8.54 0.85
CA THR C 28 8.40 9.57 0.27
C THR C 28 9.03 8.87 -0.99
N ALA C 29 9.54 9.72 -1.91
CA ALA C 29 10.25 9.24 -3.04
C ALA C 29 11.25 8.09 -2.74
N PRO C 30 12.16 8.16 -1.71
CA PRO C 30 12.85 6.95 -1.26
C PRO C 30 11.99 5.70 -0.82
N ARG C 31 10.91 5.81 -0.03
CA ARG C 31 10.14 4.69 0.53
C ARG C 31 9.49 3.91 -0.63
N LEU C 32 8.85 4.74 -1.50
CA LEU C 32 8.08 4.47 -2.71
C LEU C 32 8.94 3.72 -3.70
N ALA C 33 10.12 4.21 -3.98
CA ALA C 33 11.07 3.65 -4.93
C ALA C 33 11.72 2.40 -4.30
N ASP C 34 12.04 2.35 -3.02
CA ASP C 34 12.51 1.15 -2.38
C ASP C 34 11.55 -0.07 -2.47
N LEU C 35 10.31 0.05 -2.07
CA LEU C 35 9.30 -0.98 -2.31
C LEU C 35 9.15 -1.30 -3.77
N SER C 36 9.21 -0.26 -4.64
CA SER C 36 8.95 -0.54 -6.07
C SER C 36 9.92 -1.63 -6.58
N ALA C 37 11.18 -1.51 -6.22
CA ALA C 37 12.23 -2.49 -6.49
C ALA C 37 11.95 -3.80 -5.77
N LYS C 38 11.48 -3.81 -4.47
CA LYS C 38 11.43 -4.97 -3.60
C LYS C 38 10.21 -5.85 -3.91
N LEU C 39 9.08 -5.17 -4.08
CA LEU C 39 7.72 -5.71 -4.45
C LEU C 39 7.67 -6.11 -5.95
N ALA C 40 8.52 -5.60 -6.80
CA ALA C 40 8.38 -5.58 -8.24
C ALA C 40 7.02 -4.92 -8.65
N LEU C 41 6.88 -3.56 -8.49
CA LEU C 41 5.69 -2.76 -8.69
C LEU C 41 5.95 -1.35 -9.40
N GLY C 42 4.89 -0.70 -9.90
CA GLY C 42 4.91 0.66 -10.35
C GLY C 42 5.13 1.60 -9.13
N THR C 43 5.85 2.77 -9.20
CA THR C 43 5.97 3.73 -8.11
C THR C 43 4.58 4.14 -7.64
N ALA C 44 3.70 4.42 -8.60
CA ALA C 44 2.35 4.76 -8.37
C ALA C 44 1.47 3.70 -7.57
N GLN C 45 1.70 2.41 -7.80
CA GLN C 45 1.05 1.38 -7.03
C GLN C 45 1.45 1.50 -5.53
N VAL C 46 2.65 1.88 -5.13
CA VAL C 46 3.01 1.94 -3.68
C VAL C 46 2.33 3.04 -2.96
N LYS C 47 2.27 4.26 -3.54
CA LYS C 47 1.39 5.40 -3.01
C LYS C 47 -0.03 4.88 -2.80
N ILE C 48 -0.56 4.40 -3.89
CA ILE C 48 -2.03 4.05 -3.96
C ILE C 48 -2.37 2.84 -3.11
N TRP C 49 -1.48 1.84 -2.92
CA TRP C 49 -1.62 0.76 -2.02
C TRP C 49 -1.63 1.19 -0.58
N PHE C 50 -0.66 2.04 -0.15
CA PHE C 50 -0.89 2.64 1.16
C PHE C 50 -2.21 3.45 1.26
N LYS C 51 -2.56 4.20 0.23
CA LYS C 51 -3.79 5.03 0.24
C LYS C 51 -5.01 4.23 0.49
N ASN C 52 -5.31 3.16 -0.26
CA ASN C 52 -6.51 2.36 0.10
C ASN C 52 -6.34 1.67 1.45
N ARG C 53 -5.18 1.08 1.69
CA ARG C 53 -4.99 0.29 2.92
C ARG C 53 -5.18 1.21 4.15
N ARG C 54 -4.48 2.32 4.30
CA ARG C 54 -4.56 3.22 5.45
C ARG C 54 -5.96 3.72 5.60
N ARG C 55 -6.57 4.07 4.44
CA ARG C 55 -7.95 4.56 4.41
C ARG C 55 -9.01 3.56 4.90
N ARG C 56 -8.90 2.36 4.29
CA ARG C 56 -9.75 1.20 4.70
C ARG C 56 -9.61 0.80 6.17
N HIS C 57 -8.41 0.71 6.70
CA HIS C 57 -8.15 0.22 8.04
C HIS C 57 -8.79 1.22 9.02
N LYS C 58 -8.55 2.54 8.78
CA LYS C 58 -9.04 3.65 9.61
C LYS C 58 -10.53 3.69 9.64
N ILE C 59 -11.21 3.59 8.53
CA ILE C 59 -12.71 3.47 8.47
C ILE C 59 -13.29 2.27 9.23
N GLN C 60 -12.89 1.03 8.87
CA GLN C 60 -13.20 -0.30 9.49
C GLN C 60 -13.06 -0.32 10.97
N SER C 61 -11.92 0.18 11.55
CA SER C 61 -11.77 0.29 12.97
C SER C 61 -12.63 1.35 13.62
N ASP C 62 -13.38 2.18 12.85
CA ASP C 62 -14.44 3.02 13.39
C ASP C 62 -15.86 2.42 13.26
N GLN C 63 -15.96 1.23 12.65
CA GLN C 63 -17.23 0.52 12.48
C GLN C 63 -17.35 -0.87 13.17
N HIS C 64 -16.27 -1.67 13.15
CA HIS C 64 -16.23 -2.99 13.71
C HIS C 64 -16.07 -3.20 15.25
N LYS C 65 -15.87 -2.07 15.94
CA LYS C 65 -15.87 -2.02 17.42
C LYS C 65 -14.63 -2.66 18.08
N ASP C 66 -14.70 -2.70 19.41
CA ASP C 66 -13.61 -3.22 20.29
C ASP C 66 -12.12 -2.86 19.97
N GLN C 67 -11.87 -1.85 19.14
CA GLN C 67 -10.52 -1.30 18.88
C GLN C 67 -10.22 -0.06 19.69
N SER C 68 -11.26 0.48 20.35
CA SER C 68 -11.07 1.70 21.12
C SER C 68 -11.79 1.69 22.48
N GLY C 1 -11.60 3.02 -19.04
CA GLY C 1 -10.84 2.79 -20.27
C GLY C 1 -11.07 1.45 -20.90
N PRO C 2 -10.69 1.12 -22.15
CA PRO C 2 -10.75 -0.19 -22.75
C PRO C 2 -10.21 -1.40 -21.91
N ARG C 3 -9.01 -1.29 -21.31
CA ARG C 3 -8.33 -2.19 -20.40
C ARG C 3 -7.31 -1.47 -19.53
N ARG C 4 -7.59 -1.33 -18.21
CA ARG C 4 -6.67 -0.69 -17.21
C ARG C 4 -6.77 -1.42 -15.85
N THR C 5 -5.70 -1.28 -15.05
CA THR C 5 -5.38 -1.98 -13.80
C THR C 5 -5.97 -1.45 -12.52
N ARG C 6 -6.35 -2.34 -11.60
CA ARG C 6 -6.73 -2.04 -10.21
C ARG C 6 -6.15 -3.11 -9.34
N THR C 7 -4.81 -2.95 -9.27
CA THR C 7 -3.72 -3.71 -8.59
C THR C 7 -4.28 -4.11 -7.23
N THR C 8 -4.53 -5.39 -7.20
CA THR C 8 -4.85 -6.18 -5.96
C THR C 8 -3.62 -7.00 -5.65
N PHE C 9 -2.91 -6.51 -4.64
CA PHE C 9 -1.68 -7.07 -4.13
C PHE C 9 -1.79 -8.53 -3.81
N THR C 10 -0.68 -9.29 -3.92
CA THR C 10 -0.55 -10.68 -3.35
C THR C 10 -0.17 -10.58 -1.90
N SER C 11 -0.21 -11.70 -1.15
CA SER C 11 0.15 -11.62 0.29
C SER C 11 1.63 -11.18 0.39
N SER C 12 2.44 -11.60 -0.58
CA SER C 12 3.90 -11.29 -0.60
C SER C 12 4.23 -9.82 -0.78
N GLN C 13 3.47 -9.06 -1.52
CA GLN C 13 3.64 -7.64 -1.80
C GLN C 13 3.14 -6.84 -0.62
N ILE C 14 2.03 -7.26 0.01
CA ILE C 14 1.61 -6.67 1.32
C ILE C 14 2.66 -6.97 2.38
N ALA C 15 3.30 -8.09 2.31
CA ALA C 15 4.40 -8.50 3.21
C ALA C 15 5.55 -7.56 3.14
N GLU C 16 6.07 -7.20 1.96
CA GLU C 16 7.14 -6.19 1.73
C GLU C 16 6.73 -4.83 2.10
N LEU C 17 5.60 -4.42 1.56
CA LEU C 17 5.13 -3.07 1.76
C LEU C 17 5.03 -2.79 3.27
N GLU C 18 4.51 -3.77 4.06
CA GLU C 18 4.57 -3.67 5.54
C GLU C 18 6.03 -3.78 6.03
N GLN C 19 6.87 -4.78 5.70
CA GLN C 19 8.27 -4.78 6.08
C GLN C 19 9.06 -3.43 5.89
N HIS C 20 8.96 -2.76 4.77
CA HIS C 20 9.48 -1.50 4.54
C HIS C 20 8.73 -0.34 5.24
N PHE C 21 7.42 -0.33 5.33
CA PHE C 21 6.66 0.58 6.22
C PHE C 21 7.19 0.54 7.68
N LEU C 22 7.68 -0.58 8.18
CA LEU C 22 8.34 -0.57 9.51
C LEU C 22 9.53 0.44 9.73
N GLN C 23 10.21 0.67 8.62
CA GLN C 23 11.31 1.59 8.49
C GLN C 23 10.85 3.07 8.43
N GLY C 24 9.59 3.32 8.10
CA GLY C 24 9.01 4.64 8.27
C GLY C 24 7.49 4.64 7.89
N ARG C 25 6.67 5.28 8.81
CA ARG C 25 5.19 5.12 8.79
C ARG C 25 4.54 5.71 7.50
N TYR C 26 5.19 6.68 6.91
CA TYR C 26 4.72 7.56 5.79
C TYR C 26 5.58 7.45 4.54
N LEU C 27 5.06 7.52 3.31
CA LEU C 27 5.83 7.25 2.07
C LEU C 27 6.75 8.44 1.81
N THR C 28 7.80 8.28 1.00
CA THR C 28 8.50 9.45 0.38
C THR C 28 9.00 9.02 -0.99
N ALA C 29 9.44 9.94 -1.92
CA ALA C 29 9.79 9.53 -3.28
C ALA C 29 10.97 8.53 -3.36
N PRO C 30 12.01 8.59 -2.45
CA PRO C 30 13.01 7.51 -2.37
C PRO C 30 12.32 6.14 -1.92
N ARG C 31 11.42 6.05 -0.97
CA ARG C 31 10.67 4.82 -0.52
C ARG C 31 9.78 4.37 -1.73
N LEU C 32 9.00 5.22 -2.36
CA LEU C 32 8.16 4.85 -3.52
C LEU C 32 9.01 4.14 -4.59
N ALA C 33 10.18 4.64 -4.75
CA ALA C 33 11.21 4.00 -5.59
C ALA C 33 11.92 2.73 -5.05
N ASP C 34 12.38 2.72 -3.82
CA ASP C 34 13.11 1.63 -3.21
C ASP C 34 12.16 0.47 -3.04
N LEU C 35 10.90 0.70 -2.59
CA LEU C 35 9.84 -0.35 -2.67
C LEU C 35 9.42 -0.72 -4.15
N SER C 36 9.39 0.13 -5.18
CA SER C 36 9.12 -0.25 -6.60
C SER C 36 9.97 -1.36 -7.24
N ALA C 37 11.26 -1.19 -7.00
CA ALA C 37 12.32 -2.10 -7.29
C ALA C 37 12.26 -3.46 -6.51
N LYS C 38 12.02 -3.39 -5.21
CA LYS C 38 11.76 -4.57 -4.33
C LYS C 38 10.39 -5.34 -4.66
N LEU C 39 9.25 -4.56 -4.64
CA LEU C 39 7.87 -5.13 -4.80
C LEU C 39 7.59 -5.41 -6.25
N ALA C 40 8.44 -4.93 -7.15
CA ALA C 40 8.51 -5.32 -8.57
C ALA C 40 7.21 -4.88 -9.29
N LEU C 41 6.67 -3.73 -8.85
CA LEU C 41 5.50 -3.04 -9.40
C LEU C 41 5.83 -1.55 -9.41
N GLY C 42 5.02 -0.85 -10.17
CA GLY C 42 5.14 0.68 -10.37
C GLY C 42 5.02 1.47 -9.07
N THR C 43 5.74 2.61 -9.07
CA THR C 43 5.96 3.53 -7.96
C THR C 43 4.57 4.01 -7.40
N ALA C 44 3.65 4.39 -8.30
CA ALA C 44 2.39 4.84 -7.89
C ALA C 44 1.59 3.81 -7.02
N GLN C 45 1.73 2.53 -7.35
CA GLN C 45 1.07 1.38 -6.64
C GLN C 45 1.56 1.26 -5.17
N VAL C 46 2.73 1.75 -4.84
CA VAL C 46 3.16 1.94 -3.46
C VAL C 46 2.48 3.12 -2.79
N LYS C 47 2.30 4.33 -3.40
CA LYS C 47 1.45 5.40 -2.87
C LYS C 47 0.06 4.92 -2.72
N ILE C 48 -0.51 4.37 -3.76
CA ILE C 48 -1.88 3.94 -3.66
C ILE C 48 -2.17 2.87 -2.60
N TRP C 49 -1.18 2.00 -2.37
CA TRP C 49 -1.28 1.01 -1.18
C TRP C 49 -1.09 1.65 0.22
N PHE C 50 -0.10 2.52 0.49
CA PHE C 50 -0.06 3.25 1.76
C PHE C 50 -1.36 4.04 2.01
N LYS C 51 -1.78 4.73 0.89
CA LYS C 51 -2.95 5.56 0.87
C LYS C 51 -4.23 4.81 1.09
N ASN C 52 -4.47 3.75 0.29
CA ASN C 52 -5.63 2.88 0.45
C ASN C 52 -5.71 2.23 1.84
N ARG C 53 -4.55 1.87 2.45
CA ARG C 53 -4.40 1.33 3.82
C ARG C 53 -5.03 2.36 4.82
N ARG C 54 -4.67 3.66 4.65
CA ARG C 54 -5.23 4.78 5.52
C ARG C 54 -6.72 4.77 5.45
N ARG C 55 -7.28 4.71 4.17
CA ARG C 55 -8.76 4.82 3.94
C ARG C 55 -9.52 3.61 4.42
N ARG C 56 -9.10 2.41 4.05
CA ARG C 56 -9.65 1.18 4.60
C ARG C 56 -9.75 1.08 6.09
N HIS C 57 -8.64 1.41 6.74
CA HIS C 57 -8.69 1.45 8.25
C HIS C 57 -9.76 2.45 8.79
N LYS C 58 -9.82 3.75 8.29
CA LYS C 58 -10.79 4.74 8.87
C LYS C 58 -12.24 4.37 8.53
N ILE C 59 -12.44 3.91 7.30
CA ILE C 59 -13.80 3.53 6.73
C ILE C 59 -14.39 2.42 7.57
N GLN C 60 -13.62 1.41 7.92
CA GLN C 60 -13.96 0.37 8.91
C GLN C 60 -14.14 0.81 10.32
N SER C 61 -13.41 1.82 10.81
CA SER C 61 -13.65 2.46 12.13
C SER C 61 -15.08 3.11 12.14
N ASP C 62 -15.81 3.36 11.03
CA ASP C 62 -17.12 3.97 10.91
C ASP C 62 -18.30 2.93 10.89
N GLN C 63 -17.99 1.60 10.84
CA GLN C 63 -19.03 0.59 10.64
C GLN C 63 -18.86 -0.80 11.31
N HIS C 64 -17.68 -1.46 11.21
CA HIS C 64 -17.18 -2.70 11.95
C HIS C 64 -15.70 -2.96 11.45
N LYS C 65 -14.84 -3.50 12.32
CA LYS C 65 -13.45 -3.77 11.86
C LYS C 65 -13.11 -5.27 11.71
N ASP C 66 -12.57 -5.69 10.58
CA ASP C 66 -12.08 -7.04 10.40
C ASP C 66 -10.89 -7.43 11.32
N GLN C 67 -10.31 -6.42 11.95
CA GLN C 67 -9.11 -6.65 12.76
C GLN C 67 -9.57 -6.90 14.20
N SER C 68 -10.36 -6.07 14.86
CA SER C 68 -10.91 -6.15 16.26
C SER C 68 -11.53 -7.53 16.57
N GLY C 1 -11.62 2.67 -20.50
CA GLY C 1 -10.28 3.34 -20.47
C GLY C 1 -9.15 2.28 -20.44
N PRO C 2 -8.43 2.01 -21.48
CA PRO C 2 -7.38 1.02 -21.74
C PRO C 2 -6.46 0.93 -20.51
N ARG C 3 -6.17 1.99 -19.76
CA ARG C 3 -5.23 2.05 -18.66
C ARG C 3 -5.81 2.81 -17.48
N ARG C 4 -7.06 2.52 -17.05
CA ARG C 4 -7.65 3.00 -15.79
C ARG C 4 -6.98 2.36 -14.54
N THR C 5 -6.27 1.27 -14.72
CA THR C 5 -5.63 0.56 -13.61
C THR C 5 -4.47 -0.24 -14.14
N ARG C 6 -3.66 -0.75 -13.25
CA ARG C 6 -2.33 -1.32 -13.38
C ARG C 6 -2.06 -2.61 -12.59
N THR C 7 -2.42 -2.56 -11.34
CA THR C 7 -2.07 -3.57 -10.30
C THR C 7 -3.26 -4.17 -9.59
N THR C 8 -3.16 -5.47 -9.32
CA THR C 8 -3.84 -6.23 -8.27
C THR C 8 -2.73 -6.71 -7.41
N PHE C 9 -2.46 -6.10 -6.25
CA PHE C 9 -1.42 -6.51 -5.24
C PHE C 9 -1.68 -8.02 -4.82
N THR C 10 -0.56 -8.78 -4.60
CA THR C 10 -0.44 -10.13 -4.12
C THR C 10 -0.04 -10.17 -2.65
N SER C 11 -0.15 -11.31 -2.02
CA SER C 11 0.12 -11.52 -0.57
C SER C 11 1.58 -11.29 -0.29
N SER C 12 2.50 -11.77 -1.17
CA SER C 12 3.97 -11.43 -1.08
C SER C 12 4.31 -10.01 -1.44
N GLN C 13 3.56 -9.34 -2.28
CA GLN C 13 3.72 -7.87 -2.30
C GLN C 13 3.32 -7.12 -0.97
N ILE C 14 2.16 -7.40 -0.39
CA ILE C 14 1.86 -6.81 0.97
C ILE C 14 2.87 -7.32 2.02
N ALA C 15 3.46 -8.49 1.94
CA ALA C 15 4.46 -8.93 2.94
C ALA C 15 5.75 -7.99 2.82
N GLU C 16 6.39 -7.80 1.67
CA GLU C 16 7.48 -6.92 1.39
C GLU C 16 7.20 -5.48 1.80
N LEU C 17 6.03 -4.95 1.26
CA LEU C 17 5.58 -3.64 1.62
C LEU C 17 5.44 -3.45 3.11
N GLU C 18 5.02 -4.48 3.87
CA GLU C 18 4.85 -4.32 5.29
C GLU C 18 6.21 -4.17 6.03
N GLN C 19 7.10 -5.04 5.65
CA GLN C 19 8.46 -5.21 6.22
C GLN C 19 9.25 -3.87 6.02
N HIS C 20 9.22 -3.37 4.78
CA HIS C 20 10.04 -2.15 4.56
C HIS C 20 9.34 -0.90 5.19
N PHE C 21 8.02 -0.88 5.14
CA PHE C 21 7.24 0.01 5.95
C PHE C 21 7.65 -0.03 7.41
N LEU C 22 7.98 -1.15 7.98
CA LEU C 22 8.57 -1.25 9.38
C LEU C 22 9.90 -0.48 9.53
N GLN C 23 10.65 -0.26 8.46
CA GLN C 23 11.80 0.59 8.38
C GLN C 23 11.51 2.11 8.21
N GLY C 24 10.39 2.38 7.52
CA GLY C 24 9.97 3.74 7.14
C GLY C 24 8.35 3.79 6.99
N ARG C 25 7.68 4.40 7.99
CA ARG C 25 6.20 4.39 8.09
C ARG C 25 5.47 5.14 6.98
N TYR C 26 6.07 6.10 6.32
CA TYR C 26 5.57 6.78 5.13
C TYR C 26 6.56 6.91 4.01
N LEU C 27 6.02 7.01 2.77
CA LEU C 27 6.92 6.95 1.62
C LEU C 27 7.71 8.32 1.51
N THR C 28 8.93 8.09 1.10
CA THR C 28 9.81 9.08 0.54
C THR C 28 10.13 8.53 -0.90
N ALA C 29 10.70 9.37 -1.80
CA ALA C 29 11.10 9.03 -3.14
C ALA C 29 12.11 7.85 -3.12
N PRO C 30 13.12 7.80 -2.28
CA PRO C 30 13.92 6.50 -2.18
C PRO C 30 13.08 5.34 -1.61
N ARG C 31 12.26 5.55 -0.59
CA ARG C 31 11.40 4.37 -0.02
C ARG C 31 10.53 3.66 -1.10
N LEU C 32 9.73 4.48 -1.76
CA LEU C 32 8.90 4.28 -2.87
C LEU C 32 9.75 3.71 -4.11
N ALA C 33 10.93 4.27 -4.50
CA ALA C 33 11.73 3.82 -5.63
C ALA C 33 12.32 2.42 -5.47
N ASP C 34 12.86 2.19 -4.25
CA ASP C 34 13.46 0.94 -3.83
C ASP C 34 12.46 -0.15 -3.50
N LEU C 35 11.28 0.20 -2.93
CA LEU C 35 10.23 -0.84 -2.72
C LEU C 35 9.63 -1.28 -4.13
N SER C 36 9.33 -0.27 -5.00
CA SER C 36 9.00 -0.41 -6.44
C SER C 36 9.98 -1.39 -7.09
N ALA C 37 11.28 -1.15 -6.98
CA ALA C 37 12.37 -2.09 -7.47
C ALA C 37 12.36 -3.48 -6.80
N LYS C 38 12.15 -3.65 -5.46
CA LYS C 38 12.03 -4.98 -4.70
C LYS C 38 10.70 -5.66 -5.16
N LEU C 39 9.53 -5.11 -4.82
CA LEU C 39 8.12 -5.55 -5.03
C LEU C 39 7.89 -5.84 -6.53
N ALA C 40 8.66 -5.23 -7.50
CA ALA C 40 8.44 -5.47 -8.92
C ALA C 40 7.07 -4.99 -9.49
N LEU C 41 6.66 -3.87 -9.01
CA LEU C 41 5.53 -3.01 -9.53
C LEU C 41 5.87 -1.49 -9.46
N GLY C 42 4.95 -0.63 -9.98
CA GLY C 42 5.19 0.78 -10.23
C GLY C 42 5.52 1.67 -9.01
N THR C 43 6.28 2.75 -9.15
CA THR C 43 6.46 3.82 -8.16
C THR C 43 5.11 4.28 -7.58
N ALA C 44 4.09 4.45 -8.40
CA ALA C 44 2.75 4.98 -8.10
C ALA C 44 2.05 4.02 -7.25
N GLN C 45 2.11 2.70 -7.53
CA GLN C 45 1.45 1.70 -6.69
C GLN C 45 2.06 1.59 -5.31
N VAL C 46 3.32 1.93 -5.05
CA VAL C 46 3.84 1.87 -3.72
C VAL C 46 3.13 2.89 -2.81
N LYS C 47 2.92 4.12 -3.25
CA LYS C 47 2.05 5.13 -2.71
C LYS C 47 0.58 4.78 -2.64
N ILE C 48 0.00 4.22 -3.74
CA ILE C 48 -1.41 3.83 -3.64
C ILE C 48 -1.53 2.81 -2.53
N TRP C 49 -0.54 1.89 -2.33
CA TRP C 49 -0.70 0.78 -1.34
C TRP C 49 -0.78 1.40 0.05
N PHE C 50 0.22 2.26 0.33
CA PHE C 50 0.26 2.96 1.66
C PHE C 50 -1.09 3.54 1.97
N LYS C 51 -1.71 4.30 1.02
CA LYS C 51 -3.08 4.80 1.10
C LYS C 51 -4.20 3.80 1.31
N ASN C 52 -4.24 2.81 0.39
CA ASN C 52 -5.15 1.68 0.37
C ASN C 52 -5.17 0.86 1.68
N ARG C 53 -4.01 0.66 2.38
CA ARG C 53 -3.77 0.06 3.77
C ARG C 53 -4.40 0.90 4.89
N ARG C 54 -4.05 2.21 4.97
CA ARG C 54 -4.58 3.15 5.98
C ARG C 54 -6.10 3.41 5.87
N ARG C 55 -6.57 3.66 4.65
CA ARG C 55 -7.93 3.98 4.25
C ARG C 55 -8.83 2.79 4.64
N ARG C 56 -8.45 1.54 4.24
CA ARG C 56 -9.25 0.35 4.69
C ARG C 56 -9.37 0.23 6.25
N HIS C 57 -8.26 0.31 6.97
CA HIS C 57 -8.06 0.07 8.38
C HIS C 57 -8.99 0.99 9.20
N LYS C 58 -8.91 2.30 8.80
CA LYS C 58 -9.72 3.43 9.40
C LYS C 58 -11.19 3.49 9.11
N ILE C 59 -11.52 3.08 7.91
CA ILE C 59 -12.93 2.78 7.56
C ILE C 59 -13.55 1.68 8.40
N GLN C 60 -12.94 0.46 8.41
CA GLN C 60 -13.37 -0.62 9.26
C GLN C 60 -13.38 -0.26 10.72
N SER C 61 -12.48 0.59 11.18
CA SER C 61 -12.56 1.19 12.53
C SER C 61 -13.74 2.18 12.77
N ASP C 62 -14.53 2.53 11.76
CA ASP C 62 -15.75 3.40 11.89
C ASP C 62 -17.10 2.66 11.51
N GLN C 63 -16.90 1.47 10.92
CA GLN C 63 -17.97 0.64 10.33
C GLN C 63 -18.61 -0.29 11.38
N HIS C 64 -19.92 0.02 11.67
CA HIS C 64 -20.72 -0.60 12.75
C HIS C 64 -19.88 -0.72 14.03
N LYS C 65 -19.26 0.44 14.41
CA LYS C 65 -18.18 0.58 15.44
C LYS C 65 -18.48 -0.11 16.72
N ASP C 66 -19.65 0.30 17.25
CA ASP C 66 -20.32 -0.07 18.50
C ASP C 66 -19.51 0.02 19.82
N GLN C 67 -18.42 0.74 19.87
CA GLN C 67 -17.63 0.96 21.09
C GLN C 67 -17.11 2.42 21.04
N SER C 68 -17.19 3.23 22.11
CA SER C 68 -16.58 4.56 22.27
C SER C 68 -16.22 4.85 23.74
N GLY C 1 -8.33 -1.57 -17.47
CA GLY C 1 -8.89 -0.25 -17.46
C GLY C 1 -8.05 0.74 -18.19
N PRO C 2 -8.56 1.39 -19.23
CA PRO C 2 -7.90 2.48 -19.90
C PRO C 2 -7.80 3.81 -19.10
N ARG C 3 -8.48 3.94 -17.94
CA ARG C 3 -8.48 5.14 -17.08
C ARG C 3 -8.05 4.66 -15.72
N ARG C 4 -7.18 3.58 -15.63
CA ARG C 4 -6.63 2.86 -14.41
C ARG C 4 -5.21 2.39 -14.63
N THR C 5 -4.46 1.93 -13.60
CA THR C 5 -3.14 1.33 -13.70
C THR C 5 -3.13 -0.09 -14.29
N ARG C 6 -2.03 -0.61 -14.77
CA ARG C 6 -2.03 -2.01 -15.39
C ARG C 6 -1.57 -3.15 -14.36
N THR C 7 -1.39 -2.81 -13.08
CA THR C 7 -1.17 -3.66 -11.92
C THR C 7 -2.47 -4.11 -11.20
N THR C 8 -2.41 -5.35 -10.65
CA THR C 8 -3.44 -5.94 -9.92
C THR C 8 -2.56 -6.89 -9.02
N PHE C 9 -2.39 -6.49 -7.75
CA PHE C 9 -1.45 -7.09 -6.79
C PHE C 9 -1.65 -8.60 -6.54
N THR C 10 -0.50 -9.27 -6.31
CA THR C 10 -0.42 -10.74 -6.02
C THR C 10 -0.19 -11.00 -4.52
N SER C 11 -0.35 -12.21 -4.04
CA SER C 11 -0.02 -12.59 -2.63
C SER C 11 1.39 -12.26 -2.12
N SER C 12 2.38 -12.42 -3.02
CA SER C 12 3.75 -12.03 -2.89
C SER C 12 4.03 -10.53 -2.82
N GLN C 13 3.29 -9.65 -3.57
CA GLN C 13 3.37 -8.21 -3.50
C GLN C 13 2.71 -7.68 -2.19
N ILE C 14 1.47 -8.10 -1.88
CA ILE C 14 0.93 -7.83 -0.55
C ILE C 14 2.03 -8.27 0.50
N ALA C 15 2.77 -9.40 0.24
CA ALA C 15 3.76 -9.93 1.17
C ALA C 15 5.04 -9.02 1.33
N GLU C 16 5.58 -8.43 0.21
CA GLU C 16 6.64 -7.45 0.31
C GLU C 16 6.08 -6.23 0.88
N LEU C 17 4.93 -5.74 0.43
CA LEU C 17 4.32 -4.44 0.87
C LEU C 17 4.17 -4.45 2.40
N GLU C 18 3.61 -5.48 3.06
CA GLU C 18 3.58 -5.64 4.46
C GLU C 18 4.95 -5.74 5.11
N GLN C 19 5.77 -6.65 4.62
CA GLN C 19 7.11 -6.81 5.21
C GLN C 19 7.90 -5.46 5.23
N HIS C 20 7.95 -4.60 4.22
CA HIS C 20 8.66 -3.36 4.31
C HIS C 20 7.82 -2.29 5.02
N PHE C 21 6.47 -2.36 4.99
CA PHE C 21 5.65 -1.59 5.97
C PHE C 21 6.08 -1.75 7.44
N LEU C 22 6.39 -2.95 7.88
CA LEU C 22 6.89 -3.22 9.28
C LEU C 22 7.96 -2.21 9.69
N GLN C 23 8.79 -1.87 8.72
CA GLN C 23 9.85 -0.86 8.85
C GLN C 23 9.52 0.66 8.72
N GLY C 24 8.36 1.00 8.09
CA GLY C 24 8.00 2.34 7.81
C GLY C 24 6.58 2.35 7.34
N ARG C 25 5.67 2.66 8.28
CA ARG C 25 4.23 2.34 8.13
C ARG C 25 3.43 3.14 7.14
N TYR C 26 3.95 4.26 6.61
CA TYR C 26 3.51 5.02 5.45
C TYR C 26 4.79 5.61 4.78
N LEU C 27 4.64 6.01 3.52
CA LEU C 27 5.82 6.29 2.63
C LEU C 27 6.38 7.69 2.71
N THR C 28 7.57 7.75 2.00
CA THR C 28 8.37 8.89 1.65
C THR C 28 9.08 8.52 0.31
N ALA C 29 9.66 9.42 -0.52
CA ALA C 29 10.36 9.10 -1.83
C ALA C 29 11.43 7.98 -1.66
N PRO C 30 12.24 7.95 -0.68
CA PRO C 30 13.08 6.79 -0.35
C PRO C 30 12.41 5.46 -0.12
N ARG C 31 11.32 5.53 0.62
CA ARG C 31 10.52 4.34 0.94
C ARG C 31 9.73 3.77 -0.20
N LEU C 32 9.05 4.65 -0.89
CA LEU C 32 8.33 4.24 -2.09
C LEU C 32 9.31 3.68 -3.16
N ALA C 33 10.42 4.38 -3.46
CA ALA C 33 11.46 3.89 -4.40
C ALA C 33 12.01 2.50 -4.03
N ASP C 34 12.43 2.33 -2.76
CA ASP C 34 13.08 1.12 -2.25
C ASP C 34 12.14 -0.08 -2.45
N LEU C 35 10.88 -0.11 -1.94
CA LEU C 35 9.92 -1.18 -2.23
C LEU C 35 9.45 -1.36 -3.65
N SER C 36 9.43 -0.25 -4.45
CA SER C 36 9.11 -0.44 -5.88
C SER C 36 10.20 -1.35 -6.51
N ALA C 37 11.47 -1.11 -6.07
CA ALA C 37 12.65 -1.87 -6.50
C ALA C 37 12.44 -3.34 -6.15
N LYS C 38 12.06 -3.60 -4.87
CA LYS C 38 11.85 -4.96 -4.29
C LYS C 38 10.61 -5.69 -4.89
N LEU C 39 9.42 -5.13 -4.85
CA LEU C 39 8.12 -5.58 -5.48
C LEU C 39 8.12 -5.66 -6.98
N ALA C 40 8.98 -4.91 -7.56
CA ALA C 40 9.17 -5.02 -9.02
C ALA C 40 8.00 -4.28 -9.76
N LEU C 41 7.68 -3.14 -9.22
CA LEU C 41 6.57 -2.30 -9.54
C LEU C 41 6.98 -0.85 -9.84
N GLY C 42 6.03 0.02 -10.26
CA GLY C 42 6.21 1.44 -10.35
C GLY C 42 6.05 2.07 -8.92
N THR C 43 6.60 3.22 -8.71
CA THR C 43 6.65 3.89 -7.35
C THR C 43 5.25 4.24 -6.94
N ALA C 44 4.43 4.61 -7.91
CA ALA C 44 3.04 5.01 -7.61
C ALA C 44 2.22 3.88 -6.94
N GLN C 45 2.35 2.69 -7.41
CA GLN C 45 1.69 1.54 -6.78
C GLN C 45 2.08 1.20 -5.31
N VAL C 46 3.26 1.59 -4.90
CA VAL C 46 3.62 1.46 -3.49
C VAL C 46 2.79 2.45 -2.66
N LYS C 47 2.77 3.68 -3.00
CA LYS C 47 1.89 4.73 -2.44
C LYS C 47 0.48 4.33 -2.45
N ILE C 48 -0.05 3.98 -3.62
CA ILE C 48 -1.48 3.63 -3.74
C ILE C 48 -1.81 2.37 -2.91
N TRP C 49 -0.89 1.45 -2.77
CA TRP C 49 -1.19 0.36 -1.85
C TRP C 49 -1.35 0.98 -0.41
N PHE C 50 -0.20 1.58 0.03
CA PHE C 50 -0.06 2.06 1.43
C PHE C 50 -1.20 2.97 1.82
N LYS C 51 -1.50 3.95 0.95
CA LYS C 51 -2.46 5.06 1.08
C LYS C 51 -3.90 4.41 1.12
N ASN C 52 -4.30 3.59 0.12
CA ASN C 52 -5.59 2.92 0.14
C ASN C 52 -5.82 2.14 1.43
N ARG C 53 -4.73 1.53 1.92
CA ARG C 53 -4.79 0.69 3.06
C ARG C 53 -4.84 1.45 4.37
N ARG C 54 -4.20 2.65 4.51
CA ARG C 54 -4.50 3.64 5.66
C ARG C 54 -5.94 4.13 5.68
N ARG C 55 -6.47 4.52 4.48
CA ARG C 55 -7.93 4.75 4.42
C ARG C 55 -8.83 3.56 4.84
N ARG C 56 -8.74 2.39 4.23
CA ARG C 56 -9.58 1.15 4.54
C ARG C 56 -9.52 0.85 6.08
N HIS C 57 -8.40 0.93 6.71
CA HIS C 57 -8.05 0.61 8.07
C HIS C 57 -8.66 1.60 8.99
N LYS C 58 -8.52 2.92 8.72
CA LYS C 58 -9.12 4.01 9.54
C LYS C 58 -10.63 4.04 9.33
N ILE C 59 -11.13 3.78 8.11
CA ILE C 59 -12.56 3.70 7.81
C ILE C 59 -13.26 2.67 8.73
N GLN C 60 -12.67 1.51 8.77
CA GLN C 60 -13.04 0.34 9.58
C GLN C 60 -13.00 0.68 11.01
N SER C 61 -12.05 1.45 11.53
CA SER C 61 -12.05 1.86 12.92
C SER C 61 -12.93 3.02 13.30
N ASP C 62 -13.66 3.61 12.34
CA ASP C 62 -14.32 4.96 12.44
C ASP C 62 -15.77 4.91 11.91
N GLN C 63 -16.11 4.25 10.81
CA GLN C 63 -17.44 4.12 10.25
C GLN C 63 -18.41 3.41 11.21
N HIS C 64 -17.91 2.36 11.90
CA HIS C 64 -18.67 1.58 12.83
C HIS C 64 -17.94 1.15 14.11
N LYS C 65 -18.71 0.87 15.13
CA LYS C 65 -18.28 0.26 16.42
C LYS C 65 -16.84 0.72 16.88
N ASP C 66 -16.60 2.04 16.88
CA ASP C 66 -15.30 2.68 17.18
C ASP C 66 -14.93 2.54 18.69
N GLN C 67 -13.64 2.40 18.99
CA GLN C 67 -13.12 2.21 20.35
C GLN C 67 -11.78 2.91 20.62
N SER C 68 -11.10 3.47 19.63
CA SER C 68 -9.73 3.86 19.66
C SER C 68 -9.45 5.34 19.16
#